data_4JHI
# 
_entry.id   4JHI 
# 
_audit_conform.dict_name       mmcif_pdbx.dic 
_audit_conform.dict_version    5.379 
_audit_conform.dict_location   http://mmcif.pdb.org/dictionaries/ascii/mmcif_pdbx.dic 
# 
loop_
_database_2.database_id 
_database_2.database_code 
_database_2.pdbx_database_accession 
_database_2.pdbx_DOI 
PDB   4JHI         pdb_00004jhi 10.2210/pdb4jhi/pdb 
RCSB  RCSB078052   ?            ?                   
WWPDB D_1000078052 ?            ?                   
# 
loop_
_pdbx_database_related.db_name 
_pdbx_database_related.db_id 
_pdbx_database_related.details 
_pdbx_database_related.content_type 
PDB 4JHH 'Crystal Structure of Medicago truncatula Nodulin 13 (MtN13) in complex with kinetin'                               
unspecified 
PDB 4gy9 'Crystal Structure of Medicago truncatula Nodulin 13 (MtN13) in complex with N6-isopentenyladenine (2iP)'           
unspecified 
PDB 1icx 'CRYSTAL STRUCTURE OF PATHOGENESIS-RELATED PROTEIN LLPR10.1A FROM YELLOW LUPINE'                                    
unspecified 
PDB 2qim 'CRYSTAL STRUCTURE OF PATHOGENESIS-RELATED PROTEIN LLPR-10.2B FROM YELLOW LUPINE IN COMPLEX WITH CYTOKININ'         
unspecified 
PDB 3us7 'CRYSTAL STRUCTURE OF PHYTOHORMONE BINDING PROTEIN FROM MEDICAGO TRUNCATULA IN COMPLEX WITH GIBBERELLIC ACID (GA3)' 
unspecified 
PDB 4JHG 'Crystal Structure of Medicago truncatula Nodulin 13 (MtN13) in complex with trans-zeatin'                          
unspecified 
# 
_pdbx_database_status.entry_id                        4JHI 
_pdbx_database_status.deposit_site                    RCSB 
_pdbx_database_status.process_site                    RCSB 
_pdbx_database_status.recvd_initial_deposition_date   2013-03-05 
_pdbx_database_status.status_code                     REL 
_pdbx_database_status.status_code_sf                  REL 
_pdbx_database_status.status_code_mr                  ? 
_pdbx_database_status.SG_entry                        ? 
_pdbx_database_status.status_code_cs                  ? 
_pdbx_database_status.methods_development_category    ? 
_pdbx_database_status.pdb_format_compatible           Y 
_pdbx_database_status.status_code_nmr_data            ? 
# 
loop_
_audit_author.name 
_audit_author.pdbx_ordinal 
'Ruszkowski, M.' 1 
'Sikorski, M.'   2 
'Jaskolski, M.'  3 
# 
loop_
_citation.id 
_citation.title 
_citation.journal_abbrev 
_citation.journal_volume 
_citation.page_first 
_citation.page_last 
_citation.year 
_citation.journal_id_ASTM 
_citation.country 
_citation.journal_id_ISSN 
_citation.journal_id_CSD 
_citation.book_publisher 
_citation.pdbx_database_id_PubMed 
_citation.pdbx_database_id_DOI 
primary 'The landscape of cytokinin binding by a plant nodulin.' 'Acta Crystallogr.,Sect.D'    69  2365 2380 2013 ABCRE6 DK 
0907-4449 0766 ? 24311578 10.1107/S0907444913021975        
1       'Structural and functional aspects of PR-10 proteins.' 'Febs J.'                     280 1169 1199 2013 ?      UK 
1742-464X ?    ? 23289796 10.1111/febs.12114               
2       'Lupinus luteus pathogenesis-related protein as a reservoir for cytokinin.' J.Mol.Biol.                   378 1040 1051 
2008 JMOBAK UK 0022-2836 0070 ? 18406424 10.1016/j.jmb.2008.03.027        
3       'Cytokinin-induced structural adaptability of a Lupinus luteus PR-10 protein.' 'Febs J.'                     276 1596 1609 
2009 ?      UK 1742-464X ?    ? 19220853 10.1111/j.1742-4658.2009.06892.x 
4       'Crystal structure of Vigna radiata cytokinin-specific binding protein in complex with zeatin.' 'Plant Cell' 18  2622 2634 
2006 PLCEEW US 1040-4651 2109 ? 16998071 10.1105/tpc.105.037119           
5       
;Symbiosis-specific expression of two Medicago truncatula nodulin genes, MtN1 and MtN13, encoding products homologous to plant defense proteins.
;
'Mol.Plant Microbe Interact.' 11  393  403  1998 ?      US 0894-0282 ?    ? 9574507  10.1094/MPMI.1998.11.5.393       
# 
loop_
_citation_author.citation_id 
_citation_author.name 
_citation_author.ordinal 
_citation_author.identifier_ORCID 
primary 'Ruszkowski, M.'  1  ? 
primary 'Szpotkowski, K.' 2  ? 
primary 'Sikorski, M.'    3  ? 
primary 'Jaskolski, M.'   4  ? 
1       'Fernandes, H.'   5  ? 
1       'Michalska, K.'   6  ? 
1       'Sikorski, M.'    7  ? 
1       'Jaskolski, M.'   8  ? 
2       'Fernandes, H.'   9  ? 
2       'Pasternak, O.'   10 ? 
2       'Bujacz, G.'      11 ? 
2       'Bujacz, A.'      12 ? 
2       'Sikorski, M.M.'  13 ? 
2       'Jaskolski, M.'   14 ? 
3       'Fernandes, H.'   15 ? 
3       'Bujacz, A.'      16 ? 
3       'Bujacz, G.'      17 ? 
3       'Jelen, F.'       18 ? 
3       'Jasinski, M.'    19 ? 
3       'Kachlicki, P.'   20 ? 
3       'Otlewski, J.'    21 ? 
3       'Sikorski, M.M.'  22 ? 
3       'Jaskolski, M.'   23 ? 
4       'Pasternak, O.'   24 ? 
4       'Bujacz, G.D.'    25 ? 
4       'Fujimoto, Y.'    26 ? 
4       'Hashimoto, Y.'   27 ? 
4       'Jelen, F.'       28 ? 
4       'Otlewski, J.'    29 ? 
4       'Sikorski, M.M.'  30 ? 
4       'Jaskolski, M.'   31 ? 
5       'Gamas, P.'       32 ? 
5       'de Billy, F.'    33 ? 
5       'Truchet, G.'     34 ? 
# 
_cell.length_a           96.086 
_cell.length_b           96.086 
_cell.length_c           113.584 
_cell.angle_alpha        90.000 
_cell.angle_beta         90.000 
_cell.angle_gamma        120.000 
_cell.entry_id           4JHI 
_cell.pdbx_unique_axis   ? 
_cell.Z_PDB              12 
_cell.length_a_esd       ? 
_cell.length_b_esd       ? 
_cell.length_c_esd       ? 
_cell.angle_alpha_esd    ? 
_cell.angle_beta_esd     ? 
_cell.angle_gamma_esd    ? 
# 
_symmetry.space_group_name_H-M             'P 62 2 2' 
_symmetry.entry_id                         4JHI 
_symmetry.Int_Tables_number                180 
_symmetry.pdbx_full_space_group_name_H-M   ? 
_symmetry.cell_setting                     ? 
_symmetry.space_group_name_Hall            ? 
# 
loop_
_entity.id 
_entity.type 
_entity.src_method 
_entity.pdbx_description 
_entity.formula_weight 
_entity.pdbx_number_of_molecules 
_entity.pdbx_ec 
_entity.pdbx_mutation 
_entity.pdbx_fragment 
_entity.details 
1 polymer     man 'MtN13 protein'           18659.861 1  ? ? ? ? 
2 non-polymer syn 'SODIUM ION'              22.990    1  ? ? ? ? 
3 non-polymer syn N-BENZYL-9H-PURIN-6-AMINE 225.249   1  ? ? ? ? 
4 water       nat water                     18.015    25 ? ? ? ? 
# 
_entity_poly.entity_id                      1 
_entity_poly.type                           'polypeptide(L)' 
_entity_poly.nstd_linkage                   no 
_entity_poly.nstd_monomer                   no 
_entity_poly.pdbx_seq_one_letter_code       
;DPFTMGVITSESEYVSSLSAEKLYRGIVEDGNIIYPKALPRFIEKAETLEGDGGPGTIKKLTFVGDFGSTKQHIDMVDRE
NCAYTYSVYEGIALSDQPLEKIVFEFKLVPTPEEGCIVKSTTKYYTKGDDIELSKDYLEAGIERFEGFTKAVESFLLANP
DYNKDSN
;
_entity_poly.pdbx_seq_one_letter_code_can   
;DPFTMGVITSESEYVSSLSAEKLYRGIVEDGNIIYPKALPRFIEKAETLEGDGGPGTIKKLTFVGDFGSTKQHIDMVDRE
NCAYTYSVYEGIALSDQPLEKIVFEFKLVPTPEEGCIVKSTTKYYTKGDDIELSKDYLEAGIERFEGFTKAVESFLLANP
DYNKDSN
;
_entity_poly.pdbx_strand_id                 A 
_entity_poly.pdbx_target_identifier         ? 
# 
loop_
_entity_poly_seq.entity_id 
_entity_poly_seq.num 
_entity_poly_seq.mon_id 
_entity_poly_seq.hetero 
1 1   ASP n 
1 2   PRO n 
1 3   PHE n 
1 4   THR n 
1 5   MET n 
1 6   GLY n 
1 7   VAL n 
1 8   ILE n 
1 9   THR n 
1 10  SER n 
1 11  GLU n 
1 12  SER n 
1 13  GLU n 
1 14  TYR n 
1 15  VAL n 
1 16  SER n 
1 17  SER n 
1 18  LEU n 
1 19  SER n 
1 20  ALA n 
1 21  GLU n 
1 22  LYS n 
1 23  LEU n 
1 24  TYR n 
1 25  ARG n 
1 26  GLY n 
1 27  ILE n 
1 28  VAL n 
1 29  GLU n 
1 30  ASP n 
1 31  GLY n 
1 32  ASN n 
1 33  ILE n 
1 34  ILE n 
1 35  TYR n 
1 36  PRO n 
1 37  LYS n 
1 38  ALA n 
1 39  LEU n 
1 40  PRO n 
1 41  ARG n 
1 42  PHE n 
1 43  ILE n 
1 44  GLU n 
1 45  LYS n 
1 46  ALA n 
1 47  GLU n 
1 48  THR n 
1 49  LEU n 
1 50  GLU n 
1 51  GLY n 
1 52  ASP n 
1 53  GLY n 
1 54  GLY n 
1 55  PRO n 
1 56  GLY n 
1 57  THR n 
1 58  ILE n 
1 59  LYS n 
1 60  LYS n 
1 61  LEU n 
1 62  THR n 
1 63  PHE n 
1 64  VAL n 
1 65  GLY n 
1 66  ASP n 
1 67  PHE n 
1 68  GLY n 
1 69  SER n 
1 70  THR n 
1 71  LYS n 
1 72  GLN n 
1 73  HIS n 
1 74  ILE n 
1 75  ASP n 
1 76  MET n 
1 77  VAL n 
1 78  ASP n 
1 79  ARG n 
1 80  GLU n 
1 81  ASN n 
1 82  CYS n 
1 83  ALA n 
1 84  TYR n 
1 85  THR n 
1 86  TYR n 
1 87  SER n 
1 88  VAL n 
1 89  TYR n 
1 90  GLU n 
1 91  GLY n 
1 92  ILE n 
1 93  ALA n 
1 94  LEU n 
1 95  SER n 
1 96  ASP n 
1 97  GLN n 
1 98  PRO n 
1 99  LEU n 
1 100 GLU n 
1 101 LYS n 
1 102 ILE n 
1 103 VAL n 
1 104 PHE n 
1 105 GLU n 
1 106 PHE n 
1 107 LYS n 
1 108 LEU n 
1 109 VAL n 
1 110 PRO n 
1 111 THR n 
1 112 PRO n 
1 113 GLU n 
1 114 GLU n 
1 115 GLY n 
1 116 CYS n 
1 117 ILE n 
1 118 VAL n 
1 119 LYS n 
1 120 SER n 
1 121 THR n 
1 122 THR n 
1 123 LYS n 
1 124 TYR n 
1 125 TYR n 
1 126 THR n 
1 127 LYS n 
1 128 GLY n 
1 129 ASP n 
1 130 ASP n 
1 131 ILE n 
1 132 GLU n 
1 133 LEU n 
1 134 SER n 
1 135 LYS n 
1 136 ASP n 
1 137 TYR n 
1 138 LEU n 
1 139 GLU n 
1 140 ALA n 
1 141 GLY n 
1 142 ILE n 
1 143 GLU n 
1 144 ARG n 
1 145 PHE n 
1 146 GLU n 
1 147 GLY n 
1 148 PHE n 
1 149 THR n 
1 150 LYS n 
1 151 ALA n 
1 152 VAL n 
1 153 GLU n 
1 154 SER n 
1 155 PHE n 
1 156 LEU n 
1 157 LEU n 
1 158 ALA n 
1 159 ASN n 
1 160 PRO n 
1 161 ASP n 
1 162 TYR n 
1 163 ASN n 
1 164 LYS n 
1 165 ASP n 
1 166 SER n 
1 167 ASN n 
# 
_entity_src_gen.entity_id                          1 
_entity_src_gen.pdbx_src_id                        1 
_entity_src_gen.pdbx_alt_source_flag               sample 
_entity_src_gen.pdbx_seq_type                      ? 
_entity_src_gen.pdbx_beg_seq_num                   ? 
_entity_src_gen.pdbx_end_seq_num                   ? 
_entity_src_gen.gene_src_common_name               'Barrel medic' 
_entity_src_gen.gene_src_genus                     ? 
_entity_src_gen.pdbx_gene_src_gene                 MtN13 
_entity_src_gen.gene_src_species                   ? 
_entity_src_gen.gene_src_strain                    ? 
_entity_src_gen.gene_src_tissue                    ? 
_entity_src_gen.gene_src_tissue_fraction           ? 
_entity_src_gen.gene_src_details                   ? 
_entity_src_gen.pdbx_gene_src_fragment             ? 
_entity_src_gen.pdbx_gene_src_scientific_name      'Medicago truncatula' 
_entity_src_gen.pdbx_gene_src_ncbi_taxonomy_id     3880 
_entity_src_gen.pdbx_gene_src_variant              ? 
_entity_src_gen.pdbx_gene_src_cell_line            ? 
_entity_src_gen.pdbx_gene_src_atcc                 ? 
_entity_src_gen.pdbx_gene_src_organ                ? 
_entity_src_gen.pdbx_gene_src_organelle            ? 
_entity_src_gen.pdbx_gene_src_cell                 ? 
_entity_src_gen.pdbx_gene_src_cellular_location    ? 
_entity_src_gen.host_org_common_name               ? 
_entity_src_gen.pdbx_host_org_scientific_name      'Escherichia coli' 
_entity_src_gen.pdbx_host_org_ncbi_taxonomy_id     511693 
_entity_src_gen.host_org_genus                     ? 
_entity_src_gen.pdbx_host_org_gene                 ? 
_entity_src_gen.pdbx_host_org_organ                ? 
_entity_src_gen.host_org_species                   ? 
_entity_src_gen.pdbx_host_org_tissue               ? 
_entity_src_gen.pdbx_host_org_tissue_fraction      ? 
_entity_src_gen.pdbx_host_org_strain               'BL21 Magic' 
_entity_src_gen.pdbx_host_org_variant              ? 
_entity_src_gen.pdbx_host_org_cell_line            ? 
_entity_src_gen.pdbx_host_org_atcc                 ? 
_entity_src_gen.pdbx_host_org_culture_collection   ? 
_entity_src_gen.pdbx_host_org_cell                 ? 
_entity_src_gen.pdbx_host_org_organelle            ? 
_entity_src_gen.pdbx_host_org_cellular_location    ? 
_entity_src_gen.pdbx_host_org_vector_type          plasmid 
_entity_src_gen.pdbx_host_org_vector               ? 
_entity_src_gen.host_org_details                   ? 
_entity_src_gen.expression_system_id               ? 
_entity_src_gen.plasmid_name                       'PET TOPO 151D' 
_entity_src_gen.plasmid_details                    ? 
_entity_src_gen.pdbx_description                   ? 
# 
_struct_ref.id                         1 
_struct_ref.db_name                    UNP 
_struct_ref.db_code                    P93330_MEDTR 
_struct_ref.pdbx_db_accession          P93330 
_struct_ref.entity_id                  1 
_struct_ref.pdbx_seq_one_letter_code   
;MGVITSESEYVSSLSAEKLYRGIVEDGNIIYPKALPRFIEKAETLEGDGGPGTIKKLTFVGDFGSTKQHIDMVDRENCAY
TYSVYEGIALSDQPLEKIVFEFKLVPTPEEGCIVKSTTKYYTKGDDIELSKDYLEAGIERFEGFTKAVESFLLANPDYNK
DSN
;
_struct_ref.pdbx_align_begin           1 
_struct_ref.pdbx_db_isoform            ? 
# 
_struct_ref_seq.align_id                      1 
_struct_ref_seq.ref_id                        1 
_struct_ref_seq.pdbx_PDB_id_code              4JHI 
_struct_ref_seq.pdbx_strand_id                A 
_struct_ref_seq.seq_align_beg                 5 
_struct_ref_seq.pdbx_seq_align_beg_ins_code   ? 
_struct_ref_seq.seq_align_end                 167 
_struct_ref_seq.pdbx_seq_align_end_ins_code   ? 
_struct_ref_seq.pdbx_db_accession             P93330 
_struct_ref_seq.db_align_beg                  1 
_struct_ref_seq.pdbx_db_align_beg_ins_code    ? 
_struct_ref_seq.db_align_end                  163 
_struct_ref_seq.pdbx_db_align_end_ins_code    ? 
_struct_ref_seq.pdbx_auth_seq_align_beg       1 
_struct_ref_seq.pdbx_auth_seq_align_end       163 
# 
loop_
_struct_ref_seq_dif.align_id 
_struct_ref_seq_dif.pdbx_pdb_id_code 
_struct_ref_seq_dif.mon_id 
_struct_ref_seq_dif.pdbx_pdb_strand_id 
_struct_ref_seq_dif.seq_num 
_struct_ref_seq_dif.pdbx_pdb_ins_code 
_struct_ref_seq_dif.pdbx_seq_db_name 
_struct_ref_seq_dif.pdbx_seq_db_accession_code 
_struct_ref_seq_dif.db_mon_id 
_struct_ref_seq_dif.pdbx_seq_db_seq_num 
_struct_ref_seq_dif.details 
_struct_ref_seq_dif.pdbx_auth_seq_num 
_struct_ref_seq_dif.pdbx_ordinal 
1 4JHI ASP A 1 ? UNP P93330 ? ? 'expression tag' -3 1 
1 4JHI PRO A 2 ? UNP P93330 ? ? 'expression tag' -2 2 
1 4JHI PHE A 3 ? UNP P93330 ? ? 'expression tag' -1 3 
1 4JHI THR A 4 ? UNP P93330 ? ? 'expression tag' 0  4 
# 
loop_
_chem_comp.id 
_chem_comp.type 
_chem_comp.mon_nstd_flag 
_chem_comp.name 
_chem_comp.pdbx_synonyms 
_chem_comp.formula 
_chem_comp.formula_weight 
ALA 'L-peptide linking' y ALANINE                   ?                 'C3 H7 N O2'     89.093  
ARG 'L-peptide linking' y ARGININE                  ?                 'C6 H15 N4 O2 1' 175.209 
ASN 'L-peptide linking' y ASPARAGINE                ?                 'C4 H8 N2 O3'    132.118 
ASP 'L-peptide linking' y 'ASPARTIC ACID'           ?                 'C4 H7 N O4'     133.103 
CYS 'L-peptide linking' y CYSTEINE                  ?                 'C3 H7 N O2 S'   121.158 
EMU non-polymer         . N-BENZYL-9H-PURIN-6-AMINE BENZYLAMINOPURINE 'C12 H11 N5'     225.249 
GLN 'L-peptide linking' y GLUTAMINE                 ?                 'C5 H10 N2 O3'   146.144 
GLU 'L-peptide linking' y 'GLUTAMIC ACID'           ?                 'C5 H9 N O4'     147.129 
GLY 'peptide linking'   y GLYCINE                   ?                 'C2 H5 N O2'     75.067  
HIS 'L-peptide linking' y HISTIDINE                 ?                 'C6 H10 N3 O2 1' 156.162 
HOH non-polymer         . WATER                     ?                 'H2 O'           18.015  
ILE 'L-peptide linking' y ISOLEUCINE                ?                 'C6 H13 N O2'    131.173 
LEU 'L-peptide linking' y LEUCINE                   ?                 'C6 H13 N O2'    131.173 
LYS 'L-peptide linking' y LYSINE                    ?                 'C6 H15 N2 O2 1' 147.195 
MET 'L-peptide linking' y METHIONINE                ?                 'C5 H11 N O2 S'  149.211 
NA  non-polymer         . 'SODIUM ION'              ?                 'Na 1'           22.990  
PHE 'L-peptide linking' y PHENYLALANINE             ?                 'C9 H11 N O2'    165.189 
PRO 'L-peptide linking' y PROLINE                   ?                 'C5 H9 N O2'     115.130 
SER 'L-peptide linking' y SERINE                    ?                 'C3 H7 N O3'     105.093 
THR 'L-peptide linking' y THREONINE                 ?                 'C4 H9 N O3'     119.119 
TYR 'L-peptide linking' y TYROSINE                  ?                 'C9 H11 N O3'    181.189 
VAL 'L-peptide linking' y VALINE                    ?                 'C5 H11 N O2'    117.146 
# 
_exptl.crystals_number   1 
_exptl.entry_id          4JHI 
_exptl.method            'X-RAY DIFFRACTION' 
# 
_exptl_crystal.id                    1 
_exptl_crystal.density_Matthews      4.06 
_exptl_crystal.density_meas          ? 
_exptl_crystal.density_percent_sol   69.67 
_exptl_crystal.description           ? 
_exptl_crystal.F_000                 ? 
_exptl_crystal.preparation           ? 
# 
_exptl_crystal_grow.crystal_id      1 
_exptl_crystal_grow.method          'VAPOR DIFFUSION, HANGING DROP' 
_exptl_crystal_grow.pH              8.0 
_exptl_crystal_grow.temp            292 
_exptl_crystal_grow.temp_details    ? 
_exptl_crystal_grow.pdbx_details    
;1.7 M SODIUM MALONATE, 200 mM NaCl, 50 mM Tris-HCl, protein was incubated overnight with N6-benzylopurine prior to crystallization, pH 8.0, VAPOR DIFFUSION, HANGING DROP, temperature 292K
;
_exptl_crystal_grow.pdbx_pH_range   ? 
# 
_diffrn.id                     1 
_diffrn.ambient_temp           100 
_diffrn.ambient_temp_details   ? 
_diffrn.crystal_id             1 
# 
_diffrn_detector.diffrn_id              1 
_diffrn_detector.detector               CCD 
_diffrn_detector.type                   'MAR CCD 165 mm' 
_diffrn_detector.pdbx_collection_date   2012-12-13 
_diffrn_detector.details                'Sagitally focusing multilayer mirror' 
# 
_diffrn_radiation.diffrn_id                        1 
_diffrn_radiation.wavelength_id                    1 
_diffrn_radiation.pdbx_diffrn_protocol             'SINGLE WAVELENGTH' 
_diffrn_radiation.monochromator                    'Bent Si (111) crystal, horizontally focusing' 
_diffrn_radiation.pdbx_monochromatic_or_laue_m_l   M 
_diffrn_radiation.pdbx_scattering_type             x-ray 
# 
_diffrn_radiation_wavelength.id           1 
_diffrn_radiation_wavelength.wavelength   1.04172 
_diffrn_radiation_wavelength.wt           1.0 
# 
_diffrn_source.diffrn_id                   1 
_diffrn_source.source                      SYNCHROTRON 
_diffrn_source.type                        'MAX II BEAMLINE I911-2' 
_diffrn_source.pdbx_wavelength             ? 
_diffrn_source.pdbx_wavelength_list        1.04172 
_diffrn_source.pdbx_synchrotron_site       'MAX II' 
_diffrn_source.pdbx_synchrotron_beamline   I911-2 
# 
_reflns.entry_id                     4JHI 
_reflns.d_resolution_high            2.60 
_reflns.number_obs                   10018 
_reflns.pdbx_Rmerge_I_obs            0.128 
_reflns.pdbx_netI_over_sigmaI        17.000 
_reflns.percent_possible_obs         99.8 
_reflns.B_iso_Wilson_estimate        39.8 
_reflns.observed_criterion_sigma_I   -3.000 
_reflns.observed_criterion_sigma_F   ? 
_reflns.d_resolution_low             46.90 
_reflns.number_all                   10040 
_reflns.pdbx_Rsym_value              ? 
_reflns.pdbx_redundancy              10.5 
_reflns.R_free_details               ? 
_reflns.limit_h_max                  ? 
_reflns.limit_h_min                  ? 
_reflns.limit_k_max                  ? 
_reflns.limit_k_min                  ? 
_reflns.limit_l_max                  ? 
_reflns.limit_l_min                  ? 
_reflns.observed_criterion_F_max     ? 
_reflns.observed_criterion_F_min     ? 
_reflns.pdbx_chi_squared             ? 
_reflns.pdbx_scaling_rejects         ? 
_reflns.pdbx_ordinal                 1 
_reflns.pdbx_diffrn_id               1 
# 
loop_
_reflns_shell.d_res_high 
_reflns_shell.d_res_low 
_reflns_shell.number_measured_obs 
_reflns_shell.number_measured_all 
_reflns_shell.number_unique_obs 
_reflns_shell.Rmerge_I_obs 
_reflns_shell.meanI_over_sigI_obs 
_reflns_shell.pdbx_Rsym_value 
_reflns_shell.pdbx_chi_squared 
_reflns_shell.pdbx_redundancy 
_reflns_shell.percent_possible_obs 
_reflns_shell.number_unique_all 
_reflns_shell.percent_possible_all 
_reflns_shell.pdbx_ordinal 
_reflns_shell.pdbx_diffrn_id 
2.60 2.76  16785 ? 1568 0.684 4.33  ? ? ? ? ? 99.6 1 1 
2.76 2.95  15779 ? 1461 0.434 6.64  ? ? ? ? ? 99.9 2 1 
2.95 3.18  14995 ? 1396 0.266 9.90  ? ? ? ? ? 100  3 1 
3.18 3.48  13770 ? 1292 0.158 15.99 ? ? ? ? ? 100  4 1 
3.48 3.89  12309 ? 1162 0.106 21.88 ? ? ? ? ? 100  5 1 
3.89 4.49  11074 ? 1061 0.076 28.03 ? ? ? ? ? 100  6 1 
4.49 5.49  9188  ? 901  0.065 31.12 ? ? ? ? ? 99.9 7 1 
5.49 7.71  7206  ? 726  0.082 26.11 ? ? ? ? ? 99.7 8 1 
7.71 46.90 3908  ? 451  0.047 38.05 ? ? ? ? ? 97.8 9 1 
# 
_refine.entry_id                                 4JHI 
_refine.ls_d_res_high                            2.60 
_refine.ls_d_res_low                             46.90 
_refine.pdbx_ls_sigma_F                          ? 
_refine.pdbx_data_cutoff_high_absF               ? 
_refine.pdbx_data_cutoff_low_absF                ? 
_refine.ls_percent_reflns_obs                    99.8 
_refine.ls_number_reflns_obs                     10017 
_refine.ls_number_reflns_all                     10040 
_refine.pdbx_ls_cross_valid_method               R-free 
_refine.pdbx_R_Free_selection_details            Random 
_refine.details                                  ? 
_refine.ls_R_factor_all                          0.1747 
_refine.ls_R_factor_obs                          0.1747 
_refine.ls_R_factor_R_work                       0.1704 
_refine.ls_wR_factor_R_work                      ? 
_refine.ls_R_factor_R_free                       0.2254 
_refine.ls_wR_factor_R_free                      ? 
_refine.ls_percent_reflns_R_free                 8.0100 
_refine.ls_number_reflns_R_free                  802 
_refine.ls_R_factor_R_free_error                 ? 
_refine.B_iso_mean                               39.4 
_refine.solvent_model_param_bsol                 ? 
_refine.solvent_model_param_ksol                 ? 
_refine.pdbx_isotropic_thermal_model             ? 
_refine.aniso_B[1][1]                            ? 
_refine.aniso_B[2][2]                            ? 
_refine.aniso_B[3][3]                            ? 
_refine.aniso_B[1][2]                            ? 
_refine.aniso_B[1][3]                            ? 
_refine.aniso_B[2][3]                            ? 
_refine.correlation_coeff_Fo_to_Fc               ? 
_refine.correlation_coeff_Fo_to_Fc_free          ? 
_refine.overall_SU_R_Cruickshank_DPI             ? 
_refine.overall_SU_R_free                        ? 
_refine.pdbx_overall_ESU_R                       ? 
_refine.pdbx_overall_ESU_R_Free                  ? 
_refine.overall_SU_ML                            0.2500 
_refine.overall_SU_B                             ? 
_refine.solvent_model_details                    'FLAT BULK SOLVENT MODEL' 
_refine.pdbx_solvent_vdw_probe_radii             1.1100 
_refine.pdbx_solvent_ion_probe_radii             ? 
_refine.pdbx_solvent_shrinkage_radii             0.9000 
_refine.ls_number_parameters                     ? 
_refine.ls_number_restraints                     ? 
_refine.pdbx_starting_model                      'PDB entry 3rws' 
_refine.pdbx_method_to_determine_struct          'MOLECULAR REPLACEMENT' 
_refine.pdbx_stereochemistry_target_values       'Engh & Huber' 
_refine.pdbx_stereochem_target_val_spec_case     ? 
_refine.overall_FOM_work_R_set                   ? 
_refine.B_iso_max                                115.130 
_refine.B_iso_min                                8.660 
_refine.pdbx_overall_phase_error                 21.1400 
_refine.occupancy_max                            1.000 
_refine.occupancy_min                            0.000 
_refine.pdbx_ls_sigma_I                          ? 
_refine.ls_redundancy_reflns_obs                 ? 
_refine.ls_R_factor_R_free_error_details         ? 
_refine.pdbx_data_cutoff_high_rms_absF           ? 
_refine.overall_FOM_free_R_set                   ? 
_refine.pdbx_diffrn_id                           1 
_refine.pdbx_refine_id                           'X-RAY DIFFRACTION' 
_refine.pdbx_TLS_residual_ADP_flag               ? 
_refine.pdbx_overall_SU_R_free_Cruickshank_DPI   ? 
_refine.pdbx_overall_SU_R_Blow_DPI               ? 
_refine.pdbx_overall_SU_R_free_Blow_DPI          ? 
# 
_refine_hist.pdbx_refine_id                   'X-RAY DIFFRACTION' 
_refine_hist.cycle_id                         LAST 
_refine_hist.pdbx_number_atoms_protein        1274 
_refine_hist.pdbx_number_atoms_nucleic_acid   0 
_refine_hist.pdbx_number_atoms_ligand         18 
_refine_hist.number_atoms_solvent             25 
_refine_hist.number_atoms_total               1317 
_refine_hist.d_res_high                       2.60 
_refine_hist.d_res_low                        46.90 
# 
loop_
_refine_ls_restr.type 
_refine_ls_restr.number 
_refine_ls_restr.dev_ideal 
_refine_ls_restr.dev_ideal_target 
_refine_ls_restr.weight 
_refine_ls_restr.pdbx_restraint_function 
_refine_ls_restr.pdbx_refine_id 
f_bond_d           1323 0.015  ? ? ? 'X-RAY DIFFRACTION' 
f_angle_d          1787 1.614  ? ? ? 'X-RAY DIFFRACTION' 
f_chiral_restr     194  0.095  ? ? ? 'X-RAY DIFFRACTION' 
f_plane_restr      229  0.007  ? ? ? 'X-RAY DIFFRACTION' 
f_dihedral_angle_d 487  17.302 ? ? ? 'X-RAY DIFFRACTION' 
# 
loop_
_refine_ls_shell.d_res_high 
_refine_ls_shell.d_res_low 
_refine_ls_shell.pdbx_total_number_of_bins_used 
_refine_ls_shell.percent_reflns_obs 
_refine_ls_shell.number_reflns_R_work 
_refine_ls_shell.R_factor_all 
_refine_ls_shell.R_factor_R_work 
_refine_ls_shell.R_factor_R_free 
_refine_ls_shell.percent_reflns_R_free 
_refine_ls_shell.number_reflns_R_free 
_refine_ls_shell.R_factor_R_free_error 
_refine_ls_shell.number_reflns_all 
_refine_ls_shell.number_reflns_obs 
_refine_ls_shell.redundancy_reflns_obs 
_refine_ls_shell.pdbx_refine_id 
2.60 2.76  6 100  1487 . 0.2425 0.3404 . 130 . 1617 . . 'X-RAY DIFFRACTION' 
2.76 2.98  6 100  1492 . 0.2237 0.2890 . 129 . 1621 . . 'X-RAY DIFFRACTION' 
2.98 3.28  6 100  1504 . 0.1952 0.2470 . 131 . 1635 . . 'X-RAY DIFFRACTION' 
3.28 3.75  6 100  1523 . 0.1580 0.2281 . 132 . 1655 . . 'X-RAY DIFFRACTION' 
3.75 4.72  6 100  1551 . 0.1318 0.1894 . 135 . 1686 . . 'X-RAY DIFFRACTION' 
4.72 46.90 6 99.0 1658 . 0.1632 0.1900 . 145 . 1803 . . 'X-RAY DIFFRACTION' 
# 
_struct.entry_id                  4JHI 
_struct.title                     'Crystal Structure of Medicago truncatula Nodulin 13 (MtN13) in complex with N6-benzyladenine' 
_struct.pdbx_model_details        ? 
_struct.pdbx_CASP_flag            ? 
_struct.pdbx_model_type_details   ? 
# 
_struct_keywords.entry_id        4JHI 
_struct_keywords.pdbx_keywords   'PLANT PROTEIN' 
_struct_keywords.text            
'PR-10 FOLD, nodulin, nodulation, legume-bacteria symbiosis, nitrogen fixation, CYTOKININ BINDING, PLANT PROTEIN' 
# 
loop_
_struct_asym.id 
_struct_asym.pdbx_blank_PDB_chainid_flag 
_struct_asym.pdbx_modified 
_struct_asym.entity_id 
_struct_asym.details 
A N N 1 ? 
B N N 2 ? 
C N N 3 ? 
D N N 4 ? 
# 
_struct_biol.id        1 
_struct_biol.details   ? 
# 
loop_
_struct_conf.conf_type_id 
_struct_conf.id 
_struct_conf.pdbx_PDB_helix_id 
_struct_conf.beg_label_comp_id 
_struct_conf.beg_label_asym_id 
_struct_conf.beg_label_seq_id 
_struct_conf.pdbx_beg_PDB_ins_code 
_struct_conf.end_label_comp_id 
_struct_conf.end_label_asym_id 
_struct_conf.end_label_seq_id 
_struct_conf.pdbx_end_PDB_ins_code 
_struct_conf.beg_auth_comp_id 
_struct_conf.beg_auth_asym_id 
_struct_conf.beg_auth_seq_id 
_struct_conf.end_auth_comp_id 
_struct_conf.end_auth_asym_id 
_struct_conf.end_auth_seq_id 
_struct_conf.pdbx_PDB_helix_class 
_struct_conf.details 
_struct_conf.pdbx_PDB_helix_length 
HELX_P HELX_P1 1 SER A 19  ? GLU A 29  ? SER A 15  GLU A 25  1 ? 11 
HELX_P HELX_P2 2 ASP A 30  ? LEU A 39  ? ASP A 26  LEU A 35  1 ? 10 
HELX_P HELX_P3 3 SER A 134 ? ASN A 159 ? SER A 130 ASN A 155 1 ? 26 
# 
_struct_conf_type.id          HELX_P 
_struct_conf_type.criteria    ? 
_struct_conf_type.reference   ? 
# 
loop_
_struct_conn.id 
_struct_conn.conn_type_id 
_struct_conn.pdbx_leaving_atom_flag 
_struct_conn.pdbx_PDB_id 
_struct_conn.ptnr1_label_asym_id 
_struct_conn.ptnr1_label_comp_id 
_struct_conn.ptnr1_label_seq_id 
_struct_conn.ptnr1_label_atom_id 
_struct_conn.pdbx_ptnr1_label_alt_id 
_struct_conn.pdbx_ptnr1_PDB_ins_code 
_struct_conn.pdbx_ptnr1_standard_comp_id 
_struct_conn.ptnr1_symmetry 
_struct_conn.ptnr2_label_asym_id 
_struct_conn.ptnr2_label_comp_id 
_struct_conn.ptnr2_label_seq_id 
_struct_conn.ptnr2_label_atom_id 
_struct_conn.pdbx_ptnr2_label_alt_id 
_struct_conn.pdbx_ptnr2_PDB_ins_code 
_struct_conn.ptnr1_auth_asym_id 
_struct_conn.ptnr1_auth_comp_id 
_struct_conn.ptnr1_auth_seq_id 
_struct_conn.ptnr2_auth_asym_id 
_struct_conn.ptnr2_auth_comp_id 
_struct_conn.ptnr2_auth_seq_id 
_struct_conn.ptnr2_symmetry 
_struct_conn.pdbx_ptnr3_label_atom_id 
_struct_conn.pdbx_ptnr3_label_seq_id 
_struct_conn.pdbx_ptnr3_label_comp_id 
_struct_conn.pdbx_ptnr3_label_asym_id 
_struct_conn.pdbx_ptnr3_label_alt_id 
_struct_conn.pdbx_ptnr3_PDB_ins_code 
_struct_conn.details 
_struct_conn.pdbx_dist_value 
_struct_conn.pdbx_value_order 
_struct_conn.pdbx_role 
metalc1 metalc ? ? A PHE 63 O  ? ? ? 1_555 B NA  . NA ? ? A PHE 59  A NA  201 1_555 ? ? ? ? ? ? ? 2.569 ? ? 
metalc2 metalc ? ? A GLY 65 O  ? ? ? 1_555 B NA  . NA ? ? A GLY 61  A NA  201 1_555 ? ? ? ? ? ? ? 2.475 ? ? 
metalc3 metalc ? ? B NA  .  NA ? ? ? 1_555 D HOH . O  ? ? A NA  201 A HOH 314 1_555 ? ? ? ? ? ? ? 2.422 ? ? 
# 
_struct_conn_type.id          metalc 
_struct_conn_type.criteria    ? 
_struct_conn_type.reference   ? 
# 
_struct_sheet.id               A 
_struct_sheet.type             ? 
_struct_sheet.number_strands   7 
_struct_sheet.details          ? 
# 
loop_
_struct_sheet_order.sheet_id 
_struct_sheet_order.range_id_1 
_struct_sheet_order.range_id_2 
_struct_sheet_order.offset 
_struct_sheet_order.sense 
A 1 2 ? anti-parallel 
A 2 3 ? anti-parallel 
A 3 4 ? anti-parallel 
A 4 5 ? anti-parallel 
A 5 6 ? anti-parallel 
A 6 7 ? anti-parallel 
# 
loop_
_struct_sheet_range.sheet_id 
_struct_sheet_range.id 
_struct_sheet_range.beg_label_comp_id 
_struct_sheet_range.beg_label_asym_id 
_struct_sheet_range.beg_label_seq_id 
_struct_sheet_range.pdbx_beg_PDB_ins_code 
_struct_sheet_range.end_label_comp_id 
_struct_sheet_range.end_label_asym_id 
_struct_sheet_range.end_label_seq_id 
_struct_sheet_range.pdbx_end_PDB_ins_code 
_struct_sheet_range.beg_auth_comp_id 
_struct_sheet_range.beg_auth_asym_id 
_struct_sheet_range.beg_auth_seq_id 
_struct_sheet_range.end_auth_comp_id 
_struct_sheet_range.end_auth_asym_id 
_struct_sheet_range.end_auth_seq_id 
A 1 VAL A 7   ? SER A 16  ? VAL A 3   SER A 12  
A 2 CYS A 116 ? THR A 126 ? CYS A 112 THR A 122 
A 3 LEU A 99  ? PRO A 110 ? LEU A 95  PRO A 106 
A 4 ALA A 83  ? VAL A 88  ? ALA A 79  VAL A 84  
A 5 SER A 69  ? ASP A 78  ? SER A 65  ASP A 74  
A 6 ILE A 58  ? PHE A 63  ? ILE A 54  PHE A 59  
A 7 ILE A 43  ? GLU A 50  ? ILE A 39  GLU A 46  
# 
loop_
_pdbx_struct_sheet_hbond.sheet_id 
_pdbx_struct_sheet_hbond.range_id_1 
_pdbx_struct_sheet_hbond.range_id_2 
_pdbx_struct_sheet_hbond.range_1_label_atom_id 
_pdbx_struct_sheet_hbond.range_1_label_comp_id 
_pdbx_struct_sheet_hbond.range_1_label_asym_id 
_pdbx_struct_sheet_hbond.range_1_label_seq_id 
_pdbx_struct_sheet_hbond.range_1_PDB_ins_code 
_pdbx_struct_sheet_hbond.range_1_auth_atom_id 
_pdbx_struct_sheet_hbond.range_1_auth_comp_id 
_pdbx_struct_sheet_hbond.range_1_auth_asym_id 
_pdbx_struct_sheet_hbond.range_1_auth_seq_id 
_pdbx_struct_sheet_hbond.range_2_label_atom_id 
_pdbx_struct_sheet_hbond.range_2_label_comp_id 
_pdbx_struct_sheet_hbond.range_2_label_asym_id 
_pdbx_struct_sheet_hbond.range_2_label_seq_id 
_pdbx_struct_sheet_hbond.range_2_PDB_ins_code 
_pdbx_struct_sheet_hbond.range_2_auth_atom_id 
_pdbx_struct_sheet_hbond.range_2_auth_comp_id 
_pdbx_struct_sheet_hbond.range_2_auth_asym_id 
_pdbx_struct_sheet_hbond.range_2_auth_seq_id 
A 1 2 N TYR A 14  ? N TYR A 10  O VAL A 118 ? O VAL A 114 
A 2 3 O ILE A 117 ? O ILE A 113 N VAL A 109 ? N VAL A 105 
A 3 4 O PHE A 104 ? O PHE A 100 N TYR A 86  ? N TYR A 82  
A 4 5 O ALA A 83  ? O ALA A 79  N ASP A 78  ? N ASP A 74  
A 5 6 O THR A 70  ? O THR A 66  N LEU A 61  ? N LEU A 57  
A 6 7 O ILE A 58  ? O ILE A 54  N LEU A 49  ? N LEU A 45  
# 
loop_
_struct_site.id 
_struct_site.pdbx_evidence_code 
_struct_site.pdbx_auth_asym_id 
_struct_site.pdbx_auth_comp_id 
_struct_site.pdbx_auth_seq_id 
_struct_site.pdbx_auth_ins_code 
_struct_site.pdbx_num_residues 
_struct_site.details 
AC1 Software A NA  201 ? 4  'BINDING SITE FOR RESIDUE NA A 201'  
AC2 Software A EMU 202 ? 10 'BINDING SITE FOR RESIDUE EMU A 202' 
# 
loop_
_struct_site_gen.id 
_struct_site_gen.site_id 
_struct_site_gen.pdbx_num_res 
_struct_site_gen.label_comp_id 
_struct_site_gen.label_asym_id 
_struct_site_gen.label_seq_id 
_struct_site_gen.pdbx_auth_ins_code 
_struct_site_gen.auth_comp_id 
_struct_site_gen.auth_asym_id 
_struct_site_gen.auth_seq_id 
_struct_site_gen.label_atom_id 
_struct_site_gen.label_alt_id 
_struct_site_gen.symmetry 
_struct_site_gen.details 
1  AC1 4  PHE A 63  ? PHE A 59  . ? 1_555  ? 
2  AC1 4  GLY A 65  ? GLY A 61  . ? 1_555  ? 
3  AC1 4  ALA A 93  ? ALA A 89  . ? 12_555 ? 
4  AC1 4  HOH D .   ? HOH A 314 . ? 1_555  ? 
5  AC2 10 GLY A 65  ? GLY A 61  . ? 12_555 ? 
6  AC2 10 ASP A 66  ? ASP A 62  . ? 12_555 ? 
7  AC2 10 PHE A 67  ? PHE A 63  . ? 12_555 ? 
8  AC2 10 THR A 70  ? THR A 66  . ? 1_555  ? 
9  AC2 10 GLN A 72  ? GLN A 68  . ? 1_555  ? 
10 AC2 10 TYR A 86  ? TYR A 82  . ? 1_555  ? 
11 AC2 10 VAL A 88  ? VAL A 84  . ? 1_555  ? 
12 AC2 10 PHE A 104 ? PHE A 100 . ? 1_555  ? 
13 AC2 10 GLY A 141 ? GLY A 137 . ? 1_555  ? 
14 AC2 10 ARG A 144 ? ARG A 140 . ? 1_555  ? 
# 
_atom_sites.entry_id                    4JHI 
_atom_sites.fract_transf_matrix[1][1]   0.00002255 
_atom_sites.fract_transf_matrix[1][2]   -0.01059654 
_atom_sites.fract_transf_matrix[1][3]   0.00566803 
_atom_sites.fract_transf_matrix[2][1]   -0.00421116 
_atom_sites.fract_transf_matrix[2][2]   -0.00979179 
_atom_sites.fract_transf_matrix[2][3]   -0.00554935 
_atom_sites.fract_transf_matrix[3][1]   0.00804675 
_atom_sites.fract_transf_matrix[3][2]   -0.00167151 
_atom_sites.fract_transf_matrix[3][3]   -0.00315695 
_atom_sites.fract_transf_vector[1]      0.452510 
_atom_sites.fract_transf_vector[2]      0.169622 
_atom_sites.fract_transf_vector[3]      0.050351 
# 
loop_
_atom_type.symbol 
C  
N  
NA 
O  
S  
# 
loop_
_atom_site.group_PDB 
_atom_site.id 
_atom_site.type_symbol 
_atom_site.label_atom_id 
_atom_site.label_alt_id 
_atom_site.label_comp_id 
_atom_site.label_asym_id 
_atom_site.label_entity_id 
_atom_site.label_seq_id 
_atom_site.pdbx_PDB_ins_code 
_atom_site.Cartn_x 
_atom_site.Cartn_y 
_atom_site.Cartn_z 
_atom_site.occupancy 
_atom_site.B_iso_or_equiv 
_atom_site.pdbx_formal_charge 
_atom_site.auth_seq_id 
_atom_site.auth_comp_id 
_atom_site.auth_asym_id 
_atom_site.auth_atom_id 
_atom_site.pdbx_PDB_model_num 
ATOM   1    N  N   . ASP A 1 1   ? 19.235  -6.123  30.307  1.00 45.09  ? -3  ASP A N   1 
ATOM   2    C  CA  . ASP A 1 1   ? 18.633  -6.838  29.167  1.00 55.52  ? -3  ASP A CA  1 
ATOM   3    C  C   . ASP A 1 1   ? 17.286  -6.346  28.593  1.00 55.37  ? -3  ASP A C   1 
ATOM   4    O  O   . ASP A 1 1   ? 16.264  -7.055  28.650  1.00 35.55  ? -3  ASP A O   1 
ATOM   5    C  CB  . ASP A 1 1   ? 18.462  -8.317  29.473  1.00 41.50  ? -3  ASP A CB  1 
ATOM   6    C  CG  . ASP A 1 1   ? 18.432  -9.145  28.197  1.00 86.28  ? -3  ASP A CG  1 
ATOM   7    O  OD1 . ASP A 1 1   ? 19.243  -8.831  27.290  1.00 81.32  ? -3  ASP A OD1 1 
ATOM   8    O  OD2 . ASP A 1 1   ? 17.588  -10.065 28.073  1.00 98.06  ? -3  ASP A OD2 1 
ATOM   9    N  N   . PRO A 1 2   ? 17.276  -5.167  27.979  1.00 38.21  ? -2  PRO A N   1 
ATOM   10   C  CA  . PRO A 1 2   ? 15.952  -4.622  27.661  1.00 35.21  ? -2  PRO A CA  1 
ATOM   11   C  C   . PRO A 1 2   ? 15.307  -5.245  26.414  1.00 37.50  ? -2  PRO A C   1 
ATOM   12   O  O   . PRO A 1 2   ? 15.933  -5.970  25.640  1.00 41.62  ? -2  PRO A O   1 
ATOM   13   C  CB  . PRO A 1 2   ? 16.253  -3.153  27.403  1.00 35.14  ? -2  PRO A CB  1 
ATOM   14   C  CG  . PRO A 1 2   ? 17.639  -3.200  26.774  1.00 48.06  ? -2  PRO A CG  1 
ATOM   15   C  CD  . PRO A 1 2   ? 18.368  -4.346  27.438  1.00 44.54  ? -2  PRO A CD  1 
ATOM   16   N  N   . PHE A 1 3   ? 14.025  -4.959  26.244  1.00 33.31  ? -1  PHE A N   1 
ATOM   17   C  CA  . PHE A 1 3   ? 13.322  -5.256  25.006  1.00 31.60  ? -1  PHE A CA  1 
ATOM   18   C  C   . PHE A 1 3   ? 13.327  -3.979  24.154  1.00 30.06  ? -1  PHE A C   1 
ATOM   19   O  O   . PHE A 1 3   ? 12.936  -2.884  24.613  1.00 37.01  ? -1  PHE A O   1 
ATOM   20   C  CB  . PHE A 1 3   ? 11.878  -5.740  25.292  1.00 25.33  ? -1  PHE A CB  1 
ATOM   21   C  CG  . PHE A 1 3   ? 11.030  -5.837  24.067  1.00 36.44  ? -1  PHE A CG  1 
ATOM   22   C  CD1 . PHE A 1 3   ? 11.284  -6.810  23.105  1.00 50.25  ? -1  PHE A CD1 1 
ATOM   23   C  CD2 . PHE A 1 3   ? 9.987   -4.947  23.853  1.00 50.39  ? -1  PHE A CD2 1 
ATOM   24   C  CE1 . PHE A 1 3   ? 10.499  -6.900  21.950  1.00 47.99  ? -1  PHE A CE1 1 
ATOM   25   C  CE2 . PHE A 1 3   ? 9.195   -5.037  22.707  1.00 57.07  ? -1  PHE A CE2 1 
ATOM   26   C  CZ  . PHE A 1 3   ? 9.461   -6.006  21.754  1.00 54.44  ? -1  PHE A CZ  1 
ATOM   27   N  N   . THR A 1 4   ? 13.785  -4.123  22.920  1.00 29.02  ? 0   THR A N   1 
ATOM   28   C  CA  . THR A 1 4   ? 13.951  -2.997  22.009  1.00 32.67  ? 0   THR A CA  1 
ATOM   29   C  C   . THR A 1 4   ? 13.206  -3.219  20.685  1.00 30.07  ? 0   THR A C   1 
ATOM   30   O  O   . THR A 1 4   ? 13.185  -4.333  20.137  1.00 35.68  ? 0   THR A O   1 
ATOM   31   C  CB  . THR A 1 4   ? 15.442  -2.701  21.767  1.00 30.36  ? 0   THR A CB  1 
ATOM   32   O  OG1 . THR A 1 4   ? 16.083  -2.538  23.040  1.00 39.58  ? 0   THR A OG1 1 
ATOM   33   C  CG2 . THR A 1 4   ? 15.612  -1.409  21.021  1.00 32.91  ? 0   THR A CG2 1 
ATOM   34   N  N   . MET A 1 5   ? 12.548  -2.158  20.222  1.00 26.59  ? 1   MET A N   1 
ATOM   35   C  CA  . MET A 1 5   ? 11.856  -2.156  18.950  1.00 29.52  ? 1   MET A CA  1 
ATOM   36   C  C   . MET A 1 5   ? 11.858  -0.776  18.298  1.00 28.40  ? 1   MET A C   1 
ATOM   37   O  O   . MET A 1 5   ? 11.589  0.229   18.951  1.00 26.32  ? 1   MET A O   1 
ATOM   38   C  CB  . MET A 1 5   ? 10.414  -2.618  19.096  1.00 29.53  ? 1   MET A CB  1 
ATOM   39   C  CG  . MET A 1 5   ? 9.736   -2.502  17.728  1.00 51.35  ? 1   MET A CG  1 
ATOM   40   S  SD  . MET A 1 5   ? 8.360   -3.571  17.369  1.00 60.95  ? 1   MET A SD  1 
ATOM   41   C  CE  . MET A 1 5   ? 8.973   -5.106  18.102  1.00 67.65  ? 1   MET A CE  1 
ATOM   42   N  N   . GLY A 1 6   ? 12.139  -0.718  17.006  1.00 27.37  ? 2   GLY A N   1 
ATOM   43   C  CA  . GLY A 1 6   ? 12.022  0.539   16.298  1.00 23.91  ? 2   GLY A CA  1 
ATOM   44   C  C   . GLY A 1 6   ? 10.766  0.605   15.443  1.00 28.67  ? 2   GLY A C   1 
ATOM   45   O  O   . GLY A 1 6   ? 10.357  -0.378  14.842  1.00 32.56  ? 2   GLY A O   1 
ATOM   46   N  N   . VAL A 1 7   ? 10.134  1.769   15.400  1.00 25.96  ? 3   VAL A N   1 
ATOM   47   C  CA  . VAL A 1 7   ? 9.104   2.029   14.400  1.00 22.91  ? 3   VAL A CA  1 
ATOM   48   C  C   . VAL A 1 7   ? 9.573   3.186   13.536  1.00 24.23  ? 3   VAL A C   1 
ATOM   49   O  O   . VAL A 1 7   ? 9.731   4.327   14.023  1.00 23.71  ? 3   VAL A O   1 
ATOM   50   C  CB  . VAL A 1 7   ? 7.766   2.387   15.058  1.00 18.95  ? 3   VAL A CB  1 
ATOM   51   C  CG1 . VAL A 1 7   ? 6.646   2.403   14.031  1.00 19.09  ? 3   VAL A CG1 1 
ATOM   52   C  CG2 . VAL A 1 7   ? 7.449   1.378   16.138  1.00 16.73  ? 3   VAL A CG2 1 
ATOM   53   N  N   . ILE A 1 8   ? 9.830   2.901   12.265  1.00 25.34  ? 4   ILE A N   1 
ATOM   54   C  CA  . ILE A 1 8   ? 10.284  3.944   11.350  1.00 17.90  ? 4   ILE A CA  1 
ATOM   55   C  C   . ILE A 1 8   ? 9.160   4.258   10.390  1.00 24.51  ? 4   ILE A C   1 
ATOM   56   O  O   . ILE A 1 8   ? 8.653   3.364   9.683   1.00 31.16  ? 4   ILE A O   1 
ATOM   57   C  CB  . ILE A 1 8   ? 11.582  3.569   10.613  1.00 29.16  ? 4   ILE A CB  1 
ATOM   58   C  CG1 . ILE A 1 8   ? 12.721  3.419   11.621  1.00 22.66  ? 4   ILE A CG1 1 
ATOM   59   C  CG2 . ILE A 1 8   ? 11.932  4.610   9.577   1.00 23.50  ? 4   ILE A CG2 1 
ATOM   60   C  CD1 . ILE A 1 8   ? 12.828  2.048   12.044  1.00 29.48  ? 4   ILE A CD1 1 
ATOM   61   N  N   . THR A 1 9   ? 8.751   5.530   10.399  1.00 22.82  ? 5   THR A N   1 
ATOM   62   C  CA  . THR A 1 9   ? 7.625   6.014   9.615   1.00 24.86  ? 5   THR A CA  1 
ATOM   63   C  C   . THR A 1 9   ? 8.093   6.846   8.448   1.00 28.03  ? 5   THR A C   1 
ATOM   64   O  O   . THR A 1 9   ? 8.917   7.737   8.651   1.00 31.40  ? 5   THR A O   1 
ATOM   65   C  CB  . THR A 1 9   ? 6.745   6.889   10.497  1.00 22.88  ? 5   THR A CB  1 
ATOM   66   O  OG1 . THR A 1 9   ? 6.241   6.076   11.557  1.00 28.90  ? 5   THR A OG1 1 
ATOM   67   C  CG2 . THR A 1 9   ? 5.574   7.415   9.723   1.00 26.33  ? 5   THR A CG2 1 
ATOM   68   N  N   . SER A 1 10  ? 7.598   6.574   7.234   1.00 22.33  ? 6   SER A N   1 
ATOM   69   C  CA  . SER A 1 10  ? 7.798   7.531   6.130   1.00 28.21  ? 6   SER A CA  1 
ATOM   70   C  C   . SER A 1 10  ? 6.479   8.049   5.615   1.00 25.46  ? 6   SER A C   1 
ATOM   71   O  O   . SER A 1 10  ? 5.570   7.271   5.389   1.00 35.52  ? 6   SER A O   1 
ATOM   72   C  CB  . SER A 1 10  ? 8.554   6.927   4.971   1.00 27.94  ? 6   SER A CB  1 
ATOM   73   O  OG  . SER A 1 10  ? 9.830   6.558   5.372   1.00 30.00  ? 6   SER A OG  1 
ATOM   74   N  N   . GLU A 1 11  ? 6.374   9.361   5.424   1.00 28.05  ? 7   GLU A N   1 
ATOM   75   C  CA  . GLU A 1 11  ? 5.131   9.919   4.919   1.00 29.76  ? 7   GLU A CA  1 
ATOM   76   C  C   . GLU A 1 11  ? 5.396   10.697  3.673   1.00 32.98  ? 7   GLU A C   1 
ATOM   77   O  O   . GLU A 1 11  ? 6.386   11.423  3.573   1.00 30.87  ? 7   GLU A O   1 
ATOM   78   C  CB  . GLU A 1 11  ? 4.493   10.852  5.927   1.00 20.02  ? 7   GLU A CB  1 
ATOM   79   C  CG  . GLU A 1 11  ? 4.413   10.246  7.265   1.00 40.32  ? 7   GLU A CG  1 
ATOM   80   C  CD  . GLU A 1 11  ? 3.918   11.208  8.330   1.00 53.38  ? 7   GLU A CD  1 
ATOM   81   O  OE1 . GLU A 1 11  ? 4.445   12.350  8.427   1.00 44.46  ? 7   GLU A OE1 1 
ATOM   82   O  OE2 . GLU A 1 11  ? 2.995   10.795  9.071   1.00 65.40  ? 7   GLU A OE2 1 
ATOM   83   N  N   . SER A 1 12  ? 4.483   10.548  2.731   1.00 25.95  ? 8   SER A N   1 
ATOM   84   C  CA  . SER A 1 12  ? 4.533   11.282  1.488   1.00 26.35  ? 8   SER A CA  1 
ATOM   85   C  C   . SER A 1 12  ? 3.134   11.681  1.055   1.00 31.33  ? 8   SER A C   1 
ATOM   86   O  O   . SER A 1 12  ? 2.157   10.958  1.310   1.00 37.12  ? 8   SER A O   1 
ATOM   87   C  CB  . SER A 1 12  ? 5.175   10.429  0.403   1.00 22.40  ? 8   SER A CB  1 
ATOM   88   O  OG  . SER A 1 12  ? 5.094   11.083  -0.856  1.00 31.51  ? 8   SER A OG  1 
ATOM   89   N  N   . GLU A 1 13  ? 3.021   12.825  0.393   1.00 31.00  ? 9   GLU A N   1 
ATOM   90   C  CA  . GLU A 1 13  ? 1.694   13.296  -0.008  1.00 35.58  ? 9   GLU A CA  1 
ATOM   91   C  C   . GLU A 1 13  ? 1.771   13.709  -1.436  1.00 29.97  ? 9   GLU A C   1 
ATOM   92   O  O   . GLU A 1 13  ? 2.847   14.041  -1.926  1.00 47.42  ? 9   GLU A O   1 
ATOM   93   C  CB  . GLU A 1 13  ? 1.246   14.506  0.829   1.00 21.87  ? 9   GLU A CB  1 
ATOM   94   C  CG  . GLU A 1 13  ? 1.174   14.261  2.342   1.00 33.53  ? 9   GLU A CG  1 
ATOM   95   C  CD  . GLU A 1 13  ? 2.564   14.251  2.991   1.00 53.21  ? 9   GLU A CD  1 
ATOM   96   O  OE1 . GLU A 1 13  ? 3.484   14.922  2.446   1.00 51.43  ? 9   GLU A OE1 1 
ATOM   97   O  OE2 . GLU A 1 13  ? 2.744   13.553  4.021   1.00 44.12  ? 9   GLU A OE2 1 
ATOM   98   N  N   . TYR A 1 14  ? 0.637   13.684  -2.105  1.00 38.05  ? 10  TYR A N   1 
ATOM   99   C  CA  . TYR A 1 14  ? 0.510   14.349  -3.397  1.00 31.58  ? 10  TYR A CA  1 
ATOM   100  C  C   . TYR A 1 14  ? -0.965  14.645  -3.707  1.00 36.43  ? 10  TYR A C   1 
ATOM   101  O  O   . TYR A 1 14  ? -1.867  14.041  -3.123  1.00 42.20  ? 10  TYR A O   1 
ATOM   102  C  CB  . TYR A 1 14  ? 1.179   13.528  -4.507  1.00 30.77  ? 10  TYR A CB  1 
ATOM   103  C  CG  . TYR A 1 14  ? 0.356   12.406  -5.037  1.00 38.83  ? 10  TYR A CG  1 
ATOM   104  C  CD1 . TYR A 1 14  ? -0.511  12.610  -6.097  1.00 43.00  ? 10  TYR A CD1 1 
ATOM   105  C  CD2 . TYR A 1 14  ? 0.440   11.141  -4.493  1.00 39.04  ? 10  TYR A CD2 1 
ATOM   106  C  CE1 . TYR A 1 14  ? -1.288  11.580  -6.606  1.00 38.57  ? 10  TYR A CE1 1 
ATOM   107  C  CE2 . TYR A 1 14  ? -0.330  10.104  -4.992  1.00 45.84  ? 10  TYR A CE2 1 
ATOM   108  C  CZ  . TYR A 1 14  ? -1.197  10.336  -6.053  1.00 42.76  ? 10  TYR A CZ  1 
ATOM   109  O  OH  . TYR A 1 14  ? -1.985  9.329   -6.567  1.00 51.57  ? 10  TYR A OH  1 
ATOM   110  N  N   . VAL A 1 15  ? -1.205  15.600  -4.595  1.00 38.49  ? 11  VAL A N   1 
ATOM   111  C  CA  . VAL A 1 15  ? -2.561  15.985  -4.986  1.00 44.36  ? 11  VAL A CA  1 
ATOM   112  C  C   . VAL A 1 15  ? -3.045  15.231  -6.229  1.00 48.69  ? 11  VAL A C   1 
ATOM   113  O  O   . VAL A 1 15  ? -2.439  15.318  -7.282  1.00 40.35  ? 11  VAL A O   1 
ATOM   114  C  CB  . VAL A 1 15  ? -2.638  17.482  -5.252  1.00 33.79  ? 11  VAL A CB  1 
ATOM   115  C  CG1 . VAL A 1 15  ? -4.099  17.908  -5.452  1.00 37.18  ? 11  VAL A CG1 1 
ATOM   116  C  CG2 . VAL A 1 15  ? -1.986  18.235  -4.091  1.00 19.18  ? 11  VAL A CG2 1 
ATOM   117  N  N   . SER A 1 16  ? -4.124  14.473  -6.090  1.00 45.76  ? 12  SER A N   1 
ATOM   118  C  CA  . SER A 1 16  ? -4.705  13.739  -7.205  1.00 36.45  ? 12  SER A CA  1 
ATOM   119  C  C   . SER A 1 16  ? -5.809  14.552  -7.877  1.00 51.17  ? 12  SER A C   1 
ATOM   120  O  O   . SER A 1 16  ? -6.485  15.387  -7.252  1.00 49.72  ? 12  SER A O   1 
ATOM   121  C  CB  . SER A 1 16  ? -5.296  12.428  -6.695  1.00 46.09  ? 12  SER A CB  1 
ATOM   122  O  OG  . SER A 1 16  ? -6.126  11.805  -7.658  1.00 52.08  ? 12  SER A OG  1 
ATOM   123  N  N   . SER A 1 17  ? -5.998  14.297  -9.162  1.00 45.33  ? 13  SER A N   1 
ATOM   124  C  CA  . SER A 1 17  ? -7.048  14.960  -9.911  1.00 51.71  ? 13  SER A CA  1 
ATOM   125  C  C   . SER A 1 17  ? -8.330  14.165  -9.774  1.00 50.37  ? 13  SER A C   1 
ATOM   126  O  O   . SER A 1 17  ? -9.421  14.708  -9.898  1.00 44.44  ? 13  SER A O   1 
ATOM   127  C  CB  . SER A 1 17  ? -6.640  15.049  -11.363 1.00 34.71  ? 13  SER A CB  1 
ATOM   128  O  OG  . SER A 1 17  ? -5.399  15.726  -11.469 1.00 77.29  ? 13  SER A OG  1 
ATOM   129  N  N   . LEU A 1 18  ? -8.174  12.871  -9.505  1.00 42.79  ? 14  LEU A N   1 
ATOM   130  C  CA  . LEU A 1 18  ? -9.284  11.961  -9.280  1.00 34.40  ? 14  LEU A CA  1 
ATOM   131  C  C   . LEU A 1 18  ? -9.896  12.151  -7.880  1.00 42.61  ? 14  LEU A C   1 
ATOM   132  O  O   . LEU A 1 18  ? -9.185  12.395  -6.910  1.00 55.66  ? 14  LEU A O   1 
ATOM   133  C  CB  . LEU A 1 18  ? -8.800  10.528  -9.491  1.00 42.35  ? 14  LEU A CB  1 
ATOM   134  C  CG  . LEU A 1 18  ? -9.849  9.417   -9.470  1.00 44.63  ? 14  LEU A CG  1 
ATOM   135  C  CD1 . LEU A 1 18  ? -10.884 9.637   -10.533 1.00 34.46  ? 14  LEU A CD1 1 
ATOM   136  C  CD2 . LEU A 1 18  ? -9.194  8.065   -9.663  1.00 47.42  ? 14  LEU A CD2 1 
ATOM   137  N  N   . SER A 1 19  ? -11.216 12.063  -7.774  1.00 38.32  ? 15  SER A N   1 
ATOM   138  C  CA  . SER A 1 19  ? -11.869 12.311  -6.501  1.00 41.76  ? 15  SER A CA  1 
ATOM   139  C  C   . SER A 1 19  ? -11.497 11.212  -5.509  1.00 50.10  ? 15  SER A C   1 
ATOM   140  O  O   . SER A 1 19  ? -11.193 10.075  -5.904  1.00 41.77  ? 15  SER A O   1 
ATOM   141  C  CB  . SER A 1 19  ? -13.389 12.328  -6.672  1.00 36.91  ? 15  SER A CB  1 
ATOM   142  O  OG  . SER A 1 19  ? -13.935 11.011  -6.632  1.00 43.46  ? 15  SER A OG  1 
ATOM   143  N  N   . ALA A 1 20  ? -11.559 11.542  -4.226  1.00 40.45  ? 16  ALA A N   1 
ATOM   144  C  CA  . ALA A 1 20  ? -11.204 10.592  -3.178  1.00 35.80  ? 16  ALA A CA  1 
ATOM   145  C  C   . ALA A 1 20  ? -12.011 9.302   -3.276  1.00 37.04  ? 16  ALA A C   1 
ATOM   146  O  O   . ALA A 1 20  ? -11.459 8.199   -3.143  1.00 42.07  ? 16  ALA A O   1 
ATOM   147  C  CB  . ALA A 1 20  ? -11.382 11.224  -1.830  1.00 25.95  ? 16  ALA A CB  1 
ATOM   148  N  N   . GLU A 1 21  ? -13.306 9.431   -3.543  1.00 36.97  ? 17  GLU A N   1 
ATOM   149  C  CA  . GLU A 1 21  ? -14.171 8.259   -3.538  1.00 33.19  ? 17  GLU A CA  1 
ATOM   150  C  C   . GLU A 1 21  ? -13.889 7.305   -4.712  1.00 44.86  ? 17  GLU A C   1 
ATOM   151  O  O   . GLU A 1 21  ? -13.987 6.066   -4.591  1.00 34.45  ? 17  GLU A O   1 
ATOM   152  C  CB  . GLU A 1 21  ? -15.635 8.680   -3.498  1.00 27.71  ? 17  GLU A CB  1 
ATOM   153  C  CG  . GLU A 1 21  ? -16.606 7.507   -3.616  1.00 76.67  ? 17  GLU A CG  1 
ATOM   154  C  CD  . GLU A 1 21  ? -18.067 7.857   -3.289  1.00 115.13 ? 17  GLU A CD  1 
ATOM   155  O  OE1 . GLU A 1 21  ? -18.320 8.925   -2.675  1.00 96.92  ? 17  GLU A OE1 1 
ATOM   156  O  OE2 . GLU A 1 21  ? -18.960 7.045   -3.642  1.00 109.74 ? 17  GLU A OE2 1 
ATOM   157  N  N   . LYS A 1 22  ? -13.511 7.872   -5.847  1.00 35.88  ? 18  LYS A N   1 
ATOM   158  C  CA  . LYS A 1 22  ? -13.219 7.032   -6.986  1.00 34.57  ? 18  LYS A CA  1 
ATOM   159  C  C   . LYS A 1 22  ? -11.897 6.307   -6.791  1.00 45.52  ? 18  LYS A C   1 
ATOM   160  O  O   . LYS A 1 22  ? -11.792 5.092   -7.054  1.00 34.99  ? 18  LYS A O   1 
ATOM   161  C  CB  . LYS A 1 22  ? -13.208 7.844   -8.270  1.00 48.24  ? 18  LYS A CB  1 
ATOM   162  C  CG  . LYS A 1 22  ? -14.583 8.168   -8.769  1.00 35.26  ? 18  LYS A CG  1 
ATOM   163  C  CD  . LYS A 1 22  ? -14.500 8.901   -10.077 1.00 54.98  ? 18  LYS A CD  1 
ATOM   164  C  CE  . LYS A 1 22  ? -15.861 9.451   -10.441 1.00 49.62  ? 18  LYS A CE  1 
ATOM   165  N  NZ  . LYS A 1 22  ? -16.292 10.383  -9.356  1.00 74.72  ? 18  LYS A NZ  1 
ATOM   166  N  N   . LEU A 1 23  ? -10.898 7.050   -6.317  1.00 38.50  ? 19  LEU A N   1 
ATOM   167  C  CA  . LEU A 1 23  ? -9.592  6.459   -6.058  1.00 42.04  ? 19  LEU A CA  1 
ATOM   168  C  C   . LEU A 1 23  ? -9.703  5.378   -4.960  1.00 39.91  ? 19  LEU A C   1 
ATOM   169  O  O   . LEU A 1 23  ? -9.113  4.287   -5.063  1.00 34.13  ? 19  LEU A O   1 
ATOM   170  C  CB  . LEU A 1 23  ? -8.576  7.542   -5.691  1.00 31.46  ? 19  LEU A CB  1 
ATOM   171  C  CG  . LEU A 1 23  ? -7.123  7.099   -5.530  1.00 35.81  ? 19  LEU A CG  1 
ATOM   172  C  CD1 . LEU A 1 23  ? -6.625  6.308   -6.757  1.00 31.85  ? 19  LEU A CD1 1 
ATOM   173  C  CD2 . LEU A 1 23  ? -6.253  8.332   -5.253  1.00 30.77  ? 19  LEU A CD2 1 
ATOM   174  N  N   . TYR A 1 24  ? -10.474 5.672   -3.920  1.00 27.67  ? 20  TYR A N   1 
ATOM   175  C  CA  . TYR A 1 24  ? -10.695 4.694   -2.868  1.00 33.27  ? 20  TYR A CA  1 
ATOM   176  C  C   . TYR A 1 24  ? -11.404 3.431   -3.375  1.00 43.33  ? 20  TYR A C   1 
ATOM   177  O  O   . TYR A 1 24  ? -10.960 2.300   -3.101  1.00 38.20  ? 20  TYR A O   1 
ATOM   178  C  CB  . TYR A 1 24  ? -11.525 5.291   -1.734  1.00 29.81  ? 20  TYR A CB  1 
ATOM   179  C  CG  . TYR A 1 24  ? -11.775 4.288   -0.625  1.00 28.46  ? 20  TYR A CG  1 
ATOM   180  C  CD1 . TYR A 1 24  ? -10.900 4.178   0.454   1.00 35.82  ? 20  TYR A CD1 1 
ATOM   181  C  CD2 . TYR A 1 24  ? -12.866 3.444   -0.665  1.00 27.97  ? 20  TYR A CD2 1 
ATOM   182  C  CE1 . TYR A 1 24  ? -11.123 3.266   1.455   1.00 30.00  ? 20  TYR A CE1 1 
ATOM   183  C  CE2 . TYR A 1 24  ? -13.098 2.540   0.323   1.00 33.94  ? 20  TYR A CE2 1 
ATOM   184  C  CZ  . TYR A 1 24  ? -12.220 2.446   1.373   1.00 35.67  ? 20  TYR A CZ  1 
ATOM   185  O  OH  . TYR A 1 24  ? -12.460 1.519   2.347   1.00 43.57  ? 20  TYR A OH  1 
ATOM   186  N  N   . ARG A 1 25  ? -12.522 3.623   -4.076  1.00 41.03  ? 21  ARG A N   1 
ATOM   187  C  CA  . ARG A 1 25  ? -13.286 2.496   -4.623  1.00 46.05  ? 21  ARG A CA  1 
ATOM   188  C  C   . ARG A 1 25  ? -12.408 1.628   -5.523  1.00 37.42  ? 21  ARG A C   1 
ATOM   189  O  O   . ARG A 1 25  ? -12.406 0.409   -5.426  1.00 41.42  ? 21  ARG A O   1 
ATOM   190  C  CB  . ARG A 1 25  ? -14.515 2.984   -5.397  1.00 50.84  ? 21  ARG A CB  1 
ATOM   191  C  CG  . ARG A 1 25  ? -15.386 1.836   -5.932  0.98 68.28  ? 21  ARG A CG  1 
ATOM   192  C  CD  . ARG A 1 25  ? -16.537 2.310   -6.828  1.00 67.76  ? 21  ARG A CD  1 
ATOM   193  N  NE  . ARG A 1 25  ? -17.023 3.638   -6.457  1.00 70.78  ? 21  ARG A NE  1 
ATOM   194  C  CZ  . ARG A 1 25  ? -17.623 3.932   -5.307  0.00 65.38  ? 21  ARG A CZ  1 
ATOM   195  N  NH1 . ARG A 1 25  ? -17.807 2.994   -4.366  1.00 60.17  ? 21  ARG A NH1 1 
ATOM   196  N  NH2 . ARG A 1 25  ? -18.015 5.183   -5.100  1.00 64.03  ? 21  ARG A NH2 1 
ATOM   197  N  N   . GLY A 1 26  ? -11.622 2.276   -6.370  1.00 36.17  ? 22  GLY A N   1 
ATOM   198  C  CA  . GLY A 1 26  ? -10.710 1.580   -7.253  1.00 31.60  ? 22  GLY A CA  1 
ATOM   199  C  C   . GLY A 1 26  ? -9.679  0.677   -6.613  1.00 38.56  ? 22  GLY A C   1 
ATOM   200  O  O   . GLY A 1 26  ? -9.528  -0.478  -7.022  1.00 42.97  ? 22  GLY A O   1 
ATOM   201  N  N   . ILE A 1 27  ? -8.944  1.193   -5.632  1.00 37.41  ? 23  ILE A N   1 
ATOM   202  C  CA  . ILE A 1 27  ? -7.931  0.376   -4.973  1.00 31.72  ? 23  ILE A CA  1 
ATOM   203  C  C   . ILE A 1 27  ? -8.547  -0.639  -4.026  1.00 34.31  ? 23  ILE A C   1 
ATOM   204  O  O   . ILE A 1 27  ? -8.236  -1.825  -4.071  1.00 43.32  ? 23  ILE A O   1 
ATOM   205  C  CB  . ILE A 1 27  ? -6.990  1.224   -4.137  1.00 32.69  ? 23  ILE A CB  1 
ATOM   206  C  CG1 . ILE A 1 27  ? -6.241  2.238   -5.016  1.00 26.75  ? 23  ILE A CG1 1 
ATOM   207  C  CG2 . ILE A 1 27  ? -6.055  0.320   -3.403  1.00 28.79  ? 23  ILE A CG2 1 
ATOM   208  C  CD1 . ILE A 1 27  ? -5.953  3.530   -4.278  1.00 25.16  ? 23  ILE A CD1 1 
ATOM   209  N  N   . VAL A 1 28  ? -9.424  -0.161  -3.153  1.00 35.89  ? 24  VAL A N   1 
ATOM   210  C  CA  . VAL A 1 28  ? -9.899  -0.982  -2.052  1.00 35.91  ? 24  VAL A CA  1 
ATOM   211  C  C   . VAL A 1 28  ? -11.018 -1.932  -2.438  1.00 31.52  ? 24  VAL A C   1 
ATOM   212  O  O   . VAL A 1 28  ? -11.063 -3.053  -1.948  1.00 37.40  ? 24  VAL A O   1 
ATOM   213  C  CB  . VAL A 1 28  ? -10.355 -0.109  -0.871  1.00 34.58  ? 24  VAL A CB  1 
ATOM   214  C  CG1 . VAL A 1 28  ? -10.811 -0.971  0.277   1.00 21.96  ? 24  VAL A CG1 1 
ATOM   215  C  CG2 . VAL A 1 28  ? -9.215  0.762   -0.429  1.00 30.48  ? 24  VAL A CG2 1 
ATOM   216  N  N   . GLU A 1 29  ? -11.924 -1.489  -3.307  1.00 40.08  ? 25  GLU A N   1 
ATOM   217  C  CA  . GLU A 1 29  ? -13.109 -2.291  -3.639  1.00 40.73  ? 25  GLU A CA  1 
ATOM   218  C  C   . GLU A 1 29  ? -12.964 -3.090  -4.929  1.00 44.11  ? 25  GLU A C   1 
ATOM   219  O  O   . GLU A 1 29  ? -13.493 -4.201  -5.014  1.00 34.32  ? 25  GLU A O   1 
ATOM   220  C  CB  . GLU A 1 29  ? -14.381 -1.436  -3.660  1.00 37.63  ? 25  GLU A CB  1 
ATOM   221  C  CG  . GLU A 1 29  ? -14.957 -1.229  -2.275  1.00 42.72  ? 25  GLU A CG  1 
ATOM   222  C  CD  . GLU A 1 29  ? -15.920 -0.032  -2.166  1.00 73.23  ? 25  GLU A CD  1 
ATOM   223  O  OE1 . GLU A 1 29  ? -16.584 0.334   -3.178  1.00 78.80  ? 25  GLU A OE1 1 
ATOM   224  O  OE2 . GLU A 1 29  ? -16.009 0.531   -1.041  1.00 56.89  ? 25  GLU A OE2 1 
ATOM   225  N  N   . ASP A 1 30  ? -12.225 -2.539  -5.903  1.00 42.80  ? 26  ASP A N   1 
ATOM   226  C  CA  . ASP A 1 30  ? -12.014 -3.180  -7.210  1.00 40.01  ? 26  ASP A CA  1 
ATOM   227  C  C   . ASP A 1 30  ? -10.553 -3.532  -7.490  1.00 43.37  ? 26  ASP A C   1 
ATOM   228  O  O   . ASP A 1 30  ? -10.168 -3.708  -8.656  1.00 40.04  ? 26  ASP A O   1 
ATOM   229  C  CB  . ASP A 1 30  ? -12.531 -2.277  -8.335  1.00 41.33  ? 26  ASP A CB  1 
ATOM   230  C  CG  . ASP A 1 30  ? -13.968 -1.858  -8.121  1.00 58.71  ? 26  ASP A CG  1 
ATOM   231  O  OD1 . ASP A 1 30  ? -14.749 -2.738  -7.668  1.00 55.70  ? 26  ASP A OD1 1 
ATOM   232  O  OD2 . ASP A 1 30  ? -14.303 -0.662  -8.387  1.00 57.32  ? 26  ASP A OD2 1 
ATOM   233  N  N   . GLY A 1 31  ? -9.750  -3.625  -6.425  1.00 39.45  ? 27  GLY A N   1 
ATOM   234  C  CA  . GLY A 1 31  ? -8.327  -3.941  -6.519  1.00 30.77  ? 27  GLY A CA  1 
ATOM   235  C  C   . GLY A 1 31  ? -8.048  -5.169  -7.354  1.00 34.23  ? 27  GLY A C   1 
ATOM   236  O  O   . GLY A 1 31  ? -7.141  -5.168  -8.211  1.00 36.62  ? 27  GLY A O   1 
ATOM   237  N  N   . ASN A 1 32  ? -8.850  -6.177  -7.142  1.00 30.02  ? 28  ASN A N   1 
ATOM   238  C  CA  . ASN A 1 32  ? -8.747  -7.408  -7.863  1.00 34.48  ? 28  ASN A CA  1 
ATOM   239  C  C   . ASN A 1 32  ? -8.849  -7.258  -9.375  1.00 39.93  ? 28  ASN A C   1 
ATOM   240  O  O   . ASN A 1 32  ? -8.200  -7.973  -10.086 1.00 40.92  ? 28  ASN A O   1 
ATOM   241  C  CB  . ASN A 1 32  ? -9.722  -8.440  -7.310  1.00 32.34  ? 28  ASN A CB  1 
ATOM   242  C  CG  . ASN A 1 32  ? -9.417  -8.845  -5.866  1.00 61.49  ? 28  ASN A CG  1 
ATOM   243  O  OD1 . ASN A 1 32  ? -8.507  -8.341  -5.244  1.00 49.22  ? 28  ASN A OD1 1 
ATOM   244  N  ND2 . ASN A 1 32  ? -10.203 -9.758  -5.338  1.00 55.90  ? 28  ASN A ND2 1 
ATOM   245  N  N   . ILE A 1 33  ? -9.634  -6.329  -9.885  1.00 28.39  ? 29  ILE A N   1 
ATOM   246  C  CA  . ILE A 1 33  ? -9.578  -6.080  -11.326 1.00 39.13  ? 29  ILE A CA  1 
ATOM   247  C  C   . ILE A 1 33  ? -8.630  -4.936  -11.737 1.00 38.99  ? 29  ILE A C   1 
ATOM   248  O  O   . ILE A 1 33  ? -7.998  -4.999  -12.791 1.00 47.98  ? 29  ILE A O   1 
ATOM   249  C  CB  . ILE A 1 33  ? -11.008 -5.933  -12.010 1.00 32.08  ? 29  ILE A CB  1 
ATOM   250  C  CG1 . ILE A 1 33  ? -11.492 -4.473  -12.033 1.00 67.73  ? 29  ILE A CG1 1 
ATOM   251  C  CG2 . ILE A 1 33  ? -12.013 -6.874  -11.378 1.00 33.83  ? 29  ILE A CG2 1 
ATOM   252  C  CD1 . ILE A 1 33  ? -12.982 -4.265  -11.598 1.00 66.77  ? 29  ILE A CD1 1 
ATOM   253  N  N   . ILE A 1 34  ? -8.517  -3.907  -10.904 1.00 44.14  ? 30  ILE A N   1 
ATOM   254  C  CA  . ILE A 1 34  ? -7.806  -2.692  -11.297 1.00 42.42  ? 30  ILE A CA  1 
ATOM   255  C  C   . ILE A 1 34  ? -6.281  -2.746  -11.144 1.00 35.81  ? 30  ILE A C   1 
ATOM   256  O  O   . ILE A 1 34  ? -5.562  -2.097  -11.895 1.00 33.60  ? 30  ILE A O   1 
ATOM   257  C  CB  . ILE A 1 34  ? -8.350  -1.483  -10.541 1.00 45.51  ? 30  ILE A CB  1 
ATOM   258  C  CG1 . ILE A 1 34  ? -9.811  -1.289  -10.910 1.00 35.80  ? 30  ILE A CG1 1 
ATOM   259  C  CG2 . ILE A 1 34  ? -7.563  -0.217  -10.911 1.00 28.10  ? 30  ILE A CG2 1 
ATOM   260  C  CD1 . ILE A 1 34  ? -9.976  -0.740  -12.321 1.00 48.36  ? 30  ILE A CD1 1 
ATOM   261  N  N   . TYR A 1 35  ? -5.781  -3.506  -10.174 1.00 36.60  ? 31  TYR A N   1 
ATOM   262  C  CA  . TYR A 1 35  ? -4.332  -3.556  -9.978  1.00 34.23  ? 31  TYR A CA  1 
ATOM   263  C  C   . TYR A 1 35  ? -3.686  -4.111  -11.240 1.00 42.32  ? 31  TYR A C   1 
ATOM   264  O  O   . TYR A 1 35  ? -2.765  -3.477  -11.816 1.00 39.13  ? 31  TYR A O   1 
ATOM   265  C  CB  . TYR A 1 35  ? -3.950  -4.399  -8.775  1.00 29.37  ? 31  TYR A CB  1 
ATOM   266  C  CG  . TYR A 1 35  ? -3.885  -3.715  -7.409  1.00 42.61  ? 31  TYR A CG  1 
ATOM   267  C  CD1 . TYR A 1 35  ? -3.104  -2.584  -7.185  1.00 49.04  ? 31  TYR A CD1 1 
ATOM   268  C  CD2 . TYR A 1 35  ? -4.546  -4.269  -6.312  1.00 53.63  ? 31  TYR A CD2 1 
ATOM   269  C  CE1 . TYR A 1 35  ? -3.004  -2.016  -5.901  1.00 48.80  ? 31  TYR A CE1 1 
ATOM   270  C  CE2 . TYR A 1 35  ? -4.458  -3.707  -5.031  1.00 46.97  ? 31  TYR A CE2 1 
ATOM   271  C  CZ  . TYR A 1 35  ? -3.691  -2.591  -4.828  1.00 56.41  ? 31  TYR A CZ  1 
ATOM   272  O  OH  . TYR A 1 35  ? -3.619  -2.078  -3.543  1.00 54.40  ? 31  TYR A OH  1 
ATOM   273  N  N   . PRO A 1 36  ? -4.191  -5.256  -11.729 1.00 33.42  ? 32  PRO A N   1 
ATOM   274  C  CA  . PRO A 1 36  ? -3.491  -5.724  -12.935 1.00 33.88  ? 32  PRO A CA  1 
ATOM   275  C  C   . PRO A 1 36  ? -3.745  -4.874  -14.174 1.00 34.59  ? 32  PRO A C   1 
ATOM   276  O  O   . PRO A 1 36  ? -2.979  -4.990  -15.116 1.00 40.63  ? 32  PRO A O   1 
ATOM   277  C  CB  . PRO A 1 36  ? -4.027  -7.134  -13.146 1.00 26.48  ? 32  PRO A CB  1 
ATOM   278  C  CG  . PRO A 1 36  ? -4.701  -7.525  -11.813 1.00 31.82  ? 32  PRO A CG  1 
ATOM   279  C  CD  . PRO A 1 36  ? -5.201  -6.219  -11.262 1.00 33.82  ? 32  PRO A CD  1 
ATOM   280  N  N   . LYS A 1 37  ? -4.769  -4.027  -14.194 1.00 38.30  ? 33  LYS A N   1 
ATOM   281  C  CA  . LYS A 1 37  ? -4.976  -3.193  -15.386 1.00 32.40  ? 33  LYS A CA  1 
ATOM   282  C  C   . LYS A 1 37  ? -4.124  -1.932  -15.337 1.00 41.82  ? 33  LYS A C   1 
ATOM   283  O  O   . LYS A 1 37  ? -3.683  -1.414  -16.367 1.00 45.99  ? 33  LYS A O   1 
ATOM   284  C  CB  . LYS A 1 37  ? -6.438  -2.791  -15.532 1.00 39.68  ? 33  LYS A CB  1 
ATOM   285  C  CG  . LYS A 1 37  ? -7.393  -3.909  -15.808 1.00 33.57  ? 33  LYS A CG  1 
ATOM   286  C  CD  . LYS A 1 37  ? -8.775  -3.322  -16.009 1.00 61.80  ? 33  LYS A CD  1 
ATOM   287  C  CE  . LYS A 1 37  ? -9.837  -4.385  -16.151 1.00 70.27  ? 33  LYS A CE  1 
ATOM   288  N  NZ  . LYS A 1 37  ? -9.518  -5.294  -17.266 1.00 66.13  ? 33  LYS A NZ  1 
ATOM   289  N  N   . ALA A 1 38  ? -3.903  -1.432  -14.130 1.00 39.65  ? 34  ALA A N   1 
ATOM   290  C  CA  . ALA A 1 38  ? -3.192  -0.181  -13.964 1.00 33.26  ? 34  ALA A CA  1 
ATOM   291  C  C   . ALA A 1 38  ? -1.689  -0.432  -13.959 1.00 35.85  ? 34  ALA A C   1 
ATOM   292  O  O   . ALA A 1 38  ? -0.917  0.426   -14.364 1.00 35.34  ? 34  ALA A O   1 
ATOM   293  C  CB  . ALA A 1 38  ? -3.626  0.478   -12.673 1.00 33.07  ? 34  ALA A CB  1 
ATOM   294  N  N   . LEU A 1 39  ? -1.276  -1.605  -13.484 1.00 34.38  ? 35  LEU A N   1 
ATOM   295  C  CA  . LEU A 1 39  ? 0.143   -1.985  -13.493 1.00 40.41  ? 35  LEU A CA  1 
ATOM   296  C  C   . LEU A 1 39  ? 0.337   -3.316  -14.221 1.00 36.27  ? 35  LEU A C   1 
ATOM   297  O  O   . LEU A 1 39  ? 0.687   -4.339  -13.608 1.00 29.04  ? 35  LEU A O   1 
ATOM   298  C  CB  . LEU A 1 39  ? 0.652   -2.106  -12.067 1.00 37.41  ? 35  LEU A CB  1 
ATOM   299  C  CG  . LEU A 1 39  ? 0.644   -0.780  -11.340 1.00 39.96  ? 35  LEU A CG  1 
ATOM   300  C  CD1 . LEU A 1 39  ? 0.370   -0.998  -9.867  1.00 32.24  ? 35  LEU A CD1 1 
ATOM   301  C  CD2 . LEU A 1 39  ? 1.984   -0.119  -11.594 1.00 22.66  ? 35  LEU A CD2 1 
ATOM   302  N  N   . PRO A 1 40  ? 0.090   -3.321  -15.533 1.00 37.58  ? 36  PRO A N   1 
ATOM   303  C  CA  . PRO A 1 40  ? 0.025   -4.601  -16.248 1.00 38.06  ? 36  PRO A CA  1 
ATOM   304  C  C   . PRO A 1 40  ? 1.404   -5.229  -16.429 1.00 30.76  ? 36  PRO A C   1 
ATOM   305  O  O   . PRO A 1 40  ? 1.490   -6.413  -16.707 1.00 36.99  ? 36  PRO A O   1 
ATOM   306  C  CB  . PRO A 1 40  ? -0.555  -4.196  -17.595 1.00 24.12  ? 36  PRO A CB  1 
ATOM   307  C  CG  . PRO A 1 40  ? 0.016   -2.797  -17.782 1.00 26.29  ? 36  PRO A CG  1 
ATOM   308  C  CD  . PRO A 1 40  ? -0.064  -2.171  -16.437 1.00 25.84  ? 36  PRO A CD  1 
ATOM   309  N  N   . ARG A 1 41  ? 2.465   -4.450  -16.269 1.00 36.76  ? 37  ARG A N   1 
ATOM   310  C  CA  . ARG A 1 41  ? 3.820   -5.004  -16.345 1.00 42.13  ? 37  ARG A CA  1 
ATOM   311  C  C   . ARG A 1 41  ? 4.428   -5.436  -15.006 1.00 37.69  ? 37  ARG A C   1 
ATOM   312  O  O   . ARG A 1 41  ? 5.510   -6.029  -14.978 1.00 46.75  ? 37  ARG A O   1 
ATOM   313  C  CB  . ARG A 1 41  ? 4.744   -4.007  -17.025 1.00 44.08  ? 37  ARG A CB  1 
ATOM   314  C  CG  . ARG A 1 41  ? 4.558   -3.981  -18.507 1.00 38.07  ? 37  ARG A CG  1 
ATOM   315  C  CD  . ARG A 1 41  ? 4.712   -2.577  -19.118 1.00 54.54  ? 37  ARG A CD  1 
ATOM   316  N  NE  . ARG A 1 41  ? 4.000   -2.577  -20.389 1.00 84.94  ? 37  ARG A NE  1 
ATOM   317  C  CZ  . ARG A 1 41  ? 4.353   -3.335  -21.428 1.00 90.99  ? 37  ARG A CZ  1 
ATOM   318  N  NH1 . ARG A 1 41  ? 5.430   -4.104  -21.338 1.00 92.33  ? 37  ARG A NH1 1 
ATOM   319  N  NH2 . ARG A 1 41  ? 3.650   -3.323  -22.563 1.00 64.88  ? 37  ARG A NH2 1 
ATOM   320  N  N   . PHE A 1 42  ? 3.738   -5.147  -13.904 1.00 34.40  ? 38  PHE A N   1 
ATOM   321  C  CA  . PHE A 1 42  ? 4.271   -5.463  -12.592 1.00 31.12  ? 38  PHE A CA  1 
ATOM   322  C  C   . PHE A 1 42  ? 3.376   -6.340  -11.723 1.00 37.11  ? 38  PHE A C   1 
ATOM   323  O  O   . PHE A 1 42  ? 3.837   -7.282  -11.046 1.00 29.65  ? 38  PHE A O   1 
ATOM   324  C  CB  . PHE A 1 42  ? 4.621   -4.184  -11.866 1.00 29.63  ? 38  PHE A CB  1 
ATOM   325  C  CG  . PHE A 1 42  ? 5.559   -4.396  -10.731 1.00 47.15  ? 38  PHE A CG  1 
ATOM   326  C  CD1 . PHE A 1 42  ? 6.912   -4.591  -10.972 1.00 49.64  ? 38  PHE A CD1 1 
ATOM   327  C  CD2 . PHE A 1 42  ? 5.091   -4.419  -9.414  1.00 40.42  ? 38  PHE A CD2 1 
ATOM   328  C  CE1 . PHE A 1 42  ? 7.801   -4.792  -9.918  1.00 61.05  ? 38  PHE A CE1 1 
ATOM   329  C  CE2 . PHE A 1 42  ? 5.961   -4.622  -8.354  1.00 35.59  ? 38  PHE A CE2 1 
ATOM   330  C  CZ  . PHE A 1 42  ? 7.324   -4.800  -8.605  1.00 54.15  ? 38  PHE A CZ  1 
ATOM   331  N  N   . ILE A 1 43  ? 2.086   -6.042  -11.738 1.00 35.75  ? 39  ILE A N   1 
ATOM   332  C  CA  . ILE A 1 43  ? 1.159   -6.870  -10.992 1.00 31.54  ? 39  ILE A CA  1 
ATOM   333  C  C   . ILE A 1 43  ? 0.430   -7.805  -11.937 1.00 25.02  ? 39  ILE A C   1 
ATOM   334  O  O   . ILE A 1 43  ? -0.339  -7.372  -12.790 1.00 39.70  ? 39  ILE A O   1 
ATOM   335  C  CB  . ILE A 1 43  ? 0.171   -6.025  -10.167 1.00 24.72  ? 39  ILE A CB  1 
ATOM   336  C  CG1 . ILE A 1 43  ? 0.940   -5.229  -9.115  1.00 26.83  ? 39  ILE A CG1 1 
ATOM   337  C  CG2 . ILE A 1 43  ? -0.861  -6.919  -9.486  1.00 24.54  ? 39  ILE A CG2 1 
ATOM   338  C  CD1 . ILE A 1 43  ? 0.067   -4.425  -8.219  1.00 46.03  ? 39  ILE A CD1 1 
ATOM   339  N  N   . GLU A 1 44  ? 0.668   -9.099  -11.774 1.00 28.26  ? 40  GLU A N   1 
ATOM   340  C  CA  . GLU A 1 44  ? 0.034   -10.120 -12.607 1.00 30.28  ? 40  GLU A CA  1 
ATOM   341  C  C   . GLU A 1 44  ? -1.373  -10.416 -12.130 1.00 30.07  ? 40  GLU A C   1 
ATOM   342  O  O   . GLU A 1 44  ? -2.254  -10.696 -12.926 1.00 37.46  ? 40  GLU A O   1 
ATOM   343  C  CB  . GLU A 1 44  ? 0.843   -11.405 -12.528 1.00 31.76  ? 40  GLU A CB  1 
ATOM   344  C  CG  . GLU A 1 44  ? 0.412   -12.541 -13.438 1.00 28.51  ? 40  GLU A CG  1 
ATOM   345  C  CD  . GLU A 1 44  ? 1.505   -13.617 -13.517 1.00 65.33  ? 40  GLU A CD  1 
ATOM   346  O  OE1 . GLU A 1 44  ? 2.484   -13.461 -14.317 1.00 60.33  ? 40  GLU A OE1 1 
ATOM   347  O  OE2 . GLU A 1 44  ? 1.404   -14.592 -12.738 1.00 58.38  ? 40  GLU A OE2 1 
ATOM   348  N  N   . LYS A 1 45  ? -1.588  -10.344 -10.824 1.00 37.28  ? 41  LYS A N   1 
ATOM   349  C  CA  . LYS A 1 45  ? -2.810  -10.880 -10.251 1.00 35.11  ? 41  LYS A CA  1 
ATOM   350  C  C   . LYS A 1 45  ? -3.014  -10.402 -8.813  1.00 33.55  ? 41  LYS A C   1 
ATOM   351  O  O   . LYS A 1 45  ? -2.086  -10.400 -8.007  1.00 31.78  ? 41  LYS A O   1 
ATOM   352  C  CB  . LYS A 1 45  ? -2.681  -12.387 -10.273 1.00 36.71  ? 41  LYS A CB  1 
ATOM   353  C  CG  . LYS A 1 45  ? -3.878  -13.161 -9.873  1.00 26.39  ? 41  LYS A CG  1 
ATOM   354  C  CD  . LYS A 1 45  ? -3.473  -14.650 -9.865  1.00 42.79  ? 41  LYS A CD  1 
ATOM   355  C  CE  . LYS A 1 45  ? -4.547  -15.442 -9.166  1.00 68.77  ? 41  LYS A CE  1 
ATOM   356  N  NZ  . LYS A 1 45  ? -5.853  -14.713 -9.351  1.00 55.02  ? 41  LYS A NZ  1 
ATOM   357  N  N   . ALA A 1 46  ? -4.240  -9.983  -8.518  1.00 36.34  ? 42  ALA A N   1 
ATOM   358  C  CA  . ALA A 1 46  ? -4.622  -9.436  -7.226  1.00 17.95  ? 42  ALA A CA  1 
ATOM   359  C  C   . ALA A 1 46  ? -5.893  -10.171 -6.851  1.00 31.25  ? 42  ALA A C   1 
ATOM   360  O  O   . ALA A 1 46  ? -6.875  -10.147 -7.603  1.00 42.79  ? 42  ALA A O   1 
ATOM   361  C  CB  . ALA A 1 46  ? -4.874  -7.931  -7.352  1.00 22.61  ? 42  ALA A CB  1 
ATOM   362  N  N   . GLU A 1 47  ? -5.858  -10.869 -5.721  1.00 32.92  ? 43  GLU A N   1 
ATOM   363  C  CA  . GLU A 1 47  ? -6.932  -11.775 -5.335  1.00 31.22  ? 43  GLU A CA  1 
ATOM   364  C  C   . GLU A 1 47  ? -7.133  -11.873 -3.828  1.00 34.40  ? 43  GLU A C   1 
ATOM   365  O  O   . GLU A 1 47  ? -6.262  -11.559 -3.031  1.00 35.77  ? 43  GLU A O   1 
ATOM   366  C  CB  . GLU A 1 47  ? -6.652  -13.180 -5.850  1.00 28.28  ? 43  GLU A CB  1 
ATOM   367  C  CG  . GLU A 1 47  ? -5.793  -13.975 -4.901  1.00 37.22  ? 43  GLU A CG  1 
ATOM   368  C  CD  . GLU A 1 47  ? -5.243  -15.270 -5.535  1.00 71.05  ? 43  GLU A CD  1 
ATOM   369  O  OE1 . GLU A 1 47  ? -4.028  -15.336 -5.906  1.00 50.08  ? 43  GLU A OE1 1 
ATOM   370  O  OE2 . GLU A 1 47  ? -6.045  -16.231 -5.650  1.00 66.42  ? 43  GLU A OE2 1 
ATOM   371  N  N   . THR A 1 48  ? -8.304  -12.341 -3.446  1.00 31.10  ? 44  THR A N   1 
ATOM   372  C  CA  . THR A 1 48  ? -8.622  -12.475 -2.057  1.00 29.87  ? 44  THR A CA  1 
ATOM   373  C  C   . THR A 1 48  ? -8.529  -13.906 -1.611  1.00 26.96  ? 44  THR A C   1 
ATOM   374  O  O   . THR A 1 48  ? -9.085  -14.790 -2.228  1.00 43.54  ? 44  THR A O   1 
ATOM   375  C  CB  . THR A 1 48  ? -10.018 -11.949 -1.789  1.00 20.31  ? 44  THR A CB  1 
ATOM   376  O  OG1 . THR A 1 48  ? -10.032 -10.550 -2.108  1.00 33.56  ? 44  THR A OG1 1 
ATOM   377  C  CG2 . THR A 1 48  ? -10.379 -12.136 -0.305  1.00 19.94  ? 44  THR A CG2 1 
ATOM   378  N  N   . LEU A 1 49  ? -7.816  -14.132 -0.527  1.00 33.03  ? 45  LEU A N   1 
ATOM   379  C  CA  . LEU A 1 49  ? -7.613  -15.474 -0.027  1.00 25.18  ? 45  LEU A CA  1 
ATOM   380  C  C   . LEU A 1 49  ? -8.554  -15.771 1.138   1.00 31.34  ? 45  LEU A C   1 
ATOM   381  O  O   . LEU A 1 49  ? -8.996  -16.899 1.298   1.00 35.44  ? 45  LEU A O   1 
ATOM   382  C  CB  . LEU A 1 49  ? -6.169  -15.607 0.431   1.00 27.22  ? 45  LEU A CB  1 
ATOM   383  C  CG  . LEU A 1 49  ? -5.056  -16.091 -0.513  1.00 30.65  ? 45  LEU A CG  1 
ATOM   384  C  CD1 . LEU A 1 49  ? -5.269  -15.645 -1.923  1.00 24.08  ? 45  LEU A CD1 1 
ATOM   385  C  CD2 . LEU A 1 49  ? -3.687  -15.589 -0.016  1.00 30.77  ? 45  LEU A CD2 1 
ATOM   386  N  N   . GLU A 1 50  ? -8.842  -14.757 1.956   1.00 36.79  ? 46  GLU A N   1 
ATOM   387  C  CA  . GLU A 1 50  ? -9.730  -14.899 3.121   1.00 28.22  ? 46  GLU A CA  1 
ATOM   388  C  C   . GLU A 1 50  ? -10.536 -13.649 3.354   1.00 37.09  ? 46  GLU A C   1 
ATOM   389  O  O   . GLU A 1 50  ? -10.002 -12.539 3.260   1.00 38.67  ? 46  GLU A O   1 
ATOM   390  C  CB  . GLU A 1 50  ? -8.956  -15.178 4.405   1.00 33.87  ? 46  GLU A CB  1 
ATOM   391  C  CG  . GLU A 1 50  ? -8.436  -16.600 4.514   1.00 73.21  ? 46  GLU A CG  1 
ATOM   392  C  CD  . GLU A 1 50  ? -9.547  -17.630 4.569   1.00 91.51  ? 46  GLU A CD  1 
ATOM   393  O  OE1 . GLU A 1 50  ? -10.554 -17.361 5.278   1.00 79.36  ? 46  GLU A OE1 1 
ATOM   394  O  OE2 . GLU A 1 50  ? -9.406  -18.687 3.894   1.00 87.37  ? 46  GLU A OE2 1 
ATOM   395  N  N   . GLY A 1 51  ? -11.816 -13.823 3.672   1.00 30.17  ? 47  GLY A N   1 
ATOM   396  C  CA  . GLY A 1 51  ? -12.649 -12.693 4.057   1.00 22.12  ? 47  GLY A CA  1 
ATOM   397  C  C   . GLY A 1 51  ? -13.338 -11.936 2.930   1.00 37.23  ? 47  GLY A C   1 
ATOM   398  O  O   . GLY A 1 51  ? -13.271 -12.293 1.739   1.00 35.35  ? 47  GLY A O   1 
ATOM   399  N  N   . ASP A 1 52  ? -13.974 -10.843 3.319   1.00 39.80  ? 48  ASP A N   1 
ATOM   400  C  CA  . ASP A 1 52  ? -15.012 -10.209 2.512   1.00 47.77  ? 48  ASP A CA  1 
ATOM   401  C  C   . ASP A 1 52  ? -14.586 -8.825  2.058   1.00 49.95  ? 48  ASP A C   1 
ATOM   402  O  O   . ASP A 1 52  ? -15.376 -8.086  1.456   1.00 53.46  ? 48  ASP A O   1 
ATOM   403  C  CB  . ASP A 1 52  ? -16.277 -10.070 3.374   1.00 52.29  ? 48  ASP A CB  1 
ATOM   404  C  CG  . ASP A 1 52  ? -16.063 -9.164  4.632   1.00 82.31  ? 48  ASP A CG  1 
ATOM   405  O  OD1 . ASP A 1 52  ? -14.988 -9.228  5.313   1.00 61.69  ? 48  ASP A OD1 1 
ATOM   406  O  OD2 . ASP A 1 52  ? -16.990 -8.375  4.932   1.00 77.18  ? 48  ASP A OD2 1 
ATOM   407  N  N   . GLY A 1 53  ? -13.358 -8.447  2.400   1.00 36.05  ? 49  GLY A N   1 
ATOM   408  C  CA  . GLY A 1 53  ? -12.881 -7.112  2.083   1.00 27.91  ? 49  GLY A CA  1 
ATOM   409  C  C   . GLY A 1 53  ? -12.682 -6.214  3.292   1.00 32.73  ? 49  GLY A C   1 
ATOM   410  O  O   . GLY A 1 53  ? -11.978 -5.218  3.206   1.00 44.02  ? 49  GLY A O   1 
ATOM   411  N  N   . GLY A 1 54  ? -13.304 -6.547  4.421   1.00 26.46  ? 50  GLY A N   1 
ATOM   412  C  CA  . GLY A 1 54  ? -13.110 -5.746  5.619   1.00 28.40  ? 50  GLY A CA  1 
ATOM   413  C  C   . GLY A 1 54  ? -11.905 -6.191  6.426   1.00 41.80  ? 50  GLY A C   1 
ATOM   414  O  O   . GLY A 1 54  ? -11.182 -7.130  6.047   1.00 29.92  ? 50  GLY A O   1 
ATOM   415  N  N   . PRO A 1 55  ? -11.686 -5.529  7.563   1.00 44.68  ? 51  PRO A N   1 
ATOM   416  C  CA  . PRO A 1 55  ? -10.554 -5.857  8.434   1.00 34.34  ? 51  PRO A CA  1 
ATOM   417  C  C   . PRO A 1 55  ? -10.502 -7.354  8.714   1.00 26.06  ? 51  PRO A C   1 
ATOM   418  O  O   . PRO A 1 55  ? -11.524 -7.938  9.030   1.00 32.34  ? 51  PRO A O   1 
ATOM   419  C  CB  . PRO A 1 55  ? -10.867 -5.070  9.703   1.00 25.03  ? 51  PRO A CB  1 
ATOM   420  C  CG  . PRO A 1 55  ? -11.591 -3.854  9.192   1.00 30.36  ? 51  PRO A CG  1 
ATOM   421  C  CD  . PRO A 1 55  ? -12.490 -4.422  8.096   1.00 22.16  ? 51  PRO A CD  1 
ATOM   422  N  N   . GLY A 1 56  ? -9.325  -7.960  8.575   1.00 33.44  ? 52  GLY A N   1 
ATOM   423  C  CA  . GLY A 1 56  ? -9.151  -9.394  8.770   1.00 19.86  ? 52  GLY A CA  1 
ATOM   424  C  C   . GLY A 1 56  ? -8.919  -10.101 7.432   1.00 29.48  ? 52  GLY A C   1 
ATOM   425  O  O   . GLY A 1 56  ? -8.414  -11.229 7.397   1.00 31.36  ? 52  GLY A O   1 
ATOM   426  N  N   . THR A 1 57  ? -9.285  -9.432  6.331   1.00 23.04  ? 53  THR A N   1 
ATOM   427  C  CA  . THR A 1 57  ? -9.159  -9.989  4.982   1.00 28.07  ? 53  THR A CA  1 
ATOM   428  C  C   . THR A 1 57  ? -7.681  -10.192 4.593   1.00 35.67  ? 53  THR A C   1 
ATOM   429  O  O   . THR A 1 57  ? -6.813  -9.402  4.971   1.00 34.20  ? 53  THR A O   1 
ATOM   430  C  CB  . THR A 1 57  ? -9.896  -9.098  3.950   1.00 31.60  ? 53  THR A CB  1 
ATOM   431  O  OG1 . THR A 1 57  ? -11.319 -9.187  4.151   1.00 27.54  ? 53  THR A OG1 1 
ATOM   432  C  CG2 . THR A 1 57  ? -9.576  -9.523  2.552   1.00 22.22  ? 53  THR A CG2 1 
ATOM   433  N  N   . ILE A 1 58  ? -7.385  -11.268 3.875   1.00 34.67  ? 54  ILE A N   1 
ATOM   434  C  CA  . ILE A 1 58  ? -6.031  -11.502 3.419   1.00 27.27  ? 54  ILE A CA  1 
ATOM   435  C  C   . ILE A 1 58  ? -6.089  -11.467 1.917   1.00 25.98  ? 54  ILE A C   1 
ATOM   436  O  O   . ILE A 1 58  ? -6.823  -12.240 1.304   1.00 30.42  ? 54  ILE A O   1 
ATOM   437  C  CB  . ILE A 1 58  ? -5.529  -12.853 3.897   1.00 32.02  ? 54  ILE A CB  1 
ATOM   438  C  CG1 . ILE A 1 58  ? -5.588  -12.882 5.417   1.00 28.49  ? 54  ILE A CG1 1 
ATOM   439  C  CG2 . ILE A 1 58  ? -4.132  -13.045 3.446   1.00 27.49  ? 54  ILE A CG2 1 
ATOM   440  C  CD1 . ILE A 1 58  ? -5.123  -14.169 6.047   1.00 20.96  ? 54  ILE A CD1 1 
ATOM   441  N  N   . LYS A 1 59  ? -5.377  -10.519 1.327   1.00 23.72  ? 55  LYS A N   1 
ATOM   442  C  CA  . LYS A 1 59  ? -5.313  -10.407 -0.126  1.00 23.96  ? 55  LYS A CA  1 
ATOM   443  C  C   . LYS A 1 59  ? -3.930  -10.832 -0.569  1.00 34.29  ? 55  LYS A C   1 
ATOM   444  O  O   . LYS A 1 59  ? -3.010  -10.943 0.256   1.00 31.17  ? 55  LYS A O   1 
ATOM   445  C  CB  . LYS A 1 59  ? -5.592  -8.989  -0.592  1.00 25.26  ? 55  LYS A CB  1 
ATOM   446  C  CG  . LYS A 1 59  ? -7.059  -8.625  -0.551  1.00 33.92  ? 55  LYS A CG  1 
ATOM   447  C  CD  . LYS A 1 59  ? -7.259  -7.264  -1.146  1.00 43.10  ? 55  LYS A CD  1 
ATOM   448  C  CE  . LYS A 1 59  ? -8.704  -6.803  -1.004  1.00 63.45  ? 55  LYS A CE  1 
ATOM   449  N  NZ  . LYS A 1 59  ? -8.811  -5.297  -0.864  1.00 62.14  ? 55  LYS A NZ  1 
ATOM   450  N  N   . LYS A 1 60  ? -3.771  -11.074 -1.867  1.00 32.32  ? 56  LYS A N   1 
ATOM   451  C  CA  . LYS A 1 60  ? -2.488  -11.528 -2.368  1.00 25.77  ? 56  LYS A CA  1 
ATOM   452  C  C   . LYS A 1 60  ? -2.097  -10.970 -3.730  1.00 33.36  ? 56  LYS A C   1 
ATOM   453  O  O   . LYS A 1 60  ? -2.839  -11.134 -4.701  1.00 43.00  ? 56  LYS A O   1 
ATOM   454  C  CB  . LYS A 1 60  ? -2.450  -13.035 -2.395  1.00 23.36  ? 56  LYS A CB  1 
ATOM   455  C  CG  . LYS A 1 60  ? -1.192  -13.531 -3.014  1.00 36.08  ? 56  LYS A CG  1 
ATOM   456  C  CD  . LYS A 1 60  ? -1.181  -15.030 -2.999  1.00 32.26  ? 56  LYS A CD  1 
ATOM   457  C  CE  . LYS A 1 60  ? -0.195  -15.552 -4.003  1.00 47.75  ? 56  LYS A CE  1 
ATOM   458  N  NZ  . LYS A 1 60  ? -0.111  -17.002 -3.818  1.00 43.38  ? 56  LYS A NZ  1 
ATOM   459  N  N   . LEU A 1 61  ? -0.943  -10.298 -3.792  1.00 30.20  ? 57  LEU A N   1 
ATOM   460  C  CA  . LEU A 1 61  ? -0.425  -9.807  -5.056  1.00 23.77  ? 57  LEU A CA  1 
ATOM   461  C  C   . LEU A 1 61  ? 0.568   -10.826 -5.570  1.00 29.62  ? 57  LEU A C   1 
ATOM   462  O  O   . LEU A 1 61  ? 1.443   -11.305 -4.838  1.00 30.24  ? 57  LEU A O   1 
ATOM   463  C  CB  . LEU A 1 61  ? 0.252   -8.458  -4.906  1.00 21.06  ? 57  LEU A CB  1 
ATOM   464  C  CG  . LEU A 1 61  ? -0.616  -7.334  -4.354  1.00 29.08  ? 57  LEU A CG  1 
ATOM   465  C  CD1 . LEU A 1 61  ? 0.212   -6.046  -4.190  1.00 29.83  ? 57  LEU A CD1 1 
ATOM   466  C  CD2 . LEU A 1 61  ? -1.828  -7.119  -5.248  1.00 26.75  ? 57  LEU A CD2 1 
ATOM   467  N  N   . THR A 1 62  ? 0.386   -11.190 -6.829  1.00 26.11  ? 58  THR A N   1 
ATOM   468  C  CA  . THR A 1 62  ? 1.358   -11.955 -7.571  1.00 30.12  ? 58  THR A CA  1 
ATOM   469  C  C   . THR A 1 62  ? 2.018   -11.035 -8.609  1.00 26.76  ? 58  THR A C   1 
ATOM   470  O  O   . THR A 1 62  ? 1.338   -10.384 -9.406  1.00 30.11  ? 58  THR A O   1 
ATOM   471  C  CB  . THR A 1 62  ? 0.687   -13.147 -8.274  1.00 39.42  ? 58  THR A CB  1 
ATOM   472  O  OG1 . THR A 1 62  ? 0.201   -14.070 -7.287  1.00 36.37  ? 58  THR A OG1 1 
ATOM   473  C  CG2 . THR A 1 62  ? 1.694   -13.852 -9.163  1.00 22.78  ? 58  THR A CG2 1 
ATOM   474  N  N   . PHE A 1 63  ? 3.340   -10.988 -8.607  1.00 26.49  ? 59  PHE A N   1 
ATOM   475  C  CA  . PHE A 1 63  ? 4.065   -10.096 -9.495  1.00 24.32  ? 59  PHE A CA  1 
ATOM   476  C  C   . PHE A 1 63  ? 4.418   -10.717 -10.847 1.00 30.45  ? 59  PHE A C   1 
ATOM   477  O  O   . PHE A 1 63  ? 4.625   -11.940 -10.970 1.00 29.24  ? 59  PHE A O   1 
ATOM   478  C  CB  . PHE A 1 63  ? 5.289   -9.561  -8.761  1.00 18.96  ? 59  PHE A CB  1 
ATOM   479  C  CG  . PHE A 1 63  ? 4.926   -8.855  -7.494  1.00 29.57  ? 59  PHE A CG  1 
ATOM   480  C  CD1 . PHE A 1 63  ? 4.239   -7.644  -7.539  1.00 26.01  ? 59  PHE A CD1 1 
ATOM   481  C  CD2 . PHE A 1 63  ? 5.204   -9.420  -6.253  1.00 30.61  ? 59  PHE A CD2 1 
ATOM   482  C  CE1 . PHE A 1 63  ? 3.866   -6.991  -6.369  1.00 24.06  ? 59  PHE A CE1 1 
ATOM   483  C  CE2 . PHE A 1 63  ? 4.853   -8.760  -5.084  1.00 30.45  ? 59  PHE A CE2 1 
ATOM   484  C  CZ  . PHE A 1 63  ? 4.160   -7.552  -5.147  1.00 27.85  ? 59  PHE A CZ  1 
ATOM   485  N  N   . VAL A 1 64  ? 4.432   -9.869  -11.872 1.00 25.66  ? 60  VAL A N   1 
ATOM   486  C  CA  . VAL A 1 64  ? 4.831   -10.287 -13.209 1.00 35.23  ? 60  VAL A CA  1 
ATOM   487  C  C   . VAL A 1 64  ? 6.337   -10.541 -13.196 1.00 34.48  ? 60  VAL A C   1 
ATOM   488  O  O   . VAL A 1 64  ? 7.114   -9.666  -12.793 1.00 32.96  ? 60  VAL A O   1 
ATOM   489  C  CB  . VAL A 1 64  ? 4.544   -9.186  -14.250 1.00 37.54  ? 60  VAL A CB  1 
ATOM   490  C  CG1 . VAL A 1 64  ? 5.180   -9.545  -15.585 1.00 23.21  ? 60  VAL A CG1 1 
ATOM   491  C  CG2 . VAL A 1 64  ? 3.061   -8.974  -14.405 1.00 28.45  ? 60  VAL A CG2 1 
ATOM   492  N  N   . GLY A 1 65  ? 6.754   -11.728 -13.621 1.00 30.62  ? 61  GLY A N   1 
ATOM   493  C  CA  . GLY A 1 65  ? 8.176   -12.023 -13.623 1.00 28.29  ? 61  GLY A CA  1 
ATOM   494  C  C   . GLY A 1 65  ? 8.640   -12.863 -12.448 1.00 31.44  ? 61  GLY A C   1 
ATOM   495  O  O   . GLY A 1 65  ? 7.825   -13.445 -11.710 1.00 34.84  ? 61  GLY A O   1 
ATOM   496  N  N   . ASP A 1 66  ? 9.959   -12.949 -12.286 1.00 26.51  ? 62  ASP A N   1 
ATOM   497  C  CA  . ASP A 1 66  ? 10.541  -13.727 -11.201 1.00 30.00  ? 62  ASP A CA  1 
ATOM   498  C  C   . ASP A 1 66  ? 10.610  -12.903 -9.896  1.00 36.10  ? 62  ASP A C   1 
ATOM   499  O  O   . ASP A 1 66  ? 11.601  -12.962 -9.169  1.00 33.08  ? 62  ASP A O   1 
ATOM   500  C  CB  . ASP A 1 66  ? 11.914  -14.266 -11.604 1.00 22.59  ? 62  ASP A CB  1 
ATOM   501  C  CG  . ASP A 1 66  ? 12.873  -13.157 -12.059 1.00 32.38  ? 62  ASP A CG  1 
ATOM   502  O  OD1 . ASP A 1 66  ? 12.511  -12.281 -12.877 1.00 29.22  ? 62  ASP A OD1 1 
ATOM   503  O  OD2 . ASP A 1 66  ? 14.009  -13.147 -11.581 1.00 39.23  ? 62  ASP A OD2 1 
ATOM   504  N  N   . PHE A 1 67  ? 9.542   -12.156 -9.590  1.00 34.25  ? 63  PHE A N   1 
ATOM   505  C  CA  . PHE A 1 67  ? 9.526   -11.323 -8.395  1.00 27.58  ? 63  PHE A CA  1 
ATOM   506  C  C   . PHE A 1 67  ? 8.609   -11.827 -7.266  1.00 28.77  ? 63  PHE A C   1 
ATOM   507  O  O   . PHE A 1 67  ? 8.394   -11.154 -6.251  1.00 38.51  ? 63  PHE A O   1 
ATOM   508  C  CB  . PHE A 1 67  ? 9.252   -9.882  -8.787  1.00 24.44  ? 63  PHE A CB  1 
ATOM   509  C  CG  . PHE A 1 67  ? 10.265  -9.338  -9.741  1.00 29.44  ? 63  PHE A CG  1 
ATOM   510  C  CD1 . PHE A 1 67  ? 11.576  -9.127  -9.326  1.00 39.74  ? 63  PHE A CD1 1 
ATOM   511  C  CD2 . PHE A 1 67  ? 9.938   -9.076  -11.060 1.00 41.88  ? 63  PHE A CD2 1 
ATOM   512  C  CE1 . PHE A 1 67  ? 12.530  -8.651  -10.200 1.00 32.80  ? 63  PHE A CE1 1 
ATOM   513  C  CE2 . PHE A 1 67  ? 10.891  -8.586  -11.953 1.00 31.27  ? 63  PHE A CE2 1 
ATOM   514  C  CZ  . PHE A 1 67  ? 12.183  -8.392  -11.530 1.00 41.32  ? 63  PHE A CZ  1 
ATOM   515  N  N   . GLY A 1 68  ? 8.105   -13.039 -7.421  1.00 28.13  ? 64  GLY A N   1 
ATOM   516  C  CA  . GLY A 1 68  ? 7.368   -13.662 -6.341  1.00 22.54  ? 64  GLY A CA  1 
ATOM   517  C  C   . GLY A 1 68  ? 5.935   -13.215 -6.172  1.00 28.02  ? 64  GLY A C   1 
ATOM   518  O  O   . GLY A 1 68  ? 5.252   -12.801 -7.111  1.00 29.57  ? 64  GLY A O   1 
ATOM   519  N  N   . SER A 1 69  ? 5.470   -13.311 -4.943  1.00 31.57  ? 65  SER A N   1 
ATOM   520  C  CA  . SER A 1 69  ? 4.140   -12.868 -4.596  1.00 25.79  ? 65  SER A CA  1 
ATOM   521  C  C   . SER A 1 69  ? 4.211   -12.421 -3.160  1.00 33.15  ? 65  SER A C   1 
ATOM   522  O  O   . SER A 1 69  ? 5.150   -12.755 -2.432  1.00 32.37  ? 65  SER A O   1 
ATOM   523  C  CB  . SER A 1 69  ? 3.146   -14.009 -4.709  1.00 20.49  ? 65  SER A CB  1 
ATOM   524  O  OG  . SER A 1 69  ? 3.370   -14.924 -3.660  1.00 29.82  ? 65  SER A OG  1 
ATOM   525  N  N   . THR A 1 70  ? 3.213   -11.666 -2.739  1.00 24.94  ? 66  THR A N   1 
ATOM   526  C  CA  . THR A 1 70  ? 3.197   -11.196 -1.360  1.00 31.99  ? 66  THR A CA  1 
ATOM   527  C  C   . THR A 1 70  ? 1.752   -11.053 -0.831  1.00 28.94  ? 66  THR A C   1 
ATOM   528  O  O   . THR A 1 70  ? 0.814   -10.712 -1.590  1.00 25.84  ? 66  THR A O   1 
ATOM   529  C  CB  . THR A 1 70  ? 4.021   -9.876  -1.227  1.00 33.02  ? 66  THR A CB  1 
ATOM   530  O  OG1 . THR A 1 70  ? 4.051   -9.444  0.135   1.00 49.14  ? 66  THR A OG1 1 
ATOM   531  C  CG2 . THR A 1 70  ? 3.404   -8.804  -2.038  1.00 48.92  ? 66  THR A CG2 1 
ATOM   532  N  N   . LYS A 1 71  ? 1.559   -11.336 0.452   1.00 24.64  ? 67  LYS A N   1 
ATOM   533  C  CA  . LYS A 1 71  ? 0.229   -11.206 1.054   1.00 30.74  ? 67  LYS A CA  1 
ATOM   534  C  C   . LYS A 1 71  ? 0.028   -9.898  1.814   1.00 28.37  ? 67  LYS A C   1 
ATOM   535  O  O   . LYS A 1 71  ? 0.934   -9.447  2.514   1.00 35.16  ? 67  LYS A O   1 
ATOM   536  C  CB  . LYS A 1 71  ? -0.033  -12.360 1.999   1.00 29.51  ? 67  LYS A CB  1 
ATOM   537  C  CG  . LYS A 1 71  ? -0.250  -13.659 1.299   1.00 25.29  ? 67  LYS A CG  1 
ATOM   538  C  CD  . LYS A 1 71  ? 0.192   -14.747 2.220   1.00 33.38  ? 67  LYS A CD  1 
ATOM   539  C  CE  . LYS A 1 71  ? -0.748  -15.912 2.161   1.00 28.32  ? 67  LYS A CE  1 
ATOM   540  N  NZ  . LYS A 1 71  ? -0.294  -16.931 3.147   1.00 58.73  ? 67  LYS A NZ  1 
ATOM   541  N  N   . GLN A 1 72  ? -1.159  -9.307  1.668   1.00 28.32  ? 68  GLN A N   1 
ATOM   542  C  CA  . GLN A 1 72  ? -1.556  -8.124  2.427   1.00 21.86  ? 68  GLN A CA  1 
ATOM   543  C  C   . GLN A 1 72  ? -2.592  -8.536  3.467   1.00 25.53  ? 68  GLN A C   1 
ATOM   544  O  O   . GLN A 1 72  ? -3.585  -9.181  3.150   1.00 28.74  ? 68  GLN A O   1 
ATOM   545  C  CB  . GLN A 1 72  ? -2.160  -7.061  1.504   1.00 26.05  ? 68  GLN A CB  1 
ATOM   546  C  CG  . GLN A 1 72  ? -1.326  -6.720  0.273   1.00 20.95  ? 68  GLN A CG  1 
ATOM   547  C  CD  . GLN A 1 72  ? -2.045  -5.744  -0.646  1.00 29.53  ? 68  GLN A CD  1 
ATOM   548  O  OE1 . GLN A 1 72  ? -3.276  -5.735  -0.727  1.00 33.49  ? 68  GLN A OE1 1 
ATOM   549  N  NE2 . GLN A 1 72  ? -1.280  -4.923  -1.355  1.00 30.64  ? 68  GLN A NE2 1 
ATOM   550  N  N   . HIS A 1 73  ? -2.360  -8.168  4.714   1.00 26.87  ? 69  HIS A N   1 
ATOM   551  C  CA  . HIS A 1 73  ? -3.334  -8.433  5.753   1.00 18.28  ? 69  HIS A CA  1 
ATOM   552  C  C   . HIS A 1 73  ? -4.015  -7.147  6.122   1.00 20.34  ? 69  HIS A C   1 
ATOM   553  O  O   . HIS A 1 73  ? -3.388  -6.201  6.611   1.00 29.70  ? 69  HIS A O   1 
ATOM   554  C  CB  . HIS A 1 73  ? -2.677  -9.065  6.972   1.00 22.93  ? 69  HIS A CB  1 
ATOM   555  C  CG  . HIS A 1 73  ? -1.992  -10.351 6.663   1.00 34.73  ? 69  HIS A CG  1 
ATOM   556  N  ND1 . HIS A 1 73  ? -2.522  -11.574 7.025   1.00 30.78  ? 69  HIS A ND1 1 
ATOM   557  C  CD2 . HIS A 1 73  ? -0.844  -10.610 5.990   1.00 20.55  ? 69  HIS A CD2 1 
ATOM   558  C  CE1 . HIS A 1 73  ? -1.711  -12.531 6.602   1.00 26.81  ? 69  HIS A CE1 1 
ATOM   559  N  NE2 . HIS A 1 73  ? -0.692  -11.976 5.973   1.00 18.38  ? 69  HIS A NE2 1 
ATOM   560  N  N   . ILE A 1 74  ? -5.315  -7.117  5.884   1.00 24.75  ? 70  ILE A N   1 
ATOM   561  C  CA  . ILE A 1 74  ? -6.054  -5.873  5.933   1.00 29.50  ? 70  ILE A CA  1 
ATOM   562  C  C   . ILE A 1 74  ? -6.441  -5.467  7.354   1.00 27.29  ? 70  ILE A C   1 
ATOM   563  O  O   . ILE A 1 74  ? -7.067  -6.235  8.071   1.00 28.80  ? 70  ILE A O   1 
ATOM   564  C  CB  . ILE A 1 74  ? -7.205  -5.945  4.948   1.00 22.57  ? 70  ILE A CB  1 
ATOM   565  C  CG1 . ILE A 1 74  ? -6.564  -6.145  3.576   1.00 29.45  ? 70  ILE A CG1 1 
ATOM   566  C  CG2 . ILE A 1 74  ? -8.003  -4.679  4.994   1.00 22.24  ? 70  ILE A CG2 1 
ATOM   567  C  CD1 . ILE A 1 74  ? -7.434  -5.876  2.461   1.00 44.06  ? 70  ILE A CD1 1 
ATOM   568  N  N   . ASP A 1 75  ? -6.010  -4.281  7.773   1.00 28.15  ? 71  ASP A N   1 
ATOM   569  C  CA  . ASP A 1 75  ? -6.251  -3.817  9.139   1.00 25.27  ? 71  ASP A CA  1 
ATOM   570  C  C   . ASP A 1 75  ? -7.457  -2.858  9.299   1.00 28.90  ? 71  ASP A C   1 
ATOM   571  O  O   . ASP A 1 75  ? -8.295  -3.068  10.142  1.00 39.55  ? 71  ASP A O   1 
ATOM   572  C  CB  . ASP A 1 75  ? -4.997  -3.170  9.712   1.00 23.95  ? 71  ASP A CB  1 
ATOM   573  C  CG  . ASP A 1 75  ? -5.122  -2.896  11.218  1.00 31.36  ? 71  ASP A CG  1 
ATOM   574  O  OD1 . ASP A 1 75  ? -5.307  -3.865  11.987  1.00 36.71  ? 71  ASP A OD1 1 
ATOM   575  O  OD2 . ASP A 1 75  ? -5.046  -1.719  11.644  1.00 38.17  ? 71  ASP A OD2 1 
ATOM   576  N  N   . MET A 1 76  ? -7.532  -1.803  8.502   1.00 32.87  ? 72  MET A N   1 
ATOM   577  C  CA  . MET A 1 76  ? -8.609  -0.829  8.634   1.00 21.76  ? 72  MET A CA  1 
ATOM   578  C  C   . MET A 1 76  ? -9.233  -0.524  7.329   1.00 31.51  ? 72  MET A C   1 
ATOM   579  O  O   . MET A 1 76  ? -8.539  -0.236  6.364   1.00 38.91  ? 72  MET A O   1 
ATOM   580  C  CB  . MET A 1 76  ? -8.091  0.464   9.204   1.00 35.76  ? 72  MET A CB  1 
ATOM   581  C  CG  . MET A 1 76  ? -7.512  0.233   10.580  1.00 66.44  ? 72  MET A CG  1 
ATOM   582  S  SD  . MET A 1 76  ? -7.776  1.661   11.607  1.00 91.04  ? 72  MET A SD  1 
ATOM   583  C  CE  . MET A 1 76  ? -7.767  0.893   13.200  1.00 22.35  ? 72  MET A CE  1 
ATOM   584  N  N   . VAL A 1 77  ? -10.550 -0.593  7.273   1.00 33.87  ? 73  VAL A N   1 
ATOM   585  C  CA  . VAL A 1 77  ? -11.210 -0.197  6.043   1.00 39.42  ? 73  VAL A CA  1 
ATOM   586  C  C   . VAL A 1 77  ? -12.242 0.853   6.387   1.00 31.49  ? 73  VAL A C   1 
ATOM   587  O  O   . VAL A 1 77  ? -13.212 0.568   7.082   1.00 56.03  ? 73  VAL A O   1 
ATOM   588  C  CB  . VAL A 1 77  ? -11.900 -1.365  5.389   1.00 35.92  ? 73  VAL A CB  1 
ATOM   589  C  CG1 . VAL A 1 77  ? -12.440 -0.935  4.071   1.00 30.02  ? 73  VAL A CG1 1 
ATOM   590  C  CG2 . VAL A 1 77  ? -10.943 -2.513  5.213   1.00 30.21  ? 73  VAL A CG2 1 
ATOM   591  N  N   . ASP A 1 78  ? -12.013 2.086   5.956   1.00 37.60  ? 74  ASP A N   1 
ATOM   592  C  CA  . ASP A 1 78  ? -12.921 3.181   6.308   1.00 29.28  ? 74  ASP A CA  1 
ATOM   593  C  C   . ASP A 1 78  ? -13.428 3.910   5.067   1.00 30.30  ? 74  ASP A C   1 
ATOM   594  O  O   . ASP A 1 78  ? -12.811 4.879   4.623   1.00 35.58  ? 74  ASP A O   1 
ATOM   595  C  CB  . ASP A 1 78  ? -12.232 4.166   7.249   1.00 30.53  ? 74  ASP A CB  1 
ATOM   596  C  CG  . ASP A 1 78  ? -13.170 5.247   7.774   1.00 40.49  ? 74  ASP A CG  1 
ATOM   597  O  OD1 . ASP A 1 78  ? -14.285 5.409   7.227   1.00 42.55  ? 74  ASP A OD1 1 
ATOM   598  O  OD2 . ASP A 1 78  ? -12.778 5.954   8.737   1.00 46.78  ? 74  ASP A OD2 1 
ATOM   599  N  N   . ARG A 1 79  ? -14.562 3.466   4.528   1.00 28.16  ? 75  ARG A N   1 
ATOM   600  C  CA  . ARG A 1 79  ? -15.097 4.075   3.324   1.00 35.00  ? 75  ARG A CA  1 
ATOM   601  C  C   . ARG A 1 79  ? -15.438 5.547   3.554   1.00 36.74  ? 75  ARG A C   1 
ATOM   602  O  O   . ARG A 1 79  ? -15.074 6.396   2.740   1.00 35.76  ? 75  ARG A O   1 
ATOM   603  C  CB  . ARG A 1 79  ? -16.313 3.311   2.810   1.00 29.10  ? 75  ARG A CB  1 
ATOM   604  C  CG  . ARG A 1 79  ? -16.729 3.741   1.419   1.00 41.67  ? 75  ARG A CG  1 
ATOM   605  C  CD  . ARG A 1 79  ? -17.661 2.731   0.761   1.00 54.20  ? 75  ARG A CD  1 
ATOM   606  N  NE  . ARG A 1 79  ? -18.077 3.205   -0.553  0.50 62.40  ? 75  ARG A NE  1 
ATOM   607  C  CZ  . ARG A 1 79  ? -19.326 3.150   -0.986  0.00 63.12  ? 75  ARG A CZ  1 
ATOM   608  N  NH1 . ARG A 1 79  ? -20.252 2.628   -0.206  1.00 72.54  ? 75  ARG A NH1 1 
ATOM   609  N  NH2 . ARG A 1 79  ? -19.648 3.608   -2.189  1.00 63.85  ? 75  ARG A NH2 1 
ATOM   610  N  N   . GLU A 1 80  ? -16.105 5.849   4.667   1.00 34.13  ? 76  GLU A N   1 
ATOM   611  C  CA  . GLU A 1 80  ? -16.548 7.218   4.903   1.00 34.47  ? 76  GLU A CA  1 
ATOM   612  C  C   . GLU A 1 80  ? -15.410 8.187   4.774   1.00 34.24  ? 76  GLU A C   1 
ATOM   613  O  O   . GLU A 1 80  ? -15.554 9.196   4.091   1.00 43.50  ? 76  GLU A O   1 
ATOM   614  C  CB  . GLU A 1 80  ? -17.223 7.401   6.264   1.00 38.50  ? 76  GLU A CB  1 
ATOM   615  C  CG  . GLU A 1 80  ? -18.739 7.197   6.234   0.78 51.20  ? 76  GLU A CG  1 
ATOM   616  C  CD  . GLU A 1 80  ? -19.393 7.781   4.988   0.00 48.30  ? 76  GLU A CD  1 
ATOM   617  O  OE1 . GLU A 1 80  ? -19.707 8.990   4.993   0.86 63.77  ? 76  GLU A OE1 1 
ATOM   618  O  OE2 . GLU A 1 80  ? -19.600 7.029   4.006   0.83 48.08  ? 76  GLU A OE2 1 
ATOM   619  N  N   . ASN A 1 81  ? -14.270 7.861   5.388   1.00 35.85  ? 77  ASN A N   1 
ATOM   620  C  CA  . ASN A 1 81  ? -13.121 8.781   5.391   1.00 33.20  ? 77  ASN A CA  1 
ATOM   621  C  C   . ASN A 1 81  ? -12.032 8.404   4.408   1.00 32.72  ? 77  ASN A C   1 
ATOM   622  O  O   . ASN A 1 81  ? -10.907 8.915   4.505   1.00 34.91  ? 77  ASN A O   1 
ATOM   623  C  CB  . ASN A 1 81  ? -12.508 8.951   6.792   1.00 35.42  ? 77  ASN A CB  1 
ATOM   624  C  CG  . ASN A 1 81  ? -13.529 9.406   7.839   1.00 37.92  ? 77  ASN A CG  1 
ATOM   625  O  OD1 . ASN A 1 81  ? -14.250 10.391  7.660   1.00 53.05  ? 77  ASN A OD1 1 
ATOM   626  N  ND2 . ASN A 1 81  ? -13.601 8.665   8.930   1.00 34.72  ? 77  ASN A ND2 1 
ATOM   627  N  N   . CYS A 1 82  ? -12.373 7.527   3.461   1.00 32.68  ? 78  CYS A N   1 
ATOM   628  C  CA  . CYS A 1 82  ? -11.418 7.012   2.468   1.00 32.35  ? 78  CYS A CA  1 
ATOM   629  C  C   . CYS A 1 82  ? -10.051 6.586   3.029   1.00 33.62  ? 78  CYS A C   1 
ATOM   630  O  O   . CYS A 1 82  ? -9.005  7.052   2.564   1.00 31.67  ? 78  CYS A O   1 
ATOM   631  C  CB  . CYS A 1 82  ? -11.218 8.038   1.358   1.00 36.02  ? 78  CYS A CB  1 
ATOM   632  S  SG  . CYS A 1 82  ? -12.728 8.337   0.454   1.00 36.80  ? 78  CYS A SG  1 
ATOM   633  N  N   . ALA A 1 83  ? -10.063 5.699   4.017   1.00 35.77  ? 79  ALA A N   1 
ATOM   634  C  CA  . ALA A 1 83  ? -8.836  5.307   4.689   1.00 32.37  ? 79  ALA A CA  1 
ATOM   635  C  C   . ALA A 1 83  ? -8.670  3.790   4.687   1.00 33.22  ? 79  ALA A C   1 
ATOM   636  O  O   . ALA A 1 83  ? -9.641  3.039   4.873   1.00 32.64  ? 79  ALA A O   1 
ATOM   637  C  CB  . ALA A 1 83  ? -8.811  5.859   6.080   1.00 23.70  ? 79  ALA A CB  1 
ATOM   638  N  N   . TYR A 1 84  ? -7.427  3.356   4.483   1.00 23.53  ? 80  TYR A N   1 
ATOM   639  C  CA  . TYR A 1 84  ? -7.094  1.936   4.268   1.00 22.94  ? 80  TYR A CA  1 
ATOM   640  C  C   . TYR A 1 84  ? -5.730  1.625   4.902   1.00 21.19  ? 80  TYR A C   1 
ATOM   641  O  O   . TYR A 1 84  ? -4.784  2.402   4.748   1.00 20.41  ? 80  TYR A O   1 
ATOM   642  C  CB  . TYR A 1 84  ? -7.017  1.717   2.768   1.00 21.10  ? 80  TYR A CB  1 
ATOM   643  C  CG  . TYR A 1 84  ? -6.893  0.308   2.240   1.00 39.39  ? 80  TYR A CG  1 
ATOM   644  C  CD1 . TYR A 1 84  ? -7.758  -0.698  2.644   1.00 24.48  ? 80  TYR A CD1 1 
ATOM   645  C  CD2 . TYR A 1 84  ? -5.950  0.003   1.239   1.00 25.10  ? 80  TYR A CD2 1 
ATOM   646  C  CE1 . TYR A 1 84  ? -7.655  -2.008  2.099   1.00 26.97  ? 80  TYR A CE1 1 
ATOM   647  C  CE2 . TYR A 1 84  ? -5.858  -1.284  0.683   1.00 24.05  ? 80  TYR A CE2 1 
ATOM   648  C  CZ  . TYR A 1 84  ? -6.719  -2.284  1.111   1.00 29.63  ? 80  TYR A CZ  1 
ATOM   649  O  OH  . TYR A 1 84  ? -6.618  -3.560  0.561   1.00 32.31  ? 80  TYR A OH  1 
ATOM   650  N  N   . THR A 1 85  ? -5.628  0.504   5.610   1.00 19.89  ? 81  THR A N   1 
ATOM   651  C  CA  . THR A 1 85  ? -4.381  0.097   6.233   1.00 17.02  ? 81  THR A CA  1 
ATOM   652  C  C   . THR A 1 85  ? -4.212  -1.395  6.076   1.00 25.28  ? 81  THR A C   1 
ATOM   653  O  O   . THR A 1 85  ? -5.147  -2.135  6.312   1.00 25.98  ? 81  THR A O   1 
ATOM   654  C  CB  . THR A 1 85  ? -4.396  0.386   7.719   1.00 22.46  ? 81  THR A CB  1 
ATOM   655  O  OG1 . THR A 1 85  ? -4.696  1.768   7.902   1.00 32.90  ? 81  THR A OG1 1 
ATOM   656  C  CG2 . THR A 1 85  ? -3.036  0.090   8.330   1.00 22.22  ? 81  THR A CG2 1 
ATOM   657  N  N   . TYR A 1 86  ? -3.017  -1.849  5.702   1.00 29.55  ? 82  TYR A N   1 
ATOM   658  C  CA  . TYR A 1 86  ? -2.735  -3.292  5.719   1.00 25.79  ? 82  TYR A CA  1 
ATOM   659  C  C   . TYR A 1 86  ? -1.289  -3.554  6.087   1.00 31.82  ? 82  TYR A C   1 
ATOM   660  O  O   . TYR A 1 86  ? -0.469  -2.625  6.114   1.00 26.00  ? 82  TYR A O   1 
ATOM   661  C  CB  . TYR A 1 86  ? -3.043  -3.964  4.376   1.00 21.11  ? 82  TYR A CB  1 
ATOM   662  C  CG  . TYR A 1 86  ? -2.337  -3.350  3.192   1.00 26.33  ? 82  TYR A CG  1 
ATOM   663  C  CD1 . TYR A 1 86  ? -1.108  -3.852  2.755   1.00 20.72  ? 82  TYR A CD1 1 
ATOM   664  C  CD2 . TYR A 1 86  ? -2.898  -2.266  2.500   1.00 17.85  ? 82  TYR A CD2 1 
ATOM   665  C  CE1 . TYR A 1 86  ? -0.449  -3.299  1.655   1.00 21.99  ? 82  TYR A CE1 1 
ATOM   666  C  CE2 . TYR A 1 86  ? -2.242  -1.707  1.402   1.00 21.60  ? 82  TYR A CE2 1 
ATOM   667  C  CZ  . TYR A 1 86  ? -1.021  -2.231  0.988   1.00 21.36  ? 82  TYR A CZ  1 
ATOM   668  O  OH  . TYR A 1 86  ? -0.370  -1.686  -0.083  1.00 18.86  ? 82  TYR A OH  1 
ATOM   669  N  N   . SER A 1 87  ? -0.985  -4.822  6.358   1.00 17.84  ? 83  SER A N   1 
ATOM   670  C  CA  . SER A 1 87  ? 0.327   -5.209  6.798   1.00 19.82  ? 83  SER A CA  1 
ATOM   671  C  C   . SER A 1 87  ? 0.853   -6.325  5.924   1.00 28.77  ? 83  SER A C   1 
ATOM   672  O  O   . SER A 1 87  ? 0.085   -7.175  5.472   1.00 23.38  ? 83  SER A O   1 
ATOM   673  C  CB  . SER A 1 87  ? 0.244   -5.731  8.209   1.00 23.57  ? 83  SER A CB  1 
ATOM   674  O  OG  . SER A 1 87  ? -0.041  -4.676  9.077   1.00 30.81  ? 83  SER A OG  1 
ATOM   675  N  N   . VAL A 1 88  ? 2.165   -6.303  5.705   1.00 22.86  ? 84  VAL A N   1 
ATOM   676  C  CA  . VAL A 1 88  ? 2.891   -7.386  5.078   1.00 22.37  ? 84  VAL A CA  1 
ATOM   677  C  C   . VAL A 1 88  ? 3.822   -7.945  6.146   1.00 28.26  ? 84  VAL A C   1 
ATOM   678  O  O   . VAL A 1 88  ? 4.505   -7.178  6.856   1.00 23.37  ? 84  VAL A O   1 
ATOM   679  C  CB  . VAL A 1 88  ? 3.757   -6.858  3.963   1.00 22.55  ? 84  VAL A CB  1 
ATOM   680  C  CG1 . VAL A 1 88  ? 4.588   -7.967  3.435   1.00 13.99  ? 84  VAL A CG1 1 
ATOM   681  C  CG2 . VAL A 1 88  ? 2.885   -6.206  2.872   1.00 15.18  ? 84  VAL A CG2 1 
ATOM   682  N  N   . TYR A 1 89  ? 3.828   -9.271  6.280   1.00 22.64  ? 85  TYR A N   1 
ATOM   683  C  CA  . TYR A 1 89  ? 4.579   -9.931  7.339   1.00 26.44  ? 85  TYR A CA  1 
ATOM   684  C  C   . TYR A 1 89  ? 5.733   -10.782 6.815   1.00 30.00  ? 85  TYR A C   1 
ATOM   685  O  O   . TYR A 1 89  ? 6.545   -11.235 7.602   1.00 26.91  ? 85  TYR A O   1 
ATOM   686  C  CB  . TYR A 1 89  ? 3.671   -10.859 8.173   1.00 17.78  ? 85  TYR A CB  1 
ATOM   687  C  CG  . TYR A 1 89  ? 2.583   -10.172 8.955   1.00 30.97  ? 85  TYR A CG  1 
ATOM   688  C  CD1 . TYR A 1 89  ? 2.874   -9.325  10.023  1.00 27.35  ? 85  TYR A CD1 1 
ATOM   689  C  CD2 . TYR A 1 89  ? 1.253   -10.399 8.653   1.00 23.64  ? 85  TYR A CD2 1 
ATOM   690  C  CE1 . TYR A 1 89  ? 1.839   -8.709  10.759  1.00 29.58  ? 85  TYR A CE1 1 
ATOM   691  C  CE2 . TYR A 1 89  ? 0.241   -9.811  9.370   1.00 28.99  ? 85  TYR A CE2 1 
ATOM   692  C  CZ  . TYR A 1 89  ? 0.530   -8.954  10.410  1.00 39.34  ? 85  TYR A CZ  1 
ATOM   693  O  OH  . TYR A 1 89  ? -0.526  -8.360  11.077  1.00 32.48  ? 85  TYR A OH  1 
ATOM   694  N  N   . GLU A 1 90  ? 5.794   -11.027 5.506   1.00 35.69  ? 86  GLU A N   1 
ATOM   695  C  CA  . GLU A 1 90  ? 6.724   -12.034 4.969   1.00 29.48  ? 86  GLU A CA  1 
ATOM   696  C  C   . GLU A 1 90  ? 7.678   -11.488 3.897   1.00 27.54  ? 86  GLU A C   1 
ATOM   697  O  O   . GLU A 1 90  ? 7.300   -10.639 3.084   1.00 35.80  ? 86  GLU A O   1 
ATOM   698  C  CB  . GLU A 1 90  ? 5.940   -13.236 4.403   1.00 27.40  ? 86  GLU A CB  1 
ATOM   699  C  CG  . GLU A 1 90  ? 6.224   -14.555 5.089   1.00 49.50  ? 86  GLU A CG  1 
ATOM   700  C  CD  . GLU A 1 90  ? 5.139   -14.944 6.074   1.00 99.24  ? 86  GLU A CD  1 
ATOM   701  O  OE1 . GLU A 1 90  ? 5.400   -15.809 6.943   1.00 109.63 ? 86  GLU A OE1 1 
ATOM   702  O  OE2 . GLU A 1 90  ? 4.019   -14.387 5.971   1.00 105.62 ? 86  GLU A OE2 1 
ATOM   703  N  N   . GLY A 1 91  ? 8.912   -11.989 3.887   1.00 28.65  ? 87  GLY A N   1 
ATOM   704  C  CA  . GLY A 1 91  ? 9.892   -11.570 2.904   1.00 8.66   ? 87  GLY A CA  1 
ATOM   705  C  C   . GLY A 1 91  ? 10.228  -10.095 3.009   1.00 26.49  ? 87  GLY A C   1 
ATOM   706  O  O   . GLY A 1 91  ? 10.421  -9.414  1.981   1.00 33.58  ? 87  GLY A O   1 
ATOM   707  N  N   . ILE A 1 92  ? 10.315  -9.590  4.245   1.00 21.87  ? 88  ILE A N   1 
ATOM   708  C  CA  . ILE A 1 92  ? 10.483  -8.144  4.432   1.00 26.02  ? 88  ILE A CA  1 
ATOM   709  C  C   . ILE A 1 92  ? 11.852  -7.760  4.985   1.00 30.93  ? 88  ILE A C   1 
ATOM   710  O  O   . ILE A 1 92  ? 12.213  -6.576  5.042   1.00 28.29  ? 88  ILE A O   1 
ATOM   711  C  CB  . ILE A 1 92  ? 9.365   -7.547  5.271   1.00 30.73  ? 88  ILE A CB  1 
ATOM   712  C  CG1 . ILE A 1 92  ? 9.204   -8.367  6.547   1.00 19.69  ? 88  ILE A CG1 1 
ATOM   713  C  CG2 . ILE A 1 92  ? 8.063   -7.524  4.466   1.00 23.42  ? 88  ILE A CG2 1 
ATOM   714  C  CD1 . ILE A 1 92  ? 8.123   -7.890  7.386   1.00 21.03  ? 88  ILE A CD1 1 
ATOM   715  N  N   . ALA A 1 93  ? 12.632  -8.766  5.356   1.00 29.41  ? 89  ALA A N   1 
ATOM   716  C  CA  . ALA A 1 93  ? 14.007  -8.509  5.757   1.00 37.60  ? 89  ALA A CA  1 
ATOM   717  C  C   . ALA A 1 93  ? 14.808  -7.758  4.689   1.00 36.01  ? 89  ALA A C   1 
ATOM   718  O  O   . ALA A 1 93  ? 14.573  -7.868  3.471   1.00 57.43  ? 89  ALA A O   1 
ATOM   719  C  CB  . ALA A 1 93  ? 14.702  -9.809  6.130   1.00 19.26  ? 89  ALA A CB  1 
ATOM   720  N  N   . LEU A 1 94  ? 15.725  -6.957  5.183   1.00 49.50  ? 90  LEU A N   1 
ATOM   721  C  CA  . LEU A 1 94  ? 16.840  -6.448  4.406   1.00 68.50  ? 90  LEU A CA  1 
ATOM   722  C  C   . LEU A 1 94  ? 18.018  -7.396  4.595   1.00 65.41  ? 90  LEU A C   1 
ATOM   723  O  O   . LEU A 1 94  ? 17.985  -8.268  5.467   1.00 63.27  ? 90  LEU A O   1 
ATOM   724  C  CB  . LEU A 1 94  ? 17.229  -5.081  4.913   1.00 33.80  ? 90  LEU A CB  1 
ATOM   725  C  CG  . LEU A 1 94  ? 16.067  -4.133  4.688   1.00 35.24  ? 90  LEU A CG  1 
ATOM   726  C  CD1 . LEU A 1 94  ? 14.910  -4.271  5.629   1.00 38.62  ? 90  LEU A CD1 1 
ATOM   727  C  CD2 . LEU A 1 94  ? 16.678  -2.812  4.876   1.00 52.62  ? 90  LEU A CD2 1 
ATOM   728  N  N   . SER A 1 95  ? 19.068  -7.229  3.803   1.00 71.83  ? 91  SER A N   1 
ATOM   729  C  CA  . SER A 1 95  ? 20.223  -8.127  3.922   1.00 84.13  ? 91  SER A CA  1 
ATOM   730  C  C   . SER A 1 95  ? 20.919  -7.974  5.312   1.00 82.96  ? 91  SER A C   1 
ATOM   731  O  O   . SER A 1 95  ? 21.657  -8.864  5.745   1.00 84.00  ? 91  SER A O   1 
ATOM   732  C  CB  . SER A 1 95  ? 21.204  -7.950  2.725   1.00 90.32  ? 91  SER A CB  1 
ATOM   733  O  OG  . SER A 1 95  ? 20.637  -8.318  1.449   1.00 58.70  ? 91  SER A OG  1 
ATOM   734  N  N   . ASP A 1 96  ? 20.650  -6.860  6.007   1.00 69.76  ? 92  ASP A N   1 
ATOM   735  C  CA  . ASP A 1 96  ? 21.221  -6.590  7.335   1.00 78.63  ? 92  ASP A CA  1 
ATOM   736  C  C   . ASP A 1 96  ? 20.212  -6.536  8.500   1.00 66.92  ? 92  ASP A C   1 
ATOM   737  O  O   . ASP A 1 96  ? 20.529  -6.917  9.629   1.00 61.22  ? 92  ASP A O   1 
ATOM   738  C  CB  . ASP A 1 96  ? 22.026  -5.286  7.306   1.00 77.65  ? 92  ASP A CB  1 
ATOM   739  C  CG  . ASP A 1 96  ? 23.392  -5.479  6.727   0.50 76.10  ? 92  ASP A CG  1 
ATOM   740  O  OD1 . ASP A 1 96  ? 23.949  -6.583  6.925   0.50 62.51  ? 92  ASP A OD1 1 
ATOM   741  O  OD2 . ASP A 1 96  ? 23.893  -4.541  6.069   0.50 73.10  ? 92  ASP A OD2 1 
ATOM   742  N  N   . GLN A 1 97  ? 19.000  -6.071  8.216   1.00 69.93  ? 93  GLN A N   1 
ATOM   743  C  CA  . GLN A 1 97  ? 18.037  -5.697  9.247   1.00 39.52  ? 93  GLN A CA  1 
ATOM   744  C  C   . GLN A 1 97  ? 16.704  -6.447  9.097   1.00 41.04  ? 93  GLN A C   1 
ATOM   745  O  O   . GLN A 1 97  ? 15.949  -6.166  8.175   1.00 49.44  ? 93  GLN A O   1 
ATOM   746  C  CB  . GLN A 1 97  ? 17.781  -4.199  9.112   1.00 38.54  ? 93  GLN A CB  1 
ATOM   747  C  CG  . GLN A 1 97  ? 16.832  -3.684  10.098  1.00 41.41  ? 93  GLN A CG  1 
ATOM   748  C  CD  . GLN A 1 97  ? 17.443  -3.749  11.449  1.00 40.07  ? 93  GLN A CD  1 
ATOM   749  O  OE1 . GLN A 1 97  ? 18.537  -3.235  11.652  1.00 49.89  ? 93  GLN A OE1 1 
ATOM   750  N  NE2 . GLN A 1 97  ? 16.775  -4.416  12.381  1.00 44.10  ? 93  GLN A NE2 1 
ATOM   751  N  N   . PRO A 1 98  ? 16.405  -7.403  9.995   1.00 41.16  ? 94  PRO A N   1 
ATOM   752  C  CA  . PRO A 1 98  ? 15.125  -8.127  9.978   1.00 37.96  ? 94  PRO A CA  1 
ATOM   753  C  C   . PRO A 1 98  ? 13.963  -7.214  10.347  1.00 33.54  ? 94  PRO A C   1 
ATOM   754  O  O   . PRO A 1 98  ? 14.138  -6.304  11.151  1.00 32.90  ? 94  PRO A O   1 
ATOM   755  C  CB  . PRO A 1 98  ? 15.302  -9.170  11.090  1.00 36.56  ? 94  PRO A CB  1 
ATOM   756  C  CG  . PRO A 1 98  ? 16.747  -9.288  11.268  1.00 35.69  ? 94  PRO A CG  1 
ATOM   757  C  CD  . PRO A 1 98  ? 17.278  -7.910  11.059  1.00 44.55  ? 94  PRO A CD  1 
ATOM   758  N  N   . LEU A 1 99  ? 12.792  -7.441  9.771   1.00 24.48  ? 95  LEU A N   1 
ATOM   759  C  CA  . LEU A 1 99  ? 11.666  -6.623  10.154  1.00 28.96  ? 95  LEU A CA  1 
ATOM   760  C  C   . LEU A 1 99  ? 10.584  -7.533  10.690  1.00 25.87  ? 95  LEU A C   1 
ATOM   761  O  O   . LEU A 1 99  ? 10.413  -8.652  10.230  1.00 29.62  ? 95  LEU A O   1 
ATOM   762  C  CB  . LEU A 1 99  ? 11.160  -5.823  8.961   1.00 24.62  ? 95  LEU A CB  1 
ATOM   763  C  CG  . LEU A 1 99  ? 12.094  -4.722  8.455   1.00 35.03  ? 95  LEU A CG  1 
ATOM   764  C  CD1 . LEU A 1 99  ? 11.476  -4.052  7.219   1.00 25.67  ? 95  LEU A CD1 1 
ATOM   765  C  CD2 . LEU A 1 99  ? 12.373  -3.695  9.554   1.00 28.18  ? 95  LEU A CD2 1 
ATOM   766  N  N   . GLU A 1 100 ? 9.844   -7.052  11.669  1.00 34.90  ? 96  GLU A N   1 
ATOM   767  C  CA  . GLU A 1 100 ? 8.685   -7.793  12.178  1.00 19.80  ? 96  GLU A CA  1 
ATOM   768  C  C   . GLU A 1 100 ? 7.477   -7.634  11.265  1.00 27.66  ? 96  GLU A C   1 
ATOM   769  O  O   . GLU A 1 100 ? 6.668   -8.562  11.135  1.00 28.50  ? 96  GLU A O   1 
ATOM   770  C  CB  . GLU A 1 100 ? 8.342   -7.318  13.589  1.00 25.13  ? 96  GLU A CB  1 
ATOM   771  C  CG  . GLU A 1 100 ? 9.360   -7.759  14.648  1.00 34.32  ? 96  GLU A CG  1 
ATOM   772  C  CD  . GLU A 1 100 ? 9.404   -9.277  14.831  1.00 53.20  ? 96  GLU A CD  1 
ATOM   773  O  OE1 . GLU A 1 100 ? 8.686   -9.794  15.721  1.00 67.34  ? 96  GLU A OE1 1 
ATOM   774  O  OE2 . GLU A 1 100 ? 10.140  -9.956  14.079  1.00 67.61  ? 96  GLU A OE2 1 
ATOM   775  N  N   . LYS A 1 101 ? 7.338   -6.444  10.669  1.00 24.11  ? 97  LYS A N   1 
ATOM   776  C  CA  . LYS A 1 101 ? 6.287   -6.194  9.695   1.00 23.38  ? 97  LYS A CA  1 
ATOM   777  C  C   . LYS A 1 101 ? 6.450   -4.841  9.055   1.00 26.00  ? 97  LYS A C   1 
ATOM   778  O  O   . LYS A 1 101 ? 7.204   -3.969  9.530   1.00 24.08  ? 97  LYS A O   1 
ATOM   779  C  CB  . LYS A 1 101 ? 4.904   -6.286  10.331  1.00 26.86  ? 97  LYS A CB  1 
ATOM   780  C  CG  . LYS A 1 101 ? 4.731   -5.325  11.479  1.00 23.14  ? 97  LYS A CG  1 
ATOM   781  C  CD  . LYS A 1 101 ? 3.309   -5.233  12.003  1.00 23.66  ? 97  LYS A CD  1 
ATOM   782  C  CE  . LYS A 1 101 ? 3.307   -4.248  13.167  1.00 21.34  ? 97  LYS A CE  1 
ATOM   783  N  NZ  . LYS A 1 101 ? 2.019   -4.060  13.813  1.00 30.96  ? 97  LYS A NZ  1 
ATOM   784  N  N   . ILE A 1 102 ? 5.734   -4.675  7.958   1.00 24.92  ? 98  ILE A N   1 
ATOM   785  C  CA  . ILE A 1 102 ? 5.628   -3.383  7.327   1.00 24.51  ? 98  ILE A CA  1 
ATOM   786  C  C   . ILE A 1 102 ? 4.139   -3.065  7.263   1.00 29.25  ? 98  ILE A C   1 
ATOM   787  O  O   . ILE A 1 102 ? 3.311   -3.915  6.876   1.00 25.74  ? 98  ILE A O   1 
ATOM   788  C  CB  . ILE A 1 102 ? 6.230   -3.396  5.909   1.00 21.47  ? 98  ILE A CB  1 
ATOM   789  C  CG1 . ILE A 1 102 ? 7.686   -3.878  5.971   1.00 19.58  ? 98  ILE A CG1 1 
ATOM   790  C  CG2 . ILE A 1 102 ? 6.040   -2.018  5.268   1.00 17.31  ? 98  ILE A CG2 1 
ATOM   791  C  CD1 . ILE A 1 102 ? 8.490   -3.733  4.689   1.00 24.08  ? 98  ILE A CD1 1 
ATOM   792  N  N   . VAL A 1 103 ? 3.794   -1.853  7.678   1.00 30.90  ? 99  VAL A N   1 
ATOM   793  C  CA  . VAL A 1 103 ? 2.415   -1.392  7.612   1.00 23.13  ? 99  VAL A CA  1 
ATOM   794  C  C   . VAL A 1 103 ? 2.294   -0.270  6.588   1.00 20.35  ? 99  VAL A C   1 
ATOM   795  O  O   . VAL A 1 103 ? 3.129   0.638   6.539   1.00 19.05  ? 99  VAL A O   1 
ATOM   796  C  CB  . VAL A 1 103 ? 1.910   -0.899  8.975   1.00 24.57  ? 99  VAL A CB  1 
ATOM   797  C  CG1 . VAL A 1 103 ? 0.473   -0.474  8.851   1.00 12.10  ? 99  VAL A CG1 1 
ATOM   798  C  CG2 . VAL A 1 103 ? 2.044   -1.981  10.019  1.00 12.74  ? 99  VAL A CG2 1 
ATOM   799  N  N   . PHE A 1 104 ? 1.266   -0.374  5.752   1.00 26.11  ? 100 PHE A N   1 
ATOM   800  C  CA  . PHE A 1 104 ? 0.965   0.586   4.698   1.00 23.84  ? 100 PHE A CA  1 
ATOM   801  C  C   . PHE A 1 104 ? -0.376  1.256   5.019   1.00 23.80  ? 100 PHE A C   1 
ATOM   802  O  O   . PHE A 1 104 ? -1.337  0.602   5.475   1.00 28.53  ? 100 PHE A O   1 
ATOM   803  C  CB  . PHE A 1 104 ? 0.898   -0.136  3.347   1.00 21.30  ? 100 PHE A CB  1 
ATOM   804  C  CG  . PHE A 1 104 ? 2.204   -0.801  2.933   1.00 31.53  ? 100 PHE A CG  1 
ATOM   805  C  CD1 . PHE A 1 104 ? 3.165   -0.087  2.200   1.00 24.28  ? 100 PHE A CD1 1 
ATOM   806  C  CD2 . PHE A 1 104 ? 2.467   -2.149  3.272   1.00 21.25  ? 100 PHE A CD2 1 
ATOM   807  C  CE1 . PHE A 1 104 ? 4.398   -0.705  1.823   1.00 18.91  ? 100 PHE A CE1 1 
ATOM   808  C  CE2 . PHE A 1 104 ? 3.646   -2.778  2.885   1.00 27.19  ? 100 PHE A CE2 1 
ATOM   809  C  CZ  . PHE A 1 104 ? 4.627   -2.061  2.153   1.00 23.27  ? 100 PHE A CZ  1 
ATOM   810  N  N   . GLU A 1 105 ? -0.458  2.556   4.796   1.00 29.38  ? 101 GLU A N   1 
ATOM   811  C  CA  . GLU A 1 105 ? -1.634  3.314   5.239   1.00 22.21  ? 101 GLU A CA  1 
ATOM   812  C  C   . GLU A 1 105 ? -1.847  4.465   4.276   1.00 24.14  ? 101 GLU A C   1 
ATOM   813  O  O   . GLU A 1 105 ? -0.885  5.194   3.913   1.00 30.03  ? 101 GLU A O   1 
ATOM   814  C  CB  . GLU A 1 105 ? -1.314  3.826   6.617   1.00 22.98  ? 101 GLU A CB  1 
ATOM   815  C  CG  . GLU A 1 105 ? -2.381  4.439   7.441   1.00 52.46  ? 101 GLU A CG  1 
ATOM   816  C  CD  . GLU A 1 105 ? -1.765  5.067   8.706   1.00 89.60  ? 101 GLU A CD  1 
ATOM   817  O  OE1 . GLU A 1 105 ? -2.056  6.260   8.955   1.00 82.06  ? 101 GLU A OE1 1 
ATOM   818  O  OE2 . GLU A 1 105 ? -0.972  4.381   9.422   1.00 64.25  ? 101 GLU A OE2 1 
ATOM   819  N  N   . PHE A 1 106 ? -3.067  4.600   3.776   1.00 20.61  ? 102 PHE A N   1 
ATOM   820  C  CA  . PHE A 1 106 ? -3.415  5.866   3.124   1.00 25.63  ? 102 PHE A CA  1 
ATOM   821  C  C   . PHE A 1 106 ? -4.726  6.440   3.599   1.00 24.44  ? 102 PHE A C   1 
ATOM   822  O  O   . PHE A 1 106 ? -5.613  5.708   4.063   1.00 25.97  ? 102 PHE A O   1 
ATOM   823  C  CB  . PHE A 1 106 ? -3.328  5.844   1.584   1.00 23.47  ? 102 PHE A CB  1 
ATOM   824  C  CG  . PHE A 1 106 ? -4.365  4.992   0.902   1.00 23.23  ? 102 PHE A CG  1 
ATOM   825  C  CD1 . PHE A 1 106 ? -5.700  5.377   0.865   1.00 27.67  ? 102 PHE A CD1 1 
ATOM   826  C  CD2 . PHE A 1 106 ? -3.989  3.840   0.218   1.00 20.33  ? 102 PHE A CD2 1 
ATOM   827  C  CE1 . PHE A 1 106 ? -6.675  4.580   0.217   1.00 31.97  ? 102 PHE A CE1 1 
ATOM   828  C  CE2 . PHE A 1 106 ? -4.938  3.046   -0.430  1.00 26.53  ? 102 PHE A CE2 1 
ATOM   829  C  CZ  . PHE A 1 106 ? -6.294  3.409   -0.434  1.00 22.68  ? 102 PHE A CZ  1 
ATOM   830  N  N   . LYS A 1 107 ? -4.806  7.760   3.495   1.00 25.86  ? 103 LYS A N   1 
ATOM   831  C  CA  . LYS A 1 107 ? -6.025  8.528   3.702   1.00 26.87  ? 103 LYS A CA  1 
ATOM   832  C  C   . LYS A 1 107 ? -6.103  9.497   2.539   1.00 34.78  ? 103 LYS A C   1 
ATOM   833  O  O   . LYS A 1 107 ? -5.113  10.181  2.198   1.00 28.68  ? 103 LYS A O   1 
ATOM   834  C  CB  . LYS A 1 107 ? -5.986  9.281   5.036   1.00 23.99  ? 103 LYS A CB  1 
ATOM   835  C  CG  . LYS A 1 107 ? -5.779  8.332   6.219   1.00 50.30  ? 103 LYS A CG  1 
ATOM   836  C  CD  . LYS A 1 107 ? -5.508  8.993   7.574   1.00 53.40  ? 103 LYS A CD  1 
ATOM   837  C  CE  . LYS A 1 107 ? -5.033  7.925   8.576   1.00 54.83  ? 103 LYS A CE  1 
ATOM   838  N  NZ  . LYS A 1 107 ? -4.625  8.499   9.887   1.00 72.03  ? 103 LYS A NZ  1 
ATOM   839  N  N   . LEU A 1 108 ? -7.262  9.520   1.899   1.00 23.27  ? 104 LEU A N   1 
ATOM   840  C  CA  . LEU A 1 108 ? -7.478  10.443  0.798   1.00 36.16  ? 104 LEU A CA  1 
ATOM   841  C  C   . LEU A 1 108 ? -8.388  11.556  1.300   1.00 36.16  ? 104 LEU A C   1 
ATOM   842  O  O   . LEU A 1 108 ? -9.473  11.303  1.826   1.00 33.43  ? 104 LEU A O   1 
ATOM   843  C  CB  . LEU A 1 108 ? -8.111  9.718   -0.377  1.00 22.10  ? 104 LEU A CB  1 
ATOM   844  C  CG  . LEU A 1 108 ? -7.568  8.302   -0.583  1.00 30.61  ? 104 LEU A CG  1 
ATOM   845  C  CD1 . LEU A 1 108 ? -8.434  7.606   -1.613  1.00 26.63  ? 104 LEU A CD1 1 
ATOM   846  C  CD2 . LEU A 1 108 ? -6.081  8.295   -0.986  1.00 22.48  ? 104 LEU A CD2 1 
ATOM   847  N  N   . VAL A 1 109 ? -7.931  12.790  1.159   1.00 35.21  ? 105 VAL A N   1 
ATOM   848  C  CA  . VAL A 1 109 ? -8.640  13.935  1.726   1.00 39.15  ? 105 VAL A CA  1 
ATOM   849  C  C   . VAL A 1 109 ? -9.110  14.892  0.623   1.00 32.22  ? 105 VAL A C   1 
ATOM   850  O  O   . VAL A 1 109 ? -8.279  15.550  -0.006  1.00 41.87  ? 105 VAL A O   1 
ATOM   851  C  CB  . VAL A 1 109 ? -7.702  14.701  2.687   1.00 33.86  ? 105 VAL A CB  1 
ATOM   852  C  CG1 . VAL A 1 109 ? -8.410  15.835  3.319   1.00 24.52  ? 105 VAL A CG1 1 
ATOM   853  C  CG2 . VAL A 1 109 ? -7.183  13.786  3.771   1.00 32.78  ? 105 VAL A CG2 1 
ATOM   854  N  N   . PRO A 1 110 ? -10.433 14.975  0.381   1.00 37.33  ? 106 PRO A N   1 
ATOM   855  C  CA  . PRO A 1 110 ? -10.952 15.752  -0.763  1.00 36.34  ? 106 PRO A CA  1 
ATOM   856  C  C   . PRO A 1 110 ? -10.580 17.242  -0.699  1.00 34.70  ? 106 PRO A C   1 
ATOM   857  O  O   . PRO A 1 110 ? -10.696 17.811  0.376   1.00 35.63  ? 106 PRO A O   1 
ATOM   858  C  CB  . PRO A 1 110 ? -12.469 15.570  -0.647  1.00 24.09  ? 106 PRO A CB  1 
ATOM   859  C  CG  . PRO A 1 110 ? -12.666 14.365  0.224   1.00 25.29  ? 106 PRO A CG  1 
ATOM   860  C  CD  . PRO A 1 110 ? -11.521 14.386  1.183   1.00 39.50  ? 106 PRO A CD  1 
ATOM   861  N  N   . THR A 1 111 ? -10.174 17.861  -1.794  1.00 45.43  ? 107 THR A N   1 
ATOM   862  C  CA  . THR A 1 111 ? -9.820  19.261  -1.854  1.00 47.36  ? 107 THR A CA  1 
ATOM   863  C  C   . THR A 1 111 ? -10.742 19.908  -2.828  1.00 54.08  ? 107 THR A C   1 
ATOM   864  O  O   . THR A 1 111 ? -11.176 19.264  -3.727  1.00 71.81  ? 107 THR A O   1 
ATOM   865  C  CB  . THR A 1 111 ? -8.457  19.484  -2.489  1.00 59.62  ? 107 THR A CB  1 
ATOM   866  O  OG1 . THR A 1 111 ? -8.460  18.885  -3.770  1.00 72.01  ? 107 THR A OG1 1 
ATOM   867  C  CG2 . THR A 1 111 ? -7.382  18.896  -1.717  1.00 44.30  ? 107 THR A CG2 1 
ATOM   868  N  N   . PRO A 1 112 ? -11.076 21.171  -2.651  1.00 73.87  ? 108 PRO A N   1 
ATOM   869  C  CA  . PRO A 1 112 ? -11.936 21.848  -3.618  1.00 70.21  ? 108 PRO A CA  1 
ATOM   870  C  C   . PRO A 1 112 ? -11.335 22.008  -5.005  1.00 79.96  ? 108 PRO A C   1 
ATOM   871  O  O   . PRO A 1 112 ? -11.991 21.732  -5.991  1.00 75.35  ? 108 PRO A O   1 
ATOM   872  C  CB  . PRO A 1 112 ? -12.130 23.227  -3.006  1.00 50.89  ? 108 PRO A CB  1 
ATOM   873  C  CG  . PRO A 1 112 ? -11.521 23.189  -1.662  1.00 48.89  ? 108 PRO A CG  1 
ATOM   874  C  CD  . PRO A 1 112 ? -10.493 22.127  -1.712  1.00 55.35  ? 108 PRO A CD  1 
ATOM   875  N  N   . GLU A 1 113 ? -10.080 22.402  -5.072  1.00 73.23  ? 109 GLU A N   1 
ATOM   876  C  CA  . GLU A 1 113 ? -9.464  22.780  -6.328  1.00 86.17  ? 109 GLU A CA  1 
ATOM   877  C  C   . GLU A 1 113 ? -9.414  21.629  -7.286  1.00 96.02  ? 109 GLU A C   1 
ATOM   878  O  O   . GLU A 1 113 ? -9.498  21.762  -8.493  1.00 93.41  ? 109 GLU A O   1 
ATOM   879  C  CB  . GLU A 1 113 ? -8.069  23.285  -6.086  1.00 70.10  ? 109 GLU A CB  1 
ATOM   880  C  CG  . GLU A 1 113 ? -7.949  23.988  -4.763  0.50 71.81  ? 109 GLU A CG  1 
ATOM   881  C  CD  . GLU A 1 113 ? -7.297  23.143  -3.688  0.50 67.68  ? 109 GLU A CD  1 
ATOM   882  O  OE1 . GLU A 1 113 ? -6.851  22.018  -3.994  0.50 52.96  ? 109 GLU A OE1 1 
ATOM   883  O  OE2 . GLU A 1 113 ? -7.227  23.626  -2.542  0.50 54.45  ? 109 GLU A OE2 1 
ATOM   884  N  N   . GLU A 1 114 ? -9.198  20.482  -6.702  1.00 103.52 ? 110 GLU A N   1 
ATOM   885  C  CA  . GLU A 1 114 ? -8.946  19.236  -7.440  1.00 85.74  ? 110 GLU A CA  1 
ATOM   886  C  C   . GLU A 1 114 ? -9.836  18.030  -6.995  1.00 85.95  ? 110 GLU A C   1 
ATOM   887  O  O   . GLU A 1 114 ? -11.039 18.144  -6.591  1.00 64.75  ? 110 GLU A O   1 
ATOM   888  C  CB  . GLU A 1 114 ? -7.446  18.832  -7.335  1.00 63.42  ? 110 GLU A CB  1 
ATOM   889  C  CG  . GLU A 1 114 ? -6.423  19.718  -8.088  1.00 63.24  ? 110 GLU A CG  1 
ATOM   890  C  CD  . GLU A 1 114 ? -6.177  19.295  -9.536  0.50 59.49  ? 110 GLU A CD  1 
ATOM   891  O  OE1 . GLU A 1 114 ? -5.054  19.525  -10.041 0.50 55.16  ? 110 GLU A OE1 1 
ATOM   892  O  OE2 . GLU A 1 114 ? -7.099  18.743  -10.172 0.50 49.55  ? 110 GLU A OE2 1 
ATOM   893  N  N   . GLY A 1 115 ? -9.206  16.862  -7.099  1.00 75.78  ? 111 GLY A N   1 
ATOM   894  C  CA  . GLY A 1 115 ? -9.739  15.640  -6.546  1.00 62.02  ? 111 GLY A CA  1 
ATOM   895  C  C   . GLY A 1 115 ? -9.480  15.632  -5.055  1.00 56.52  ? 111 GLY A C   1 
ATOM   896  O  O   . GLY A 1 115 ? -10.363 16.007  -4.269  1.00 53.56  ? 111 GLY A O   1 
ATOM   897  N  N   . CYS A 1 116 ? -8.267  15.237  -4.663  1.00 46.03  ? 112 CYS A N   1 
ATOM   898  C  CA  . CYS A 1 116 ? -7.969  15.013  -3.249  1.00 35.88  ? 112 CYS A CA  1 
ATOM   899  C  C   . CYS A 1 116 ? -6.496  15.054  -2.981  1.00 41.87  ? 112 CYS A C   1 
ATOM   900  O  O   . CYS A 1 116 ? -5.687  14.965  -3.902  1.00 42.64  ? 112 CYS A O   1 
ATOM   901  C  CB  . CYS A 1 116 ? -8.509  13.647  -2.793  1.00 38.22  ? 112 CYS A CB  1 
ATOM   902  S  SG  . CYS A 1 116 ? -7.759  12.185  -3.655  1.00 43.95  ? 112 CYS A SG  1 
ATOM   903  N  N   . ILE A 1 117 ? -6.153  15.189  -1.705  1.00 35.69  ? 113 ILE A N   1 
ATOM   904  C  CA  . ILE A 1 117 ? -4.793  14.957  -1.255  1.00 29.98  ? 113 ILE A CA  1 
ATOM   905  C  C   . ILE A 1 117 ? -4.654  13.499  -0.862  1.00 29.71  ? 113 ILE A C   1 
ATOM   906  O  O   . ILE A 1 117 ? -5.433  12.994  -0.042  1.00 44.45  ? 113 ILE A O   1 
ATOM   907  C  CB  . ILE A 1 117 ? -4.477  15.808  -0.045  1.00 27.51  ? 113 ILE A CB  1 
ATOM   908  C  CG1 . ILE A 1 117 ? -4.673  17.267  -0.424  1.00 30.91  ? 113 ILE A CG1 1 
ATOM   909  C  CG2 . ILE A 1 117 ? -3.065  15.534  0.435   1.00 21.76  ? 113 ILE A CG2 1 
ATOM   910  C  CD1 . ILE A 1 117 ? -4.752  18.169  0.771   1.00 34.55  ? 113 ILE A CD1 1 
ATOM   911  N  N   . VAL A 1 118 ? -3.672  12.819  -1.442  1.00 26.20  ? 114 VAL A N   1 
ATOM   912  C  CA  . VAL A 1 118 ? -3.376  11.430  -1.101  1.00 26.99  ? 114 VAL A CA  1 
ATOM   913  C  C   . VAL A 1 118 ? -2.250  11.397  -0.045  1.00 24.17  ? 114 VAL A C   1 
ATOM   914  O  O   . VAL A 1 118 ? -1.086  11.717  -0.339  1.00 31.07  ? 114 VAL A O   1 
ATOM   915  C  CB  . VAL A 1 118 ? -2.933  10.620  -2.366  1.00 26.44  ? 114 VAL A CB  1 
ATOM   916  C  CG1 . VAL A 1 118 ? -2.717  9.139   -2.040  1.00 22.93  ? 114 VAL A CG1 1 
ATOM   917  C  CG2 . VAL A 1 118 ? -3.928  10.772  -3.479  1.00 23.07  ? 114 VAL A CG2 1 
ATOM   918  N  N   . LYS A 1 119 ? -2.598  11.009  1.177   1.00 22.32  ? 115 LYS A N   1 
ATOM   919  C  CA  . LYS A 1 119 ? -1.620  10.881  2.247   1.00 26.37  ? 115 LYS A CA  1 
ATOM   920  C  C   . LYS A 1 119 ? -1.218  9.433   2.408   1.00 28.93  ? 115 LYS A C   1 
ATOM   921  O  O   . LYS A 1 119 ? -2.059  8.594   2.720   1.00 29.90  ? 115 LYS A O   1 
ATOM   922  C  CB  . LYS A 1 119 ? -2.196  11.379  3.573   1.00 17.85  ? 115 LYS A CB  1 
ATOM   923  C  CG  . LYS A 1 119 ? -2.587  12.831  3.573   1.00 28.98  ? 115 LYS A CG  1 
ATOM   924  C  CD  . LYS A 1 119 ? -2.684  13.357  4.993   1.00 31.23  ? 115 LYS A CD  1 
ATOM   925  C  CE  . LYS A 1 119 ? -3.941  12.906  5.639   1.00 35.22  ? 115 LYS A CE  1 
ATOM   926  N  NZ  . LYS A 1 119 ? -3.890  12.903  7.141   1.00 37.67  ? 115 LYS A NZ  1 
ATOM   927  N  N   . SER A 1 120 ? 0.069   9.144   2.241   1.00 25.47  ? 116 SER A N   1 
ATOM   928  C  CA  . SER A 1 120 ? 0.564   7.765   2.289   1.00 19.89  ? 116 SER A CA  1 
ATOM   929  C  C   . SER A 1 120 ? 1.591   7.656   3.385   1.00 22.04  ? 116 SER A C   1 
ATOM   930  O  O   . SER A 1 120 ? 2.406   8.563   3.578   1.00 23.90  ? 116 SER A O   1 
ATOM   931  C  CB  . SER A 1 120 ? 1.270   7.387   0.974   1.00 31.03  ? 116 SER A CB  1 
ATOM   932  O  OG  . SER A 1 120 ? 0.391   7.334   -0.117  1.00 27.60  ? 116 SER A OG  1 
ATOM   933  N  N   . THR A 1 121 ? 1.594   6.523   4.066   1.00 24.53  ? 117 THR A N   1 
ATOM   934  C  CA  . THR A 1 121 ? 2.499   6.310   5.179   1.00 18.27  ? 117 THR A CA  1 
ATOM   935  C  C   . THR A 1 121 ? 2.948   4.880   5.056   1.00 27.98  ? 117 THR A C   1 
ATOM   936  O  O   . THR A 1 121 ? 2.140   4.017   4.669   1.00 32.06  ? 117 THR A O   1 
ATOM   937  C  CB  . THR A 1 121 ? 1.753   6.503   6.528   1.00 24.94  ? 117 THR A CB  1 
ATOM   938  O  OG1 . THR A 1 121 ? 1.659   7.911   6.819   1.00 38.35  ? 117 THR A OG1 1 
ATOM   939  C  CG2 . THR A 1 121 ? 2.491   5.847   7.664   1.00 39.62  ? 117 THR A CG2 1 
ATOM   940  N  N   . THR A 1 122 ? 4.223   4.630   5.360   1.00 23.51  ? 118 THR A N   1 
ATOM   941  C  CA  . THR A 1 122 ? 4.747   3.274   5.519   1.00 29.26  ? 118 THR A CA  1 
ATOM   942  C  C   . THR A 1 122 ? 5.410   3.230   6.880   1.00 27.56  ? 118 THR A C   1 
ATOM   943  O  O   . THR A 1 122 ? 6.065   4.195   7.275   1.00 34.68  ? 118 THR A O   1 
ATOM   944  C  CB  . THR A 1 122 ? 5.781   2.858   4.384   1.00 22.49  ? 118 THR A CB  1 
ATOM   945  O  OG1 . THR A 1 122 ? 6.880   3.777   4.359   1.00 53.07  ? 118 THR A OG1 1 
ATOM   946  C  CG2 . THR A 1 122 ? 5.129   2.915   3.030   1.00 24.77  ? 118 THR A CG2 1 
ATOM   947  N  N   . LYS A 1 123 ? 5.239   2.125   7.605   1.00 20.98  ? 119 LYS A N   1 
ATOM   948  C  CA  . LYS A 1 123 ? 5.881   1.966   8.902   1.00 20.31  ? 119 LYS A CA  1 
ATOM   949  C  C   . LYS A 1 123 ? 6.653   0.671   8.893   1.00 22.98  ? 119 LYS A C   1 
ATOM   950  O  O   . LYS A 1 123 ? 6.104   -0.380  8.588   1.00 28.19  ? 119 LYS A O   1 
ATOM   951  C  CB  . LYS A 1 123 ? 4.850   1.960   10.047  1.00 23.55  ? 119 LYS A CB  1 
ATOM   952  C  CG  . LYS A 1 123 ? 4.057   3.274   10.218  1.00 23.79  ? 119 LYS A CG  1 
ATOM   953  C  CD  . LYS A 1 123 ? 2.857   3.050   11.132  1.00 39.24  ? 119 LYS A CD  1 
ATOM   954  C  CE  . LYS A 1 123 ? 2.982   3.827   12.398  1.00 49.06  ? 119 LYS A CE  1 
ATOM   955  N  NZ  . LYS A 1 123 ? 3.000   5.295   12.104  1.00 56.52  ? 119 LYS A NZ  1 
ATOM   956  N  N   . TYR A 1 124 ? 7.938   0.739   9.215   1.00 26.60  ? 120 TYR A N   1 
ATOM   957  C  CA  . TYR A 1 124 ? 8.748   -0.457  9.256   1.00 15.70  ? 120 TYR A CA  1 
ATOM   958  C  C   . TYR A 1 124 ? 8.961   -0.787  10.734  1.00 25.38  ? 120 TYR A C   1 
ATOM   959  O  O   . TYR A 1 124 ? 9.326   0.091   11.526  1.00 24.45  ? 120 TYR A O   1 
ATOM   960  C  CB  . TYR A 1 124 ? 10.078  -0.247  8.496   1.00 16.39  ? 120 TYR A CB  1 
ATOM   961  C  CG  . TYR A 1 124 ? 9.942   0.352   7.090   1.00 24.21  ? 120 TYR A CG  1 
ATOM   962  C  CD1 . TYR A 1 124 ? 9.934   -0.445  5.960   1.00 23.90  ? 120 TYR A CD1 1 
ATOM   963  C  CD2 . TYR A 1 124 ? 9.811   1.730   6.905   1.00 48.30  ? 120 TYR A CD2 1 
ATOM   964  C  CE1 . TYR A 1 124 ? 9.808   0.106   4.676   1.00 29.14  ? 120 TYR A CE1 1 
ATOM   965  C  CE2 . TYR A 1 124 ? 9.676   2.291   5.631   1.00 35.45  ? 120 TYR A CE2 1 
ATOM   966  C  CZ  . TYR A 1 124 ? 9.670   1.470   4.518   1.00 44.61  ? 120 TYR A CZ  1 
ATOM   967  O  OH  . TYR A 1 124 ? 9.532   2.030   3.250   1.00 47.94  ? 120 TYR A OH  1 
ATOM   968  N  N   . TYR A 1 125 ? 8.695   -2.028  11.130  1.00 21.10  ? 121 TYR A N   1 
ATOM   969  C  CA  . TYR A 1 125 ? 8.853   -2.392  12.541  1.00 21.19  ? 121 TYR A CA  1 
ATOM   970  C  C   . TYR A 1 125 ? 10.029  -3.338  12.678  1.00 21.60  ? 121 TYR A C   1 
ATOM   971  O  O   . TYR A 1 125 ? 10.102  -4.363  11.993  1.00 28.20  ? 121 TYR A O   1 
ATOM   972  C  CB  . TYR A 1 125 ? 7.590   -3.060  13.086  1.00 17.49  ? 121 TYR A CB  1 
ATOM   973  C  CG  . TYR A 1 125 ? 6.375   -2.156  13.308  1.00 23.67  ? 121 TYR A CG  1 
ATOM   974  C  CD1 . TYR A 1 125 ? 5.913   -1.864  14.611  1.00 27.78  ? 121 TYR A CD1 1 
ATOM   975  C  CD2 . TYR A 1 125 ? 5.655   -1.624  12.228  1.00 25.64  ? 121 TYR A CD2 1 
ATOM   976  C  CE1 . TYR A 1 125 ? 4.774   -1.040  14.826  1.00 13.85  ? 121 TYR A CE1 1 
ATOM   977  C  CE2 . TYR A 1 125 ? 4.513   -0.795  12.434  1.00 28.24  ? 121 TYR A CE2 1 
ATOM   978  C  CZ  . TYR A 1 125 ? 4.083   -0.517  13.724  1.00 19.80  ? 121 TYR A CZ  1 
ATOM   979  O  OH  . TYR A 1 125 ? 2.980   0.286   13.920  1.00 37.14  ? 121 TYR A OH  1 
ATOM   980  N  N   . THR A 1 126 ? 10.966  -3.019  13.559  1.00 28.43  ? 122 THR A N   1 
ATOM   981  C  CA  . THR A 1 126 ? 12.239  -3.743  13.529  1.00 34.13  ? 122 THR A CA  1 
ATOM   982  C  C   . THR A 1 126 ? 12.342  -4.792  14.581  1.00 42.72  ? 122 THR A C   1 
ATOM   983  O  O   . THR A 1 126 ? 12.003  -4.582  15.751  1.00 37.12  ? 122 THR A O   1 
ATOM   984  C  CB  . THR A 1 126 ? 13.441  -2.861  13.698  1.00 27.02  ? 122 THR A CB  1 
ATOM   985  O  OG1 . THR A 1 126 ? 13.298  -2.156  14.939  1.00 39.55  ? 122 THR A OG1 1 
ATOM   986  C  CG2 . THR A 1 126 ? 13.534  -1.872  12.551  1.00 30.22  ? 122 THR A CG2 1 
ATOM   987  N  N   . LYS A 1 127 ? 12.837  -5.929  14.107  1.00 57.99  ? 123 LYS A N   1 
ATOM   988  C  CA  . LYS A 1 127 ? 13.112  -7.092  14.908  1.00 61.55  ? 123 LYS A CA  1 
ATOM   989  C  C   . LYS A 1 127 ? 14.542  -6.907  15.396  1.00 72.66  ? 123 LYS A C   1 
ATOM   990  O  O   . LYS A 1 127 ? 15.472  -6.699  14.596  1.00 65.25  ? 123 LYS A O   1 
ATOM   991  C  CB  . LYS A 1 127 ? 12.961  -8.366  14.047  1.00 50.50  ? 123 LYS A CB  1 
ATOM   992  C  CG  . LYS A 1 127 ? 13.050  -9.710  14.800  1.00 61.39  ? 123 LYS A CG  1 
ATOM   993  C  CD  . LYS A 1 127 ? 13.079  -10.882 13.796  0.70 51.47  ? 123 LYS A CD  1 
ATOM   994  C  CE  . LYS A 1 127 ? 12.977  -12.221 14.499  0.70 50.22  ? 123 LYS A CE  1 
ATOM   995  N  NZ  . LYS A 1 127 ? 12.894  -13.354 13.537  0.70 65.41  ? 123 LYS A NZ  1 
ATOM   996  N  N   . GLY A 1 128 ? 14.721  -6.923  16.710  1.00 67.04  ? 124 GLY A N   1 
ATOM   997  C  CA  . GLY A 1 128 ? 16.053  -7.131  17.218  1.00 57.13  ? 124 GLY A CA  1 
ATOM   998  C  C   . GLY A 1 128 ? 16.552  -6.089  18.175  1.00 80.73  ? 124 GLY A C   1 
ATOM   999  O  O   . GLY A 1 128 ? 15.773  -5.289  18.714  1.00 69.00  ? 124 GLY A O   1 
ATOM   1000 N  N   . ASP A 1 129 ? 17.873  -6.108  18.355  1.00 72.03  ? 125 ASP A N   1 
ATOM   1001 C  CA  . ASP A 1 129 ? 18.541  -5.381  19.429  1.00 69.99  ? 125 ASP A CA  1 
ATOM   1002 C  C   . ASP A 1 129 ? 19.272  -4.144  18.928  1.00 66.05  ? 125 ASP A C   1 
ATOM   1003 O  O   . ASP A 1 129 ? 19.689  -3.298  19.723  1.00 61.52  ? 125 ASP A O   1 
ATOM   1004 C  CB  . ASP A 1 129 ? 19.513  -6.304  20.192  1.00 65.67  ? 125 ASP A CB  1 
ATOM   1005 C  CG  . ASP A 1 129 ? 18.788  -7.385  21.015  1.00 80.35  ? 125 ASP A CG  1 
ATOM   1006 O  OD1 . ASP A 1 129 ? 17.529  -7.381  21.089  1.00 94.07  ? 125 ASP A OD1 1 
ATOM   1007 O  OD2 . ASP A 1 129 ? 19.490  -8.233  21.610  1.00 77.52  ? 125 ASP A OD2 1 
ATOM   1008 N  N   . ASP A 1 130 ? 19.442  -4.050  17.611  1.00 69.59  ? 126 ASP A N   1 
ATOM   1009 C  CA  . ASP A 1 130 ? 19.950  -2.822  17.014  1.00 54.11  ? 126 ASP A CA  1 
ATOM   1010 C  C   . ASP A 1 130 ? 19.288  -2.499  15.648  1.00 69.76  ? 126 ASP A C   1 
ATOM   1011 O  O   . ASP A 1 130 ? 18.423  -3.233  15.160  1.00 68.09  ? 126 ASP A O   1 
ATOM   1012 C  CB  . ASP A 1 130 ? 21.446  -2.903  16.896  1.00 55.63  ? 126 ASP A CB  1 
ATOM   1013 C  CG  . ASP A 1 130 ? 21.869  -3.975  15.965  1.00 65.06  ? 126 ASP A CG  1 
ATOM   1014 O  OD1 . ASP A 1 130 ? 23.076  -4.034  15.623  1.00 79.96  ? 126 ASP A OD1 1 
ATOM   1015 O  OD2 . ASP A 1 130 ? 20.977  -4.755  15.576  1.00 66.81  ? 126 ASP A OD2 1 
ATOM   1016 N  N   . ILE A 1 131 ? 19.687  -1.385  15.048  1.00 49.08  ? 127 ILE A N   1 
ATOM   1017 C  CA  . ILE A 1 131 ? 18.949  -0.821  13.939  1.00 43.70  ? 127 ILE A CA  1 
ATOM   1018 C  C   . ILE A 1 131 ? 19.898  -0.251  12.896  1.00 33.51  ? 127 ILE A C   1 
ATOM   1019 O  O   . ILE A 1 131 ? 20.694  0.648   13.174  1.00 44.83  ? 127 ILE A O   1 
ATOM   1020 C  CB  . ILE A 1 131 ? 18.021  0.328   14.434  1.00 51.47  ? 127 ILE A CB  1 
ATOM   1021 C  CG1 . ILE A 1 131 ? 17.240  -0.120  15.677  1.00 44.18  ? 127 ILE A CG1 1 
ATOM   1022 C  CG2 . ILE A 1 131 ? 17.121  0.861   13.298  1.00 35.93  ? 127 ILE A CG2 1 
ATOM   1023 C  CD1 . ILE A 1 131 ? 15.775  -0.055  15.539  1.00 43.71  ? 127 ILE A CD1 1 
ATOM   1024 N  N   . GLU A 1 132 ? 19.796  -0.745  11.679  1.00 35.78  ? 128 GLU A N   1 
ATOM   1025 C  CA  . GLU A 1 132 ? 20.499  -0.119  10.571  1.00 47.91  ? 128 GLU A CA  1 
ATOM   1026 C  C   . GLU A 1 132 ? 19.628  -0.144  9.314   1.00 38.23  ? 128 GLU A C   1 
ATOM   1027 O  O   . GLU A 1 132 ? 19.303  -1.206  8.799   1.00 41.05  ? 128 GLU A O   1 
ATOM   1028 C  CB  . GLU A 1 132 ? 21.819  -0.835  10.340  1.00 42.66  ? 128 GLU A CB  1 
ATOM   1029 C  CG  . GLU A 1 132 ? 22.626  -0.323  9.170   1.00 59.87  ? 128 GLU A CG  1 
ATOM   1030 C  CD  . GLU A 1 132 ? 23.711  -1.315  8.772   1.00 95.21  ? 128 GLU A CD  1 
ATOM   1031 O  OE1 . GLU A 1 132 ? 23.909  -2.311  9.516   1.00 90.15  ? 128 GLU A OE1 1 
ATOM   1032 O  OE2 . GLU A 1 132 ? 24.347  -1.107  7.712   1.00 96.82  ? 128 GLU A OE2 1 
ATOM   1033 N  N   . LEU A 1 133 ? 19.224  1.033   8.856   1.00 36.72  ? 129 LEU A N   1 
ATOM   1034 C  CA  . LEU A 1 133 ? 18.345  1.169   7.697   1.00 36.30  ? 129 LEU A CA  1 
ATOM   1035 C  C   . LEU A 1 133 ? 18.782  2.387   6.902   1.00 37.20  ? 129 LEU A C   1 
ATOM   1036 O  O   . LEU A 1 133 ? 19.045  3.446   7.470   1.00 50.15  ? 129 LEU A O   1 
ATOM   1037 C  CB  . LEU A 1 133 ? 16.879  1.330   8.128   1.00 35.29  ? 129 LEU A CB  1 
ATOM   1038 C  CG  . LEU A 1 133 ? 16.236  0.084   8.729   1.00 50.26  ? 129 LEU A CG  1 
ATOM   1039 C  CD1 . LEU A 1 133 ? 15.100  0.428   9.649   1.00 45.95  ? 129 LEU A CD1 1 
ATOM   1040 C  CD2 . LEU A 1 133 ? 15.739  -0.787  7.608   1.00 49.55  ? 129 LEU A CD2 1 
ATOM   1041 N  N   . SER A 1 134 ? 18.857  2.243   5.585   1.00 34.93  ? 130 SER A N   1 
ATOM   1042 C  CA  . SER A 1 134 ? 19.453  3.280   4.750   1.00 43.35  ? 130 SER A CA  1 
ATOM   1043 C  C   . SER A 1 134 ? 18.377  4.090   4.054   1.00 39.33  ? 130 SER A C   1 
ATOM   1044 O  O   . SER A 1 134 ? 17.264  3.597   3.838   1.00 30.58  ? 130 SER A O   1 
ATOM   1045 C  CB  . SER A 1 134 ? 20.346  2.633   3.707   1.00 25.97  ? 130 SER A CB  1 
ATOM   1046 O  OG  . SER A 1 134 ? 19.544  2.045   2.691   1.00 48.81  ? 130 SER A OG  1 
ATOM   1047 N  N   . LYS A 1 135 ? 18.718  5.327   3.699   1.00 35.29  ? 131 LYS A N   1 
ATOM   1048 C  CA  . LYS A 1 135 ? 17.805  6.203   2.978   1.00 29.74  ? 131 LYS A CA  1 
ATOM   1049 C  C   . LYS A 1 135 ? 17.160  5.516   1.787   1.00 42.27  ? 131 LYS A C   1 
ATOM   1050 O  O   . LYS A 1 135 ? 15.989  5.726   1.506   1.00 48.01  ? 131 LYS A O   1 
ATOM   1051 C  CB  . LYS A 1 135 ? 18.561  7.395   2.449   1.00 34.12  ? 131 LYS A CB  1 
ATOM   1052 C  CG  . LYS A 1 135 ? 17.681  8.451   1.875   1.00 37.33  ? 131 LYS A CG  1 
ATOM   1053 C  CD  . LYS A 1 135 ? 18.544  9.657   1.521   1.00 56.74  ? 131 LYS A CD  1 
ATOM   1054 C  CE  . LYS A 1 135 ? 17.716  10.916  1.339   1.00 58.52  ? 131 LYS A CE  1 
ATOM   1055 N  NZ  . LYS A 1 135 ? 17.324  11.107  -0.080  1.00 62.27  ? 131 LYS A NZ  1 
ATOM   1056 N  N   . ASP A 1 136 ? 17.914  4.688   1.079   1.00 37.21  ? 132 ASP A N   1 
ATOM   1057 C  CA  . ASP A 1 136 ? 17.375  4.159   -0.144  1.00 35.10  ? 132 ASP A CA  1 
ATOM   1058 C  C   . ASP A 1 136 ? 16.320  3.127   0.139   1.00 42.35  ? 132 ASP A C   1 
ATOM   1059 O  O   . ASP A 1 136 ? 15.311  3.046   -0.564  1.00 44.04  ? 132 ASP A O   1 
ATOM   1060 C  CB  . ASP A 1 136 ? 18.457  3.568   -1.021  1.00 33.02  ? 132 ASP A CB  1 
ATOM   1061 C  CG  . ASP A 1 136 ? 19.262  4.627   -1.744  1.00 63.38  ? 132 ASP A CG  1 
ATOM   1062 O  OD1 . ASP A 1 136 ? 18.661  5.632   -2.233  1.00 48.61  ? 132 ASP A OD1 1 
ATOM   1063 O  OD2 . ASP A 1 136 ? 20.503  4.432   -1.820  1.00 53.37  ? 132 ASP A OD2 1 
ATOM   1064 N  N   . TYR A 1 137 ? 16.532  2.324   1.166   1.00 35.09  ? 133 TYR A N   1 
ATOM   1065 C  CA  . TYR A 1 137 ? 15.524  1.317   1.445   1.00 39.11  ? 133 TYR A CA  1 
ATOM   1066 C  C   . TYR A 1 137 ? 14.214  1.952   1.963   1.00 52.91  ? 133 TYR A C   1 
ATOM   1067 O  O   . TYR A 1 137 ? 13.122  1.608   1.484   1.00 46.99  ? 133 TYR A O   1 
ATOM   1068 C  CB  . TYR A 1 137 ? 16.060  0.242   2.386   1.00 27.95  ? 133 TYR A CB  1 
ATOM   1069 C  CG  . TYR A 1 137 ? 14.979  -0.741  2.779   1.00 69.34  ? 133 TYR A CG  1 
ATOM   1070 C  CD1 . TYR A 1 137 ? 14.817  -1.950  2.095   1.00 65.67  ? 133 TYR A CD1 1 
ATOM   1071 C  CD2 . TYR A 1 137 ? 14.106  -0.462  3.838   1.00 70.02  ? 133 TYR A CD2 1 
ATOM   1072 C  CE1 . TYR A 1 137 ? 13.818  -2.861  2.469   1.00 53.63  ? 133 TYR A CE1 1 
ATOM   1073 C  CE2 . TYR A 1 137 ? 13.111  -1.357  4.210   1.00 72.61  ? 133 TYR A CE2 1 
ATOM   1074 C  CZ  . TYR A 1 137 ? 12.968  -2.545  3.526   1.00 64.93  ? 133 TYR A CZ  1 
ATOM   1075 O  OH  . TYR A 1 137 ? 11.970  -3.404  3.918   1.00 69.00  ? 133 TYR A OH  1 
ATOM   1076 N  N   . LEU A 1 138 ? 14.335  2.886   2.914   1.00 41.43  ? 134 LEU A N   1 
ATOM   1077 C  CA  . LEU A 1 138 ? 13.181  3.546   3.521   1.00 44.35  ? 134 LEU A CA  1 
ATOM   1078 C  C   . LEU A 1 138 ? 12.346  4.216   2.454   1.00 46.11  ? 134 LEU A C   1 
ATOM   1079 O  O   . LEU A 1 138 ? 11.111  4.219   2.497   1.00 51.28  ? 134 LEU A O   1 
ATOM   1080 C  CB  . LEU A 1 138 ? 13.649  4.579   4.536   1.00 32.09  ? 134 LEU A CB  1 
ATOM   1081 C  CG  . LEU A 1 138 ? 14.295  3.900   5.728   1.00 35.96  ? 134 LEU A CG  1 
ATOM   1082 C  CD1 . LEU A 1 138 ? 14.960  4.902   6.659   1.00 32.71  ? 134 LEU A CD1 1 
ATOM   1083 C  CD2 . LEU A 1 138 ? 13.233  3.053   6.435   1.00 33.07  ? 134 LEU A CD2 1 
ATOM   1084 N  N   . GLU A 1 139 ? 13.036  4.776   1.479   1.00 40.03  ? 135 GLU A N   1 
ATOM   1085 C  CA  . GLU A 1 139 ? 12.356  5.520   0.450   1.00 38.85  ? 135 GLU A CA  1 
ATOM   1086 C  C   . GLU A 1 139 ? 11.762  4.638   -0.614  1.00 41.57  ? 135 GLU A C   1 
ATOM   1087 O  O   . GLU A 1 139 ? 10.850  5.042   -1.312  1.00 45.18  ? 135 GLU A O   1 
ATOM   1088 C  CB  . GLU A 1 139 ? 13.310  6.529   -0.156  1.00 40.99  ? 135 GLU A CB  1 
ATOM   1089 C  CG  . GLU A 1 139 ? 13.602  7.668   0.798   1.00 52.75  ? 135 GLU A CG  1 
ATOM   1090 C  CD  . GLU A 1 139 ? 14.403  8.778   0.161   1.00 65.92  ? 135 GLU A CD  1 
ATOM   1091 O  OE1 . GLU A 1 139 ? 15.123  8.508   -0.839  1.00 68.88  ? 135 GLU A OE1 1 
ATOM   1092 O  OE2 . GLU A 1 139 ? 14.302  9.920   0.672   1.00 74.31  ? 135 GLU A OE2 1 
ATOM   1093 N  N   . ALA A 1 140 ? 12.279  3.426   -0.742  1.00 48.92  ? 136 ALA A N   1 
ATOM   1094 C  CA  . ALA A 1 140 ? 11.820  2.533   -1.787  1.00 37.90  ? 136 ALA A CA  1 
ATOM   1095 C  C   . ALA A 1 140 ? 10.392  2.060   -1.488  1.00 36.26  ? 136 ALA A C   1 
ATOM   1096 O  O   . ALA A 1 140 ? 9.541   2.045   -2.379  1.00 29.62  ? 136 ALA A O   1 
ATOM   1097 C  CB  . ALA A 1 140 ? 12.775  1.348   -1.926  1.00 34.68  ? 136 ALA A CB  1 
ATOM   1098 N  N   . GLY A 1 141 ? 10.151  1.684   -0.229  1.00 35.35  ? 137 GLY A N   1 
ATOM   1099 C  CA  . GLY A 1 141 ? 8.838   1.252   0.233   1.00 25.61  ? 137 GLY A CA  1 
ATOM   1100 C  C   . GLY A 1 141 ? 7.770   2.325   0.004   1.00 33.45  ? 137 GLY A C   1 
ATOM   1101 O  O   . GLY A 1 141 ? 6.815   2.076   -0.728  1.00 27.64  ? 137 GLY A O   1 
ATOM   1102 N  N   . ILE A 1 142 ? 7.932   3.509   0.606   1.00 31.82  ? 138 ILE A N   1 
ATOM   1103 C  CA  . ILE A 1 142 ? 7.018   4.618   0.361   1.00 26.64  ? 138 ILE A CA  1 
ATOM   1104 C  C   . ILE A 1 142 ? 6.860   4.924   -1.143  1.00 30.21  ? 138 ILE A C   1 
ATOM   1105 O  O   . ILE A 1 142 ? 5.737   5.080   -1.638  1.00 32.34  ? 138 ILE A O   1 
ATOM   1106 C  CB  . ILE A 1 142 ? 7.354   5.869   1.234   1.00 26.54  ? 138 ILE A CB  1 
ATOM   1107 C  CG1 . ILE A 1 142 ? 6.217   6.898   1.215   1.00 23.92  ? 138 ILE A CG1 1 
ATOM   1108 C  CG2 . ILE A 1 142 ? 8.637   6.486   0.824   1.00 25.71  ? 138 ILE A CG2 1 
ATOM   1109 C  CD1 . ILE A 1 142 ? 4.915   6.421   1.813   1.00 25.66  ? 138 ILE A CD1 1 
ATOM   1110 N  N   . GLU A 1 143 ? 7.957   4.923   -1.888  1.00 33.84  ? 139 GLU A N   1 
ATOM   1111 C  CA  . GLU A 1 143 ? 7.893   5.200   -3.333  1.00 32.08  ? 139 GLU A CA  1 
ATOM   1112 C  C   . GLU A 1 143 ? 7.111   4.151   -4.137  1.00 31.72  ? 139 GLU A C   1 
ATOM   1113 O  O   . GLU A 1 143 ? 6.309   4.495   -5.015  1.00 32.50  ? 139 GLU A O   1 
ATOM   1114 C  CB  . GLU A 1 143 ? 9.291   5.377   -3.910  1.00 29.22  ? 139 GLU A CB  1 
ATOM   1115 C  CG  . GLU A 1 143 ? 9.332   6.104   -5.237  1.00 50.76  ? 139 GLU A CG  1 
ATOM   1116 C  CD  . GLU A 1 143 ? 10.379  5.536   -6.218  1.00 78.94  ? 139 GLU A CD  1 
ATOM   1117 O  OE1 . GLU A 1 143 ? 11.318  4.802   -5.790  1.00 56.26  ? 139 GLU A OE1 1 
ATOM   1118 O  OE2 . GLU A 1 143 ? 10.255  5.832   -7.433  1.00 87.35  ? 139 GLU A OE2 1 
ATOM   1119 N  N   . ARG A 1 144 ? 7.323   2.876   -3.832  1.00 25.12  ? 140 ARG A N   1 
ATOM   1120 C  CA  . ARG A 1 144 ? 6.492   1.845   -4.428  1.00 24.45  ? 140 ARG A CA  1 
ATOM   1121 C  C   . ARG A 1 144 ? 4.994   1.957   -4.108  1.00 35.92  ? 140 ARG A C   1 
ATOM   1122 O  O   . ARG A 1 144 ? 4.143   1.739   -4.986  1.00 29.99  ? 140 ARG A O   1 
ATOM   1123 C  CB  . ARG A 1 144 ? 6.954   0.454   -4.033  1.00 32.70  ? 140 ARG A CB  1 
ATOM   1124 C  CG  . ARG A 1 144 ? 6.256   -0.637  -4.875  1.00 45.39  ? 140 ARG A CG  1 
ATOM   1125 C  CD  . ARG A 1 144 ? 6.909   -0.718  -6.245  1.00 29.55  ? 140 ARG A CD  1 
ATOM   1126 N  NE  . ARG A 1 144 ? 8.334   -0.855  -5.989  1.00 69.58  ? 140 ARG A NE  1 
ATOM   1127 C  CZ  . ARG A 1 144 ? 9.208   -1.350  -6.845  1.00 74.11  ? 140 ARG A CZ  1 
ATOM   1128 N  NH1 . ARG A 1 144 ? 8.793   -1.736  -8.050  1.00 63.05  ? 140 ARG A NH1 1 
ATOM   1129 N  NH2 . ARG A 1 144 ? 10.488  -1.446  -6.481  1.00 71.18  ? 140 ARG A NH2 1 
ATOM   1130 N  N   . PHE A 1 145 ? 4.690   2.239   -2.838  1.00 34.24  ? 141 PHE A N   1 
ATOM   1131 C  CA  . PHE A 1 145 ? 3.318   2.279   -2.333  1.00 37.18  ? 141 PHE A CA  1 
ATOM   1132 C  C   . PHE A 1 145 ? 2.594   3.427   -3.030  1.00 37.90  ? 141 PHE A C   1 
ATOM   1133 O  O   . PHE A 1 145 ? 1.499   3.279   -3.612  1.00 30.97  ? 141 PHE A O   1 
ATOM   1134 C  CB  . PHE A 1 145 ? 3.354   2.507   -0.817  1.00 32.24  ? 141 PHE A CB  1 
ATOM   1135 C  CG  . PHE A 1 145 ? 1.990   2.621   -0.161  1.00 29.67  ? 141 PHE A CG  1 
ATOM   1136 C  CD1 . PHE A 1 145 ? 0.933   1.814   -0.559  1.00 23.59  ? 141 PHE A CD1 1 
ATOM   1137 C  CD2 . PHE A 1 145 ? 1.793   3.501   0.901   1.00 25.82  ? 141 PHE A CD2 1 
ATOM   1138 C  CE1 . PHE A 1 145 ? -0.293  1.883   0.077   1.00 29.74  ? 141 PHE A CE1 1 
ATOM   1139 C  CE2 . PHE A 1 145 ? 0.562   3.588   1.546   1.00 23.35  ? 141 PHE A CE2 1 
ATOM   1140 C  CZ  . PHE A 1 145 ? -0.492  2.785   1.128   1.00 28.43  ? 141 PHE A CZ  1 
ATOM   1141 N  N   . GLU A 1 146 ? 3.237   4.579   -2.984  1.00 29.34  ? 142 GLU A N   1 
ATOM   1142 C  CA  . GLU A 1 146 ? 2.673   5.734   -3.616  1.00 34.25  ? 142 GLU A CA  1 
ATOM   1143 C  C   . GLU A 1 146 ? 2.573   5.532   -5.136  1.00 30.81  ? 142 GLU A C   1 
ATOM   1144 O  O   . GLU A 1 146 ? 1.625   5.987   -5.752  1.00 33.02  ? 142 GLU A O   1 
ATOM   1145 C  CB  . GLU A 1 146 ? 3.490   6.969   -3.270  1.00 27.22  ? 142 GLU A CB  1 
ATOM   1146 C  CG  . GLU A 1 146 ? 2.850   8.223   -3.813  1.00 37.65  ? 142 GLU A CG  1 
ATOM   1147 C  CD  . GLU A 1 146 ? 3.572   9.466   -3.387  1.00 52.69  ? 142 GLU A CD  1 
ATOM   1148 O  OE1 . GLU A 1 146 ? 3.121   10.048  -2.369  1.00 45.95  ? 142 GLU A OE1 1 
ATOM   1149 O  OE2 . GLU A 1 146 ? 4.570   9.853   -4.067  1.00 39.38  ? 142 GLU A OE2 1 
ATOM   1150 N  N   . GLY A 1 147 ? 3.545   4.844   -5.732  1.00 36.68  ? 143 GLY A N   1 
ATOM   1151 C  CA  . GLY A 1 147 ? 3.470   4.495   -7.141  1.00 21.19  ? 143 GLY A CA  1 
ATOM   1152 C  C   . GLY A 1 147 ? 2.256   3.648   -7.501  1.00 34.72  ? 143 GLY A C   1 
ATOM   1153 O  O   . GLY A 1 147 ? 1.615   3.921   -8.511  1.00 36.61  ? 143 GLY A O   1 
ATOM   1154 N  N   . PHE A 1 148 ? 1.927   2.629   -6.695  1.00 32.77  ? 144 PHE A N   1 
ATOM   1155 C  CA  . PHE A 1 148 ? 0.728   1.826   -6.966  1.00 28.57  ? 144 PHE A CA  1 
ATOM   1156 C  C   . PHE A 1 148 ? -0.471  2.770   -7.020  1.00 32.04  ? 144 PHE A C   1 
ATOM   1157 O  O   . PHE A 1 148 ? -1.255  2.760   -7.964  1.00 37.62  ? 144 PHE A O   1 
ATOM   1158 C  CB  . PHE A 1 148 ? 0.478   0.732   -5.908  1.00 27.10  ? 144 PHE A CB  1 
ATOM   1159 C  CG  . PHE A 1 148 ? 1.438   -0.435  -5.959  1.00 40.05  ? 144 PHE A CG  1 
ATOM   1160 C  CD1 . PHE A 1 148 ? 2.457   -0.503  -6.903  1.00 43.79  ? 144 PHE A CD1 1 
ATOM   1161 C  CD2 . PHE A 1 148 ? 1.310   -1.479  -5.053  1.00 42.19  ? 144 PHE A CD2 1 
ATOM   1162 C  CE1 . PHE A 1 148 ? 3.343   -1.593  -6.935  1.00 42.11  ? 144 PHE A CE1 1 
ATOM   1163 C  CE2 . PHE A 1 148 ? 2.191   -2.571  -5.075  1.00 44.23  ? 144 PHE A CE2 1 
ATOM   1164 C  CZ  . PHE A 1 148 ? 3.204   -2.624  -6.021  1.00 50.43  ? 144 PHE A CZ  1 
ATOM   1165 N  N   . THR A 1 149 ? -0.600  3.608   -6.008  1.00 32.37  ? 145 THR A N   1 
ATOM   1166 C  CA  . THR A 1 149 ? -1.696  4.561   -5.977  1.00 39.07  ? 145 THR A CA  1 
ATOM   1167 C  C   . THR A 1 149 ? -1.743  5.497   -7.203  1.00 39.34  ? 145 THR A C   1 
ATOM   1168 O  O   . THR A 1 149 ? -2.790  5.677   -7.828  1.00 35.80  ? 145 THR A O   1 
ATOM   1169 C  CB  . THR A 1 149 ? -1.643  5.342   -4.690  1.00 32.15  ? 145 THR A CB  1 
ATOM   1170 O  OG1 . THR A 1 149 ? -1.817  4.411   -3.613  1.00 39.16  ? 145 THR A OG1 1 
ATOM   1171 C  CG2 . THR A 1 149 ? -2.753  6.342   -4.657  1.00 31.10  ? 145 THR A CG2 1 
ATOM   1172 N  N   . LYS A 1 150 ? -0.608  6.076   -7.559  1.00 34.97  ? 146 LYS A N   1 
ATOM   1173 C  CA  . LYS A 1 150 ? -0.506  6.845   -8.801  1.00 34.94  ? 146 LYS A CA  1 
ATOM   1174 C  C   . LYS A 1 150 ? -0.906  6.064   -10.060 1.00 38.57  ? 146 LYS A C   1 
ATOM   1175 O  O   . LYS A 1 150 ? -1.608  6.604   -10.913 1.00 38.90  ? 146 LYS A O   1 
ATOM   1176 C  CB  . LYS A 1 150 ? 0.901   7.414   -8.967  1.00 32.57  ? 146 LYS A CB  1 
ATOM   1177 C  CG  . LYS A 1 150 ? 1.198   8.549   -7.993  1.00 37.65  ? 146 LYS A CG  1 
ATOM   1178 C  CD  . LYS A 1 150 ? 2.620   9.079   -8.151  1.00 29.74  ? 146 LYS A CD  1 
ATOM   1179 C  CE  . LYS A 1 150 ? 2.813   10.309  -7.275  1.00 36.87  ? 146 LYS A CE  1 
ATOM   1180 N  NZ  . LYS A 1 150 ? 4.166   10.897  -7.446  1.00 60.99  ? 146 LYS A NZ  1 
ATOM   1181 N  N   . ALA A 1 151 ? -0.477  4.811   -10.202 1.00 33.86  ? 147 ALA A N   1 
ATOM   1182 C  CA  . ALA A 1 151 ? -0.852  4.057   -11.416 1.00 37.68  ? 147 ALA A CA  1 
ATOM   1183 C  C   . ALA A 1 151 ? -2.351  3.790   -11.490 1.00 33.57  ? 147 ALA A C   1 
ATOM   1184 O  O   . ALA A 1 151 ? -2.963  3.871   -12.558 1.00 39.62  ? 147 ALA A O   1 
ATOM   1185 C  CB  . ALA A 1 151 ? -0.068  2.758   -11.556 1.00 20.35  ? 147 ALA A CB  1 
ATOM   1186 N  N   . VAL A 1 152 ? -2.942  3.486   -10.347 1.00 31.50  ? 148 VAL A N   1 
ATOM   1187 C  CA  . VAL A 1 152 ? -4.378  3.277   -10.286 1.00 35.39  ? 148 VAL A CA  1 
ATOM   1188 C  C   . VAL A 1 152 ? -5.138  4.566   -10.578 1.00 38.85  ? 148 VAL A C   1 
ATOM   1189 O  O   . VAL A 1 152 ? -6.197  4.533   -11.205 1.00 45.87  ? 148 VAL A O   1 
ATOM   1190 C  CB  . VAL A 1 152 ? -4.798  2.668   -8.941  1.00 23.83  ? 148 VAL A CB  1 
ATOM   1191 C  CG1 . VAL A 1 152 ? -6.298  2.671   -8.784  1.00 20.23  ? 148 VAL A CG1 1 
ATOM   1192 C  CG2 . VAL A 1 152 ? -4.252  1.274   -8.844  1.00 14.84  ? 148 VAL A CG2 1 
ATOM   1193 N  N   . GLU A 1 153 ? -4.594  5.700   -10.151 1.00 38.60  ? 149 GLU A N   1 
ATOM   1194 C  CA  . GLU A 1 153 ? -5.227  6.984   -10.448 1.00 35.37  ? 149 GLU A CA  1 
ATOM   1195 C  C   . GLU A 1 153 ? -5.185  7.348   -11.948 1.00 36.98  ? 149 GLU A C   1 
ATOM   1196 O  O   . GLU A 1 153 ? -6.209  7.727   -12.484 1.00 39.47  ? 149 GLU A O   1 
ATOM   1197 C  CB  . GLU A 1 153 ? -4.650  8.104   -9.593  1.00 29.70  ? 149 GLU A CB  1 
ATOM   1198 C  CG  . GLU A 1 153 ? -5.091  9.489   -10.036 1.00 31.48  ? 149 GLU A CG  1 
ATOM   1199 C  CD  . GLU A 1 153 ? -4.099  10.581  -9.659  1.00 42.46  ? 149 GLU A CD  1 
ATOM   1200 O  OE1 . GLU A 1 153 ? -3.047  10.276  -9.041  1.00 51.72  ? 149 GLU A OE1 1 
ATOM   1201 O  OE2 . GLU A 1 153 ? -4.359  11.755  -9.998  1.00 50.03  ? 149 GLU A OE2 1 
ATOM   1202 N  N   . SER A 1 154 ? -4.030  7.231   -12.616 1.00 41.09  ? 150 SER A N   1 
ATOM   1203 C  CA  . SER A 1 154 ? -3.931  7.404   -14.089 1.00 37.60  ? 150 SER A CA  1 
ATOM   1204 C  C   . SER A 1 154 ? -4.887  6.487   -14.834 1.00 45.03  ? 150 SER A C   1 
ATOM   1205 O  O   . SER A 1 154 ? -5.528  6.894   -15.794 1.00 41.88  ? 150 SER A O   1 
ATOM   1206 C  CB  . SER A 1 154 ? -2.539  7.066   -14.625 1.00 34.28  ? 150 SER A CB  1 
ATOM   1207 O  OG  . SER A 1 154 ? -1.566  7.987   -14.184 1.00 67.88  ? 150 SER A OG  1 
ATOM   1208 N  N   . PHE A 1 155 ? -4.953  5.233   -14.409 1.00 41.64  ? 151 PHE A N   1 
ATOM   1209 C  CA  . PHE A 1 155 ? -5.842  4.306   -15.065 1.00 35.20  ? 151 PHE A CA  1 
ATOM   1210 C  C   . PHE A 1 155 ? -7.292  4.748   -14.979 1.00 44.06  ? 151 PHE A C   1 
ATOM   1211 O  O   . PHE A 1 155 ? -7.999  4.756   -15.995 1.00 42.75  ? 151 PHE A O   1 
ATOM   1212 C  CB  . PHE A 1 155 ? -5.723  2.882   -14.517 1.00 30.23  ? 151 PHE A CB  1 
ATOM   1213 C  CG  . PHE A 1 155 ? -6.622  1.903   -15.219 1.00 32.82  ? 151 PHE A CG  1 
ATOM   1214 C  CD1 . PHE A 1 155 ? -6.213  1.297   -16.408 1.00 38.68  ? 151 PHE A CD1 1 
ATOM   1215 C  CD2 . PHE A 1 155 ? -7.894  1.628   -14.729 1.00 34.08  ? 151 PHE A CD2 1 
ATOM   1216 C  CE1 . PHE A 1 155 ? -7.055  0.430   -17.074 1.00 43.07  ? 151 PHE A CE1 1 
ATOM   1217 C  CE2 . PHE A 1 155 ? -8.736  0.729   -15.375 1.00 40.01  ? 151 PHE A CE2 1 
ATOM   1218 C  CZ  . PHE A 1 155 ? -8.324  0.135   -16.550 1.00 43.87  ? 151 PHE A CZ  1 
ATOM   1219 N  N   . LEU A 1 156 ? -7.749  5.079   -13.776 1.00 41.26  ? 152 LEU A N   1 
ATOM   1220 C  CA  . LEU A 1 156 ? -9.161  5.430   -13.600 1.00 45.19  ? 152 LEU A CA  1 
ATOM   1221 C  C   . LEU A 1 156 ? -9.528  6.728   -14.350 1.00 48.62  ? 152 LEU A C   1 
ATOM   1222 O  O   . LEU A 1 156 ? -10.656 6.874   -14.827 1.00 45.96  ? 152 LEU A O   1 
ATOM   1223 C  CB  . LEU A 1 156 ? -9.537  5.525   -12.117 1.00 34.04  ? 152 LEU A CB  1 
ATOM   1224 C  CG  . LEU A 1 156 ? -9.426  4.227   -11.330 1.00 45.15  ? 152 LEU A CG  1 
ATOM   1225 C  CD1 . LEU A 1 156 ? -9.827  4.484   -9.886  1.00 43.31  ? 152 LEU A CD1 1 
ATOM   1226 C  CD2 . LEU A 1 156 ? -10.255 3.103   -11.975 1.00 31.90  ? 152 LEU A CD2 1 
ATOM   1227 N  N   . LEU A 1 157 ? -8.577  7.657   -14.474 1.00 37.91  ? 153 LEU A N   1 
ATOM   1228 C  CA  . LEU A 1 157 ? -8.821  8.888   -15.227 1.00 39.90  ? 153 LEU A CA  1 
ATOM   1229 C  C   . LEU A 1 157 ? -8.954  8.595   -16.726 1.00 46.70  ? 153 LEU A C   1 
ATOM   1230 O  O   . LEU A 1 157 ? -9.830  9.133   -17.399 1.00 56.53  ? 153 LEU A O   1 
ATOM   1231 C  CB  . LEU A 1 157 ? -7.755  9.958   -14.936 1.00 31.13  ? 153 LEU A CB  1 
ATOM   1232 C  CG  . LEU A 1 157 ? -7.687  10.470  -13.488 1.00 46.43  ? 153 LEU A CG  1 
ATOM   1233 C  CD1 . LEU A 1 157 ? -6.468  11.327  -13.259 1.00 40.56  ? 153 LEU A CD1 1 
ATOM   1234 C  CD2 . LEU A 1 157 ? -8.950  11.219  -13.057 1.00 41.36  ? 153 LEU A CD2 1 
ATOM   1235 N  N   . ALA A 1 158 ? -8.075  7.737   -17.234 1.00 57.97  ? 154 ALA A N   1 
ATOM   1236 C  CA  . ALA A 1 158 ? -8.093  7.369   -18.645 1.00 55.82  ? 154 ALA A CA  1 
ATOM   1237 C  C   . ALA A 1 158 ? -9.246  6.417   -18.949 1.00 40.81  ? 154 ALA A C   1 
ATOM   1238 O  O   . ALA A 1 158 ? -9.618  6.227   -20.106 1.00 57.95  ? 154 ALA A O   1 
ATOM   1239 C  CB  . ALA A 1 158 ? -6.766  6.743   -19.046 1.00 33.99  ? 154 ALA A CB  1 
ATOM   1240 N  N   . ASN A 1 159 ? -9.807  5.822   -17.901 1.00 56.58  ? 155 ASN A N   1 
ATOM   1241 C  CA  . ASN A 1 159 ? -10.920 4.893   -18.052 1.00 43.58  ? 155 ASN A CA  1 
ATOM   1242 C  C   . ASN A 1 159 ? -12.004 5.120   -17.003 1.00 49.57  ? 155 ASN A C   1 
ATOM   1243 O  O   . ASN A 1 159 ? -12.099 4.378   -16.025 1.00 69.03  ? 155 ASN A O   1 
ATOM   1244 C  CB  . ASN A 1 159 ? -10.422 3.447   -17.991 1.00 53.54  ? 155 ASN A CB  1 
ATOM   1245 C  CG  . ASN A 1 159 ? -9.448  3.120   -19.104 1.00 52.47  ? 155 ASN A CG  1 
ATOM   1246 O  OD1 . ASN A 1 159 ? -9.829  2.573   -20.138 1.00 60.54  ? 155 ASN A OD1 1 
ATOM   1247 N  ND2 . ASN A 1 159 ? -8.179  3.452   -18.896 1.00 46.07  ? 155 ASN A ND2 1 
ATOM   1248 N  N   . PRO A 1 160 ? -12.816 6.150   -17.212 1.00 66.37  ? 156 PRO A N   1 
ATOM   1249 C  CA  . PRO A 1 160 ? -13.897 6.482   -16.278 1.00 57.35  ? 156 PRO A CA  1 
ATOM   1250 C  C   . PRO A 1 160 ? -14.987 5.417   -16.264 1.00 55.10  ? 156 PRO A C   1 
ATOM   1251 O  O   . PRO A 1 160 ? -15.820 5.402   -15.359 1.00 71.97  ? 156 PRO A O   1 
ATOM   1252 C  CB  . PRO A 1 160 ? -14.449 7.793   -16.841 1.00 41.02  ? 156 PRO A CB  1 
ATOM   1253 C  CG  . PRO A 1 160 ? -13.290 8.410   -17.546 1.00 63.85  ? 156 PRO A CG  1 
ATOM   1254 C  CD  . PRO A 1 160 ? -12.504 7.266   -18.121 1.00 54.01  ? 156 PRO A CD  1 
ATOM   1255 N  N   . ASP A 1 161 ? -14.976 4.537   -17.260 1.00 72.16  ? 157 ASP A N   1 
ATOM   1256 C  CA  . ASP A 1 161 ? -15.951 3.496   -17.351 1.00 66.59  ? 157 ASP A CA  1 
ATOM   1257 C  C   . ASP A 1 161 ? -15.544 2.347   -16.448 1.00 78.79  ? 157 ASP A C   1 
ATOM   1258 O  O   . ASP A 1 161 ? -15.352 1.241   -16.887 1.00 72.36  ? 157 ASP A O   1 
ATOM   1259 C  CB  . ASP A 1 161 ? -15.924 3.020   -18.792 1.00 78.02  ? 157 ASP A CB  1 
ATOM   1260 C  CG  . ASP A 1 161 ? -14.683 3.524   -19.558 0.50 62.75  ? 157 ASP A CG  1 
ATOM   1261 O  OD1 . ASP A 1 161 ? -13.912 2.714   -20.095 0.50 50.88  ? 157 ASP A OD1 1 
ATOM   1262 O  OD2 . ASP A 1 161 ? -14.478 4.734   -19.636 0.50 51.51  ? 157 ASP A OD2 1 
ATOM   1263 N  N   . TYR A 1 162 ? -15.460 2.632   -15.155 1.00 97.98  ? 158 TYR A N   1 
ATOM   1264 C  CA  . TYR A 1 162 ? -15.122 1.642   -14.090 1.00 106.54 ? 158 TYR A CA  1 
ATOM   1265 C  C   . TYR A 1 162 ? -15.622 1.957   -12.647 1.00 86.86  ? 158 TYR A C   1 
ATOM   1266 O  O   . TYR A 1 162 ? -15.985 3.092   -12.284 1.00 57.23  ? 158 TYR A O   1 
ATOM   1267 C  CB  . TYR A 1 162 ? -13.607 1.341   -14.043 1.00 65.85  ? 158 TYR A CB  1 
ATOM   1268 C  CG  . TYR A 1 162 ? -13.099 0.391   -15.124 1.00 79.83  ? 158 TYR A CG  1 
ATOM   1269 C  CD1 . TYR A 1 162 ? -12.806 0.845   -16.418 1.00 72.84  ? 158 TYR A CD1 1 
ATOM   1270 C  CD2 . TYR A 1 162 ? -12.885 -0.961  -14.843 1.00 88.89  ? 158 TYR A CD2 1 
ATOM   1271 C  CE1 . TYR A 1 162 ? -12.338 -0.035  -17.414 1.00 77.01  ? 158 TYR A CE1 1 
ATOM   1272 C  CE2 . TYR A 1 162 ? -12.408 -1.845  -15.825 1.00 81.77  ? 158 TYR A CE2 1 
ATOM   1273 C  CZ  . TYR A 1 162 ? -12.135 -1.381  -17.107 1.00 85.36  ? 158 TYR A CZ  1 
ATOM   1274 O  OH  . TYR A 1 162 ? -11.656 -2.266  -18.066 1.00 67.76  ? 158 TYR A OH  1 
HETATM 1275 NA NA  . NA  B 2 .   ? 5.503   -14.285 -11.543 1.00 40.10  ? 201 NA  A NA  1 
HETATM 1276 N  N1  . EMU C 3 .   ? 4.511   -1.831  -1.400  1.00 26.20  ? 202 EMU A N1  1 
HETATM 1277 C  C2  . EMU C 3 .   ? 3.182   -1.546  -1.331  1.00 30.70  ? 202 EMU A C2  1 
HETATM 1278 N  N3  . EMU C 3 .   ? 2.117   -2.409  -1.131  1.00 25.01  ? 202 EMU A N3  1 
HETATM 1279 C  C4  . EMU C 3 .   ? 2.557   -3.666  -1.021  1.00 30.22  ? 202 EMU A C4  1 
HETATM 1280 C  C5  . EMU C 3 .   ? 3.881   -4.101  -1.060  1.00 25.93  ? 202 EMU A C5  1 
HETATM 1281 C  C6  . EMU C 3 .   ? 4.875   -3.126  -1.249  1.00 25.48  ? 202 EMU A C6  1 
HETATM 1282 C  C9  . EMU C 3 .   ? 7.120   -2.536  -1.967  1.00 30.77  ? 202 EMU A C9  1 
HETATM 1283 N  N7  . EMU C 3 .   ? 3.943   -5.445  -0.894  1.00 32.75  ? 202 EMU A N7  1 
HETATM 1284 C  C8  . EMU C 3 .   ? 2.655   -5.845  -0.769  1.00 27.62  ? 202 EMU A C8  1 
HETATM 1285 N  N9  . EMU C 3 .   ? 1.798   -4.810  -0.833  1.00 25.46  ? 202 EMU A N9  1 
HETATM 1286 C  C10 . EMU C 3 .   ? 8.290   -2.317  -1.052  1.00 36.96  ? 202 EMU A C10 1 
HETATM 1287 C  C11 . EMU C 3 .   ? 9.498   -1.862  -1.568  1.00 31.95  ? 202 EMU A C11 1 
HETATM 1288 C  C12 . EMU C 3 .   ? 10.572  -1.660  -0.680  1.00 31.91  ? 202 EMU A C12 1 
HETATM 1289 C  C13 . EMU C 3 .   ? 10.418  -1.928  0.693   1.00 30.63  ? 202 EMU A C13 1 
HETATM 1290 C  C14 . EMU C 3 .   ? 9.198   -2.370  1.198   1.00 32.03  ? 202 EMU A C14 1 
HETATM 1291 C  C15 . EMU C 3 .   ? 8.125   -2.568  0.317   1.00 29.13  ? 202 EMU A C15 1 
HETATM 1292 N  N10 . EMU C 3 .   ? 6.244   -3.469  -1.302  1.00 25.15  ? 202 EMU A N10 1 
HETATM 1293 O  O   . HOH D 4 .   ? 0.752   9.621   -1.217  1.00 34.19  ? 301 HOH A O   1 
HETATM 1294 O  O   . HOH D 4 .   ? 12.498  -6.680  17.810  1.00 46.35  ? 302 HOH A O   1 
HETATM 1295 O  O   . HOH D 4 .   ? 2.734   -10.905 4.367   1.00 30.07  ? 303 HOH A O   1 
HETATM 1296 O  O   . HOH D 4 .   ? -5.328  -8.259  8.983   1.00 32.32  ? 304 HOH A O   1 
HETATM 1297 O  O   . HOH D 4 .   ? -2.462  -13.318 -6.449  1.00 35.36  ? 305 HOH A O   1 
HETATM 1298 O  O   . HOH D 4 .   ? -0.364  5.201   -1.547  1.00 24.61  ? 306 HOH A O   1 
HETATM 1299 O  O   . HOH D 4 .   ? 7.649   6.116   14.052  1.00 28.07  ? 307 HOH A O   1 
HETATM 1300 O  O   . HOH D 4 .   ? -6.246  -9.933  -10.309 1.00 32.59  ? 308 HOH A O   1 
HETATM 1301 O  O   . HOH D 4 .   ? 5.947   14.632  3.916   1.00 34.24  ? 309 HOH A O   1 
HETATM 1302 O  O   . HOH D 4 .   ? 1.711   -13.058 4.981   1.00 32.86  ? 310 HOH A O   1 
HETATM 1303 O  O   . HOH D 4 .   ? 1.301   11.141  4.528   1.00 39.50  ? 311 HOH A O   1 
HETATM 1304 O  O   . HOH D 4 .   ? -6.049  -10.897 8.589   1.00 42.64  ? 312 HOH A O   1 
HETATM 1305 O  O   . HOH D 4 .   ? 8.088   -12.219 -3.101  1.00 39.81  ? 313 HOH A O   1 
HETATM 1306 O  O   . HOH D 4 .   ? 5.446   -14.720 -9.160  1.00 38.38  ? 314 HOH A O   1 
HETATM 1307 O  O   . HOH D 4 .   ? 15.100  -6.962  22.271  1.00 52.69  ? 315 HOH A O   1 
HETATM 1308 O  O   . HOH D 4 .   ? 6.516   -11.331 -1.021  1.00 39.56  ? 316 HOH A O   1 
HETATM 1309 O  O   . HOH D 4 .   ? 5.179   15.404  6.306   1.00 39.46  ? 317 HOH A O   1 
HETATM 1310 O  O   . HOH D 4 .   ? -7.987  -12.079 -9.146  1.00 40.07  ? 318 HOH A O   1 
HETATM 1311 O  O   . HOH D 4 .   ? 20.962  -5.082  4.425   1.00 43.59  ? 319 HOH A O   1 
HETATM 1312 O  O   . HOH D 4 .   ? -12.129 14.301  -3.637  1.00 37.08  ? 320 HOH A O   1 
HETATM 1313 O  O   . HOH D 4 .   ? -1.767  3.178   -14.686 1.00 35.91  ? 321 HOH A O   1 
HETATM 1314 O  O   . HOH D 4 .   ? 3.177   -1.702  -15.471 1.00 31.21  ? 322 HOH A O   1 
HETATM 1315 O  O   . HOH D 4 .   ? -3.630  -8.208  11.042  0.50 31.19  ? 323 HOH A O   1 
HETATM 1316 O  O   . HOH D 4 .   ? 11.220  -11.620 6.063   1.00 34.91  ? 324 HOH A O   1 
HETATM 1317 O  O   . HOH D 4 .   ? -5.075  -3.875  -1.273  1.00 35.56  ? 325 HOH A O   1 
# 
loop_
_pdbx_poly_seq_scheme.asym_id 
_pdbx_poly_seq_scheme.entity_id 
_pdbx_poly_seq_scheme.seq_id 
_pdbx_poly_seq_scheme.mon_id 
_pdbx_poly_seq_scheme.ndb_seq_num 
_pdbx_poly_seq_scheme.pdb_seq_num 
_pdbx_poly_seq_scheme.auth_seq_num 
_pdbx_poly_seq_scheme.pdb_mon_id 
_pdbx_poly_seq_scheme.auth_mon_id 
_pdbx_poly_seq_scheme.pdb_strand_id 
_pdbx_poly_seq_scheme.pdb_ins_code 
_pdbx_poly_seq_scheme.hetero 
A 1 1   ASP 1   -3  -3  ASP ASP A . n 
A 1 2   PRO 2   -2  -2  PRO PRO A . n 
A 1 3   PHE 3   -1  -1  PHE PHE A . n 
A 1 4   THR 4   0   0   THR THR A . n 
A 1 5   MET 5   1   1   MET MET A . n 
A 1 6   GLY 6   2   2   GLY GLY A . n 
A 1 7   VAL 7   3   3   VAL VAL A . n 
A 1 8   ILE 8   4   4   ILE ILE A . n 
A 1 9   THR 9   5   5   THR THR A . n 
A 1 10  SER 10  6   6   SER SER A . n 
A 1 11  GLU 11  7   7   GLU GLU A . n 
A 1 12  SER 12  8   8   SER SER A . n 
A 1 13  GLU 13  9   9   GLU GLU A . n 
A 1 14  TYR 14  10  10  TYR TYR A . n 
A 1 15  VAL 15  11  11  VAL VAL A . n 
A 1 16  SER 16  12  12  SER SER A . n 
A 1 17  SER 17  13  13  SER SER A . n 
A 1 18  LEU 18  14  14  LEU LEU A . n 
A 1 19  SER 19  15  15  SER SER A . n 
A 1 20  ALA 20  16  16  ALA ALA A . n 
A 1 21  GLU 21  17  17  GLU GLU A . n 
A 1 22  LYS 22  18  18  LYS LYS A . n 
A 1 23  LEU 23  19  19  LEU LEU A . n 
A 1 24  TYR 24  20  20  TYR TYR A . n 
A 1 25  ARG 25  21  21  ARG ARG A . n 
A 1 26  GLY 26  22  22  GLY GLY A . n 
A 1 27  ILE 27  23  23  ILE ILE A . n 
A 1 28  VAL 28  24  24  VAL VAL A . n 
A 1 29  GLU 29  25  25  GLU GLU A . n 
A 1 30  ASP 30  26  26  ASP ASP A . n 
A 1 31  GLY 31  27  27  GLY GLY A . n 
A 1 32  ASN 32  28  28  ASN ASN A . n 
A 1 33  ILE 33  29  29  ILE ILE A . n 
A 1 34  ILE 34  30  30  ILE ILE A . n 
A 1 35  TYR 35  31  31  TYR TYR A . n 
A 1 36  PRO 36  32  32  PRO PRO A . n 
A 1 37  LYS 37  33  33  LYS LYS A . n 
A 1 38  ALA 38  34  34  ALA ALA A . n 
A 1 39  LEU 39  35  35  LEU LEU A . n 
A 1 40  PRO 40  36  36  PRO PRO A . n 
A 1 41  ARG 41  37  37  ARG ARG A . n 
A 1 42  PHE 42  38  38  PHE PHE A . n 
A 1 43  ILE 43  39  39  ILE ILE A . n 
A 1 44  GLU 44  40  40  GLU GLU A . n 
A 1 45  LYS 45  41  41  LYS LYS A . n 
A 1 46  ALA 46  42  42  ALA ALA A . n 
A 1 47  GLU 47  43  43  GLU GLU A . n 
A 1 48  THR 48  44  44  THR THR A . n 
A 1 49  LEU 49  45  45  LEU LEU A . n 
A 1 50  GLU 50  46  46  GLU GLU A . n 
A 1 51  GLY 51  47  47  GLY GLY A . n 
A 1 52  ASP 52  48  48  ASP ASP A . n 
A 1 53  GLY 53  49  49  GLY GLY A . n 
A 1 54  GLY 54  50  50  GLY GLY A . n 
A 1 55  PRO 55  51  51  PRO PRO A . n 
A 1 56  GLY 56  52  52  GLY GLY A . n 
A 1 57  THR 57  53  53  THR THR A . n 
A 1 58  ILE 58  54  54  ILE ILE A . n 
A 1 59  LYS 59  55  55  LYS LYS A . n 
A 1 60  LYS 60  56  56  LYS LYS A . n 
A 1 61  LEU 61  57  57  LEU LEU A . n 
A 1 62  THR 62  58  58  THR THR A . n 
A 1 63  PHE 63  59  59  PHE PHE A . n 
A 1 64  VAL 64  60  60  VAL VAL A . n 
A 1 65  GLY 65  61  61  GLY GLY A . n 
A 1 66  ASP 66  62  62  ASP ASP A . n 
A 1 67  PHE 67  63  63  PHE PHE A . n 
A 1 68  GLY 68  64  64  GLY GLY A . n 
A 1 69  SER 69  65  65  SER SER A . n 
A 1 70  THR 70  66  66  THR THR A . n 
A 1 71  LYS 71  67  67  LYS LYS A . n 
A 1 72  GLN 72  68  68  GLN GLN A . n 
A 1 73  HIS 73  69  69  HIS HIS A . n 
A 1 74  ILE 74  70  70  ILE ILE A . n 
A 1 75  ASP 75  71  71  ASP ASP A . n 
A 1 76  MET 76  72  72  MET MET A . n 
A 1 77  VAL 77  73  73  VAL VAL A . n 
A 1 78  ASP 78  74  74  ASP ASP A . n 
A 1 79  ARG 79  75  75  ARG ARG A . n 
A 1 80  GLU 80  76  76  GLU GLU A . n 
A 1 81  ASN 81  77  77  ASN ASN A . n 
A 1 82  CYS 82  78  78  CYS CYS A . n 
A 1 83  ALA 83  79  79  ALA ALA A . n 
A 1 84  TYR 84  80  80  TYR TYR A . n 
A 1 85  THR 85  81  81  THR THR A . n 
A 1 86  TYR 86  82  82  TYR TYR A . n 
A 1 87  SER 87  83  83  SER SER A . n 
A 1 88  VAL 88  84  84  VAL VAL A . n 
A 1 89  TYR 89  85  85  TYR TYR A . n 
A 1 90  GLU 90  86  86  GLU GLU A . n 
A 1 91  GLY 91  87  87  GLY GLY A . n 
A 1 92  ILE 92  88  88  ILE ILE A . n 
A 1 93  ALA 93  89  89  ALA ALA A . n 
A 1 94  LEU 94  90  90  LEU LEU A . n 
A 1 95  SER 95  91  91  SER SER A . n 
A 1 96  ASP 96  92  92  ASP ASP A . n 
A 1 97  GLN 97  93  93  GLN GLN A . n 
A 1 98  PRO 98  94  94  PRO PRO A . n 
A 1 99  LEU 99  95  95  LEU LEU A . n 
A 1 100 GLU 100 96  96  GLU GLU A . n 
A 1 101 LYS 101 97  97  LYS LYS A . n 
A 1 102 ILE 102 98  98  ILE ILE A . n 
A 1 103 VAL 103 99  99  VAL VAL A . n 
A 1 104 PHE 104 100 100 PHE PHE A . n 
A 1 105 GLU 105 101 101 GLU GLU A . n 
A 1 106 PHE 106 102 102 PHE PHE A . n 
A 1 107 LYS 107 103 103 LYS LYS A . n 
A 1 108 LEU 108 104 104 LEU LEU A . n 
A 1 109 VAL 109 105 105 VAL VAL A . n 
A 1 110 PRO 110 106 106 PRO PRO A . n 
A 1 111 THR 111 107 107 THR THR A . n 
A 1 112 PRO 112 108 108 PRO PRO A . n 
A 1 113 GLU 113 109 109 GLU GLU A . n 
A 1 114 GLU 114 110 110 GLU GLU A . n 
A 1 115 GLY 115 111 111 GLY GLY A . n 
A 1 116 CYS 116 112 112 CYS CYS A . n 
A 1 117 ILE 117 113 113 ILE ILE A . n 
A 1 118 VAL 118 114 114 VAL VAL A . n 
A 1 119 LYS 119 115 115 LYS LYS A . n 
A 1 120 SER 120 116 116 SER SER A . n 
A 1 121 THR 121 117 117 THR THR A . n 
A 1 122 THR 122 118 118 THR THR A . n 
A 1 123 LYS 123 119 119 LYS LYS A . n 
A 1 124 TYR 124 120 120 TYR TYR A . n 
A 1 125 TYR 125 121 121 TYR TYR A . n 
A 1 126 THR 126 122 122 THR THR A . n 
A 1 127 LYS 127 123 123 LYS LYS A . n 
A 1 128 GLY 128 124 124 GLY GLY A . n 
A 1 129 ASP 129 125 125 ASP ASP A . n 
A 1 130 ASP 130 126 126 ASP ASP A . n 
A 1 131 ILE 131 127 127 ILE ILE A . n 
A 1 132 GLU 132 128 128 GLU GLU A . n 
A 1 133 LEU 133 129 129 LEU LEU A . n 
A 1 134 SER 134 130 130 SER SER A . n 
A 1 135 LYS 135 131 131 LYS LYS A . n 
A 1 136 ASP 136 132 132 ASP ASP A . n 
A 1 137 TYR 137 133 133 TYR TYR A . n 
A 1 138 LEU 138 134 134 LEU LEU A . n 
A 1 139 GLU 139 135 135 GLU GLU A . n 
A 1 140 ALA 140 136 136 ALA ALA A . n 
A 1 141 GLY 141 137 137 GLY GLY A . n 
A 1 142 ILE 142 138 138 ILE ILE A . n 
A 1 143 GLU 143 139 139 GLU GLU A . n 
A 1 144 ARG 144 140 140 ARG ARG A . n 
A 1 145 PHE 145 141 141 PHE PHE A . n 
A 1 146 GLU 146 142 142 GLU GLU A . n 
A 1 147 GLY 147 143 143 GLY GLY A . n 
A 1 148 PHE 148 144 144 PHE PHE A . n 
A 1 149 THR 149 145 145 THR THR A . n 
A 1 150 LYS 150 146 146 LYS LYS A . n 
A 1 151 ALA 151 147 147 ALA ALA A . n 
A 1 152 VAL 152 148 148 VAL VAL A . n 
A 1 153 GLU 153 149 149 GLU GLU A . n 
A 1 154 SER 154 150 150 SER SER A . n 
A 1 155 PHE 155 151 151 PHE PHE A . n 
A 1 156 LEU 156 152 152 LEU LEU A . n 
A 1 157 LEU 157 153 153 LEU LEU A . n 
A 1 158 ALA 158 154 154 ALA ALA A . n 
A 1 159 ASN 159 155 155 ASN ASN A . n 
A 1 160 PRO 160 156 156 PRO PRO A . n 
A 1 161 ASP 161 157 157 ASP ASP A . n 
A 1 162 TYR 162 158 158 TYR TYR A . n 
A 1 163 ASN 163 159 ?   ?   ?   A . n 
A 1 164 LYS 164 160 ?   ?   ?   A . n 
A 1 165 ASP 165 161 ?   ?   ?   A . n 
A 1 166 SER 166 162 ?   ?   ?   A . n 
A 1 167 ASN 167 163 ?   ?   ?   A . n 
# 
loop_
_pdbx_nonpoly_scheme.asym_id 
_pdbx_nonpoly_scheme.entity_id 
_pdbx_nonpoly_scheme.mon_id 
_pdbx_nonpoly_scheme.ndb_seq_num 
_pdbx_nonpoly_scheme.pdb_seq_num 
_pdbx_nonpoly_scheme.auth_seq_num 
_pdbx_nonpoly_scheme.pdb_mon_id 
_pdbx_nonpoly_scheme.auth_mon_id 
_pdbx_nonpoly_scheme.pdb_strand_id 
_pdbx_nonpoly_scheme.pdb_ins_code 
B 2 NA  1  201 1  NA  NA  A . 
C 3 EMU 1  202 1  EMU EMU A . 
D 4 HOH 1  301 1  HOH HOH A . 
D 4 HOH 2  302 2  HOH HOH A . 
D 4 HOH 3  303 3  HOH HOH A . 
D 4 HOH 4  304 4  HOH HOH A . 
D 4 HOH 5  305 5  HOH HOH A . 
D 4 HOH 6  306 6  HOH HOH A . 
D 4 HOH 7  307 7  HOH HOH A . 
D 4 HOH 8  308 8  HOH HOH A . 
D 4 HOH 9  309 9  HOH HOH A . 
D 4 HOH 10 310 10 HOH HOH A . 
D 4 HOH 11 311 11 HOH HOH A . 
D 4 HOH 12 312 13 HOH HOH A . 
D 4 HOH 13 313 14 HOH HOH A . 
D 4 HOH 14 314 15 HOH HOH A . 
D 4 HOH 15 315 16 HOH HOH A . 
D 4 HOH 16 316 17 HOH HOH A . 
D 4 HOH 17 317 18 HOH HOH A . 
D 4 HOH 18 318 19 HOH HOH A . 
D 4 HOH 19 319 21 HOH HOH A . 
D 4 HOH 20 320 22 HOH HOH A . 
D 4 HOH 21 321 24 HOH HOH A . 
D 4 HOH 22 322 26 HOH HOH A . 
D 4 HOH 23 323 27 HOH HOH A . 
D 4 HOH 24 324 28 HOH HOH A . 
D 4 HOH 25 325 30 HOH HOH A . 
# 
_pdbx_struct_assembly.id                   1 
_pdbx_struct_assembly.details              author_and_software_defined_assembly 
_pdbx_struct_assembly.method_details       PISA 
_pdbx_struct_assembly.oligomeric_details   dimeric 
_pdbx_struct_assembly.oligomeric_count     2 
# 
_pdbx_struct_assembly_gen.assembly_id       1 
_pdbx_struct_assembly_gen.oper_expression   1,2 
_pdbx_struct_assembly_gen.asym_id_list      A,B,C,D 
# 
loop_
_pdbx_struct_assembly_prop.biol_id 
_pdbx_struct_assembly_prop.type 
_pdbx_struct_assembly_prop.value 
_pdbx_struct_assembly_prop.details 
1 'ABSA (A^2)' 3720  ? 
1 MORE         -27   ? 
1 'SSA (A^2)'  15590 ? 
# 
loop_
_pdbx_struct_oper_list.id 
_pdbx_struct_oper_list.type 
_pdbx_struct_oper_list.name 
_pdbx_struct_oper_list.symmetry_operation 
_pdbx_struct_oper_list.matrix[1][1] 
_pdbx_struct_oper_list.matrix[1][2] 
_pdbx_struct_oper_list.matrix[1][3] 
_pdbx_struct_oper_list.vector[1] 
_pdbx_struct_oper_list.matrix[2][1] 
_pdbx_struct_oper_list.matrix[2][2] 
_pdbx_struct_oper_list.matrix[2][3] 
_pdbx_struct_oper_list.vector[2] 
_pdbx_struct_oper_list.matrix[3][1] 
_pdbx_struct_oper_list.matrix[3][2] 
_pdbx_struct_oper_list.matrix[3][3] 
_pdbx_struct_oper_list.vector[3] 
1 'identity operation'         1_555  x,y,z        1.0000000000  0.0000000000  0.0000000000 0.0000000000  0.0000000000  1.0000000000 0.0000000000  0.0000000000  0.0000000000 0.0000000000  1.0000000000  0.0000000000   
2 'crystal symmetry operation' 12_555 x,x-y,-z+1/3 -0.9999928427 -0.0033361121 0.0017846153 19.7348448960 -0.0033361121 0.5550117022 -0.8318358497 -9.7159205767 0.0017846153 -0.8318358497 -0.5550188595 -18.2418296286 
# 
_pdbx_struct_special_symmetry.id              1 
_pdbx_struct_special_symmetry.PDB_model_num   1 
_pdbx_struct_special_symmetry.auth_asym_id    A 
_pdbx_struct_special_symmetry.auth_comp_id    HOH 
_pdbx_struct_special_symmetry.auth_seq_id     323 
_pdbx_struct_special_symmetry.PDB_ins_code    ? 
_pdbx_struct_special_symmetry.label_asym_id   D 
_pdbx_struct_special_symmetry.label_comp_id   HOH 
_pdbx_struct_special_symmetry.label_seq_id    . 
# 
loop_
_pdbx_struct_conn_angle.id 
_pdbx_struct_conn_angle.ptnr1_label_atom_id 
_pdbx_struct_conn_angle.ptnr1_label_alt_id 
_pdbx_struct_conn_angle.ptnr1_label_asym_id 
_pdbx_struct_conn_angle.ptnr1_label_comp_id 
_pdbx_struct_conn_angle.ptnr1_label_seq_id 
_pdbx_struct_conn_angle.ptnr1_auth_atom_id 
_pdbx_struct_conn_angle.ptnr1_auth_asym_id 
_pdbx_struct_conn_angle.ptnr1_auth_comp_id 
_pdbx_struct_conn_angle.ptnr1_auth_seq_id 
_pdbx_struct_conn_angle.ptnr1_PDB_ins_code 
_pdbx_struct_conn_angle.ptnr1_symmetry 
_pdbx_struct_conn_angle.ptnr2_label_atom_id 
_pdbx_struct_conn_angle.ptnr2_label_alt_id 
_pdbx_struct_conn_angle.ptnr2_label_asym_id 
_pdbx_struct_conn_angle.ptnr2_label_comp_id 
_pdbx_struct_conn_angle.ptnr2_label_seq_id 
_pdbx_struct_conn_angle.ptnr2_auth_atom_id 
_pdbx_struct_conn_angle.ptnr2_auth_asym_id 
_pdbx_struct_conn_angle.ptnr2_auth_comp_id 
_pdbx_struct_conn_angle.ptnr2_auth_seq_id 
_pdbx_struct_conn_angle.ptnr2_PDB_ins_code 
_pdbx_struct_conn_angle.ptnr2_symmetry 
_pdbx_struct_conn_angle.ptnr3_label_atom_id 
_pdbx_struct_conn_angle.ptnr3_label_alt_id 
_pdbx_struct_conn_angle.ptnr3_label_asym_id 
_pdbx_struct_conn_angle.ptnr3_label_comp_id 
_pdbx_struct_conn_angle.ptnr3_label_seq_id 
_pdbx_struct_conn_angle.ptnr3_auth_atom_id 
_pdbx_struct_conn_angle.ptnr3_auth_asym_id 
_pdbx_struct_conn_angle.ptnr3_auth_comp_id 
_pdbx_struct_conn_angle.ptnr3_auth_seq_id 
_pdbx_struct_conn_angle.ptnr3_PDB_ins_code 
_pdbx_struct_conn_angle.ptnr3_symmetry 
_pdbx_struct_conn_angle.value 
_pdbx_struct_conn_angle.value_esd 
1 O ? A PHE 63 ? A PHE 59 ? 1_555 NA ? B NA . ? A NA 201 ? 1_555 O ? A GLY 65 ? A GLY 61  ? 1_555 91.5 ? 
2 O ? A PHE 63 ? A PHE 59 ? 1_555 NA ? B NA . ? A NA 201 ? 1_555 O ? D HOH .  ? A HOH 314 ? 1_555 86.4 ? 
3 O ? A GLY 65 ? A GLY 61 ? 1_555 NA ? B NA . ? A NA 201 ? 1_555 O ? D HOH .  ? A HOH 314 ? 1_555 98.6 ? 
# 
loop_
_pdbx_audit_revision_history.ordinal 
_pdbx_audit_revision_history.data_content_type 
_pdbx_audit_revision_history.major_revision 
_pdbx_audit_revision_history.minor_revision 
_pdbx_audit_revision_history.revision_date 
1 'Structure model' 1 0 2013-12-04 
2 'Structure model' 1 1 2014-01-08 
3 'Structure model' 1 2 2017-11-15 
4 'Structure model' 1 3 2023-09-20 
# 
_pdbx_audit_revision_details.ordinal             1 
_pdbx_audit_revision_details.revision_ordinal    1 
_pdbx_audit_revision_details.data_content_type   'Structure model' 
_pdbx_audit_revision_details.provider            repository 
_pdbx_audit_revision_details.type                'Initial release' 
_pdbx_audit_revision_details.description         ? 
_pdbx_audit_revision_details.details             ? 
# 
loop_
_pdbx_audit_revision_group.ordinal 
_pdbx_audit_revision_group.revision_ordinal 
_pdbx_audit_revision_group.data_content_type 
_pdbx_audit_revision_group.group 
1 2 'Structure model' 'Database references'    
2 3 'Structure model' Advisory                 
3 3 'Structure model' 'Data collection'        
4 3 'Structure model' 'Refinement description' 
5 4 'Structure model' Advisory                 
6 4 'Structure model' 'Data collection'        
7 4 'Structure model' 'Database references'    
8 4 'Structure model' 'Derived calculations'   
9 4 'Structure model' 'Refinement description' 
# 
loop_
_pdbx_audit_revision_category.ordinal 
_pdbx_audit_revision_category.revision_ordinal 
_pdbx_audit_revision_category.data_content_type 
_pdbx_audit_revision_category.category 
1  3 'Structure model' diffrn_source                 
2  3 'Structure model' pdbx_unobs_or_zero_occ_atoms  
3  3 'Structure model' software                      
4  4 'Structure model' chem_comp_atom                
5  4 'Structure model' chem_comp_bond                
6  4 'Structure model' database_2                    
7  4 'Structure model' pdbx_initial_refinement_model 
8  4 'Structure model' pdbx_struct_conn_angle        
9  4 'Structure model' pdbx_unobs_or_zero_occ_atoms  
10 4 'Structure model' struct_conn                   
11 4 'Structure model' struct_ref_seq_dif            
12 4 'Structure model' struct_site                   
# 
loop_
_pdbx_audit_revision_item.ordinal 
_pdbx_audit_revision_item.revision_ordinal 
_pdbx_audit_revision_item.data_content_type 
_pdbx_audit_revision_item.item 
1  3 'Structure model' '_diffrn_source.pdbx_synchrotron_site'        
2  3 'Structure model' '_software.name'                              
3  4 'Structure model' '_database_2.pdbx_DOI'                        
4  4 'Structure model' '_database_2.pdbx_database_accession'         
5  4 'Structure model' '_pdbx_struct_conn_angle.ptnr1_auth_comp_id'  
6  4 'Structure model' '_pdbx_struct_conn_angle.ptnr1_auth_seq_id'   
7  4 'Structure model' '_pdbx_struct_conn_angle.ptnr1_label_asym_id' 
8  4 'Structure model' '_pdbx_struct_conn_angle.ptnr1_label_comp_id' 
9  4 'Structure model' '_pdbx_struct_conn_angle.ptnr1_label_seq_id'  
10 4 'Structure model' '_pdbx_struct_conn_angle.ptnr3_auth_comp_id'  
11 4 'Structure model' '_pdbx_struct_conn_angle.ptnr3_auth_seq_id'   
12 4 'Structure model' '_pdbx_struct_conn_angle.ptnr3_label_asym_id' 
13 4 'Structure model' '_pdbx_struct_conn_angle.ptnr3_label_comp_id' 
14 4 'Structure model' '_pdbx_struct_conn_angle.ptnr3_label_seq_id'  
15 4 'Structure model' '_pdbx_struct_conn_angle.value'               
16 4 'Structure model' '_struct_conn.pdbx_dist_value'                
17 4 'Structure model' '_struct_conn.ptnr1_auth_comp_id'             
18 4 'Structure model' '_struct_conn.ptnr1_auth_seq_id'              
19 4 'Structure model' '_struct_conn.ptnr1_label_asym_id'            
20 4 'Structure model' '_struct_conn.ptnr1_label_atom_id'            
21 4 'Structure model' '_struct_conn.ptnr1_label_comp_id'            
22 4 'Structure model' '_struct_conn.ptnr1_label_seq_id'             
23 4 'Structure model' '_struct_conn.ptnr2_auth_comp_id'             
24 4 'Structure model' '_struct_conn.ptnr2_auth_seq_id'              
25 4 'Structure model' '_struct_conn.ptnr2_label_asym_id'            
26 4 'Structure model' '_struct_conn.ptnr2_label_atom_id'            
27 4 'Structure model' '_struct_conn.ptnr2_label_comp_id'            
28 4 'Structure model' '_struct_ref_seq_dif.details'                 
29 4 'Structure model' '_struct_site.pdbx_auth_asym_id'              
30 4 'Structure model' '_struct_site.pdbx_auth_comp_id'              
31 4 'Structure model' '_struct_site.pdbx_auth_seq_id'               
# 
loop_
_software.pdbx_ordinal 
_software.name 
_software.version 
_software.date 
_software.type 
_software.contact_author 
_software.contact_author_email 
_software.classification 
_software.location 
_software.language 
_software.citation_id 
1 XSCALE      .          ?                package 'Wolfgang Kabsch' ?                        'data scaling'    
http://www.mpimf-heidelberg.mpg.de/~kabsch/xds/html_doc/xscale_program.html ?   ? 
2 PHENIX      1.8.1_1168 ?                package 'Paul D. Adams'   PDAdams@lbl.gov          refinement        
http://www.phenix-online.org/                                               C++ ? 
3 PDB_EXTRACT 3.11       'April 22, 2011' package PDB               deposit@deposit.rcsb.org 'data extraction' 
http://sw-tools.pdb.org/apps/PDB_EXTRACT/                                   C++ ? 
4 MAR345      .          ?                ?       ?                 ?                        'data collection' ? ?   ? 
5 XDS         .          ?                ?       ?                 ?                        'data reduction'  ? ?   ? 
6 PHASER      .          ?                ?       ?                 ?                        phasing           ? ?   ? 
# 
loop_
_pdbx_validate_torsion.id 
_pdbx_validate_torsion.PDB_model_num 
_pdbx_validate_torsion.auth_comp_id 
_pdbx_validate_torsion.auth_asym_id 
_pdbx_validate_torsion.auth_seq_id 
_pdbx_validate_torsion.PDB_ins_code 
_pdbx_validate_torsion.label_alt_id 
_pdbx_validate_torsion.phi 
_pdbx_validate_torsion.psi 
1 1 ASP A 62  ? ? -84.54  42.65   
2 1 GLU A 110 ? ? -129.45 -147.04 
# 
loop_
_pdbx_unobs_or_zero_occ_atoms.id 
_pdbx_unobs_or_zero_occ_atoms.PDB_model_num 
_pdbx_unobs_or_zero_occ_atoms.polymer_flag 
_pdbx_unobs_or_zero_occ_atoms.occupancy_flag 
_pdbx_unobs_or_zero_occ_atoms.auth_asym_id 
_pdbx_unobs_or_zero_occ_atoms.auth_comp_id 
_pdbx_unobs_or_zero_occ_atoms.auth_seq_id 
_pdbx_unobs_or_zero_occ_atoms.PDB_ins_code 
_pdbx_unobs_or_zero_occ_atoms.auth_atom_id 
_pdbx_unobs_or_zero_occ_atoms.label_alt_id 
_pdbx_unobs_or_zero_occ_atoms.label_asym_id 
_pdbx_unobs_or_zero_occ_atoms.label_comp_id 
_pdbx_unobs_or_zero_occ_atoms.label_seq_id 
_pdbx_unobs_or_zero_occ_atoms.label_atom_id 
1 1 Y 0 A ARG 21 ? CZ ? A ARG 25 CZ 
2 1 Y 0 A ARG 75 ? CZ ? A ARG 79 CZ 
3 1 Y 0 A GLU 76 ? CD ? A GLU 80 CD 
# 
loop_
_pdbx_unobs_or_zero_occ_residues.id 
_pdbx_unobs_or_zero_occ_residues.PDB_model_num 
_pdbx_unobs_or_zero_occ_residues.polymer_flag 
_pdbx_unobs_or_zero_occ_residues.occupancy_flag 
_pdbx_unobs_or_zero_occ_residues.auth_asym_id 
_pdbx_unobs_or_zero_occ_residues.auth_comp_id 
_pdbx_unobs_or_zero_occ_residues.auth_seq_id 
_pdbx_unobs_or_zero_occ_residues.PDB_ins_code 
_pdbx_unobs_or_zero_occ_residues.label_asym_id 
_pdbx_unobs_or_zero_occ_residues.label_comp_id 
_pdbx_unobs_or_zero_occ_residues.label_seq_id 
1 1 Y 1 A ASN 159 ? A ASN 163 
2 1 Y 1 A LYS 160 ? A LYS 164 
3 1 Y 1 A ASP 161 ? A ASP 165 
4 1 Y 1 A SER 162 ? A SER 166 
5 1 Y 1 A ASN 163 ? A ASN 167 
# 
loop_
_chem_comp_atom.comp_id 
_chem_comp_atom.atom_id 
_chem_comp_atom.type_symbol 
_chem_comp_atom.pdbx_aromatic_flag 
_chem_comp_atom.pdbx_stereo_config 
_chem_comp_atom.pdbx_ordinal 
ALA N    N  N N 1   
ALA CA   C  N S 2   
ALA C    C  N N 3   
ALA O    O  N N 4   
ALA CB   C  N N 5   
ALA OXT  O  N N 6   
ALA H    H  N N 7   
ALA H2   H  N N 8   
ALA HA   H  N N 9   
ALA HB1  H  N N 10  
ALA HB2  H  N N 11  
ALA HB3  H  N N 12  
ALA HXT  H  N N 13  
ARG N    N  N N 14  
ARG CA   C  N S 15  
ARG C    C  N N 16  
ARG O    O  N N 17  
ARG CB   C  N N 18  
ARG CG   C  N N 19  
ARG CD   C  N N 20  
ARG NE   N  N N 21  
ARG CZ   C  N N 22  
ARG NH1  N  N N 23  
ARG NH2  N  N N 24  
ARG OXT  O  N N 25  
ARG H    H  N N 26  
ARG H2   H  N N 27  
ARG HA   H  N N 28  
ARG HB2  H  N N 29  
ARG HB3  H  N N 30  
ARG HG2  H  N N 31  
ARG HG3  H  N N 32  
ARG HD2  H  N N 33  
ARG HD3  H  N N 34  
ARG HE   H  N N 35  
ARG HH11 H  N N 36  
ARG HH12 H  N N 37  
ARG HH21 H  N N 38  
ARG HH22 H  N N 39  
ARG HXT  H  N N 40  
ASN N    N  N N 41  
ASN CA   C  N S 42  
ASN C    C  N N 43  
ASN O    O  N N 44  
ASN CB   C  N N 45  
ASN CG   C  N N 46  
ASN OD1  O  N N 47  
ASN ND2  N  N N 48  
ASN OXT  O  N N 49  
ASN H    H  N N 50  
ASN H2   H  N N 51  
ASN HA   H  N N 52  
ASN HB2  H  N N 53  
ASN HB3  H  N N 54  
ASN HD21 H  N N 55  
ASN HD22 H  N N 56  
ASN HXT  H  N N 57  
ASP N    N  N N 58  
ASP CA   C  N S 59  
ASP C    C  N N 60  
ASP O    O  N N 61  
ASP CB   C  N N 62  
ASP CG   C  N N 63  
ASP OD1  O  N N 64  
ASP OD2  O  N N 65  
ASP OXT  O  N N 66  
ASP H    H  N N 67  
ASP H2   H  N N 68  
ASP HA   H  N N 69  
ASP HB2  H  N N 70  
ASP HB3  H  N N 71  
ASP HD2  H  N N 72  
ASP HXT  H  N N 73  
CYS N    N  N N 74  
CYS CA   C  N R 75  
CYS C    C  N N 76  
CYS O    O  N N 77  
CYS CB   C  N N 78  
CYS SG   S  N N 79  
CYS OXT  O  N N 80  
CYS H    H  N N 81  
CYS H2   H  N N 82  
CYS HA   H  N N 83  
CYS HB2  H  N N 84  
CYS HB3  H  N N 85  
CYS HG   H  N N 86  
CYS HXT  H  N N 87  
EMU N1   N  Y N 88  
EMU C2   C  Y N 89  
EMU N3   N  Y N 90  
EMU C4   C  Y N 91  
EMU C5   C  Y N 92  
EMU C6   C  Y N 93  
EMU C9   C  N N 94  
EMU N7   N  Y N 95  
EMU C8   C  Y N 96  
EMU N9   N  Y N 97  
EMU C10  C  Y N 98  
EMU C11  C  Y N 99  
EMU C12  C  Y N 100 
EMU C13  C  Y N 101 
EMU C14  C  Y N 102 
EMU C15  C  Y N 103 
EMU N10  N  N N 104 
EMU H2   H  N N 105 
EMU H9C1 H  N N 106 
EMU H9C2 H  N N 107 
EMU H8   H  N N 108 
EMU H9   H  N N 109 
EMU H11  H  N N 110 
EMU H12  H  N N 111 
EMU H13  H  N N 112 
EMU H14  H  N N 113 
EMU H15  H  N N 114 
EMU H10  H  N N 115 
GLN N    N  N N 116 
GLN CA   C  N S 117 
GLN C    C  N N 118 
GLN O    O  N N 119 
GLN CB   C  N N 120 
GLN CG   C  N N 121 
GLN CD   C  N N 122 
GLN OE1  O  N N 123 
GLN NE2  N  N N 124 
GLN OXT  O  N N 125 
GLN H    H  N N 126 
GLN H2   H  N N 127 
GLN HA   H  N N 128 
GLN HB2  H  N N 129 
GLN HB3  H  N N 130 
GLN HG2  H  N N 131 
GLN HG3  H  N N 132 
GLN HE21 H  N N 133 
GLN HE22 H  N N 134 
GLN HXT  H  N N 135 
GLU N    N  N N 136 
GLU CA   C  N S 137 
GLU C    C  N N 138 
GLU O    O  N N 139 
GLU CB   C  N N 140 
GLU CG   C  N N 141 
GLU CD   C  N N 142 
GLU OE1  O  N N 143 
GLU OE2  O  N N 144 
GLU OXT  O  N N 145 
GLU H    H  N N 146 
GLU H2   H  N N 147 
GLU HA   H  N N 148 
GLU HB2  H  N N 149 
GLU HB3  H  N N 150 
GLU HG2  H  N N 151 
GLU HG3  H  N N 152 
GLU HE2  H  N N 153 
GLU HXT  H  N N 154 
GLY N    N  N N 155 
GLY CA   C  N N 156 
GLY C    C  N N 157 
GLY O    O  N N 158 
GLY OXT  O  N N 159 
GLY H    H  N N 160 
GLY H2   H  N N 161 
GLY HA2  H  N N 162 
GLY HA3  H  N N 163 
GLY HXT  H  N N 164 
HIS N    N  N N 165 
HIS CA   C  N S 166 
HIS C    C  N N 167 
HIS O    O  N N 168 
HIS CB   C  N N 169 
HIS CG   C  Y N 170 
HIS ND1  N  Y N 171 
HIS CD2  C  Y N 172 
HIS CE1  C  Y N 173 
HIS NE2  N  Y N 174 
HIS OXT  O  N N 175 
HIS H    H  N N 176 
HIS H2   H  N N 177 
HIS HA   H  N N 178 
HIS HB2  H  N N 179 
HIS HB3  H  N N 180 
HIS HD1  H  N N 181 
HIS HD2  H  N N 182 
HIS HE1  H  N N 183 
HIS HE2  H  N N 184 
HIS HXT  H  N N 185 
HOH O    O  N N 186 
HOH H1   H  N N 187 
HOH H2   H  N N 188 
ILE N    N  N N 189 
ILE CA   C  N S 190 
ILE C    C  N N 191 
ILE O    O  N N 192 
ILE CB   C  N S 193 
ILE CG1  C  N N 194 
ILE CG2  C  N N 195 
ILE CD1  C  N N 196 
ILE OXT  O  N N 197 
ILE H    H  N N 198 
ILE H2   H  N N 199 
ILE HA   H  N N 200 
ILE HB   H  N N 201 
ILE HG12 H  N N 202 
ILE HG13 H  N N 203 
ILE HG21 H  N N 204 
ILE HG22 H  N N 205 
ILE HG23 H  N N 206 
ILE HD11 H  N N 207 
ILE HD12 H  N N 208 
ILE HD13 H  N N 209 
ILE HXT  H  N N 210 
LEU N    N  N N 211 
LEU CA   C  N S 212 
LEU C    C  N N 213 
LEU O    O  N N 214 
LEU CB   C  N N 215 
LEU CG   C  N N 216 
LEU CD1  C  N N 217 
LEU CD2  C  N N 218 
LEU OXT  O  N N 219 
LEU H    H  N N 220 
LEU H2   H  N N 221 
LEU HA   H  N N 222 
LEU HB2  H  N N 223 
LEU HB3  H  N N 224 
LEU HG   H  N N 225 
LEU HD11 H  N N 226 
LEU HD12 H  N N 227 
LEU HD13 H  N N 228 
LEU HD21 H  N N 229 
LEU HD22 H  N N 230 
LEU HD23 H  N N 231 
LEU HXT  H  N N 232 
LYS N    N  N N 233 
LYS CA   C  N S 234 
LYS C    C  N N 235 
LYS O    O  N N 236 
LYS CB   C  N N 237 
LYS CG   C  N N 238 
LYS CD   C  N N 239 
LYS CE   C  N N 240 
LYS NZ   N  N N 241 
LYS OXT  O  N N 242 
LYS H    H  N N 243 
LYS H2   H  N N 244 
LYS HA   H  N N 245 
LYS HB2  H  N N 246 
LYS HB3  H  N N 247 
LYS HG2  H  N N 248 
LYS HG3  H  N N 249 
LYS HD2  H  N N 250 
LYS HD3  H  N N 251 
LYS HE2  H  N N 252 
LYS HE3  H  N N 253 
LYS HZ1  H  N N 254 
LYS HZ2  H  N N 255 
LYS HZ3  H  N N 256 
LYS HXT  H  N N 257 
MET N    N  N N 258 
MET CA   C  N S 259 
MET C    C  N N 260 
MET O    O  N N 261 
MET CB   C  N N 262 
MET CG   C  N N 263 
MET SD   S  N N 264 
MET CE   C  N N 265 
MET OXT  O  N N 266 
MET H    H  N N 267 
MET H2   H  N N 268 
MET HA   H  N N 269 
MET HB2  H  N N 270 
MET HB3  H  N N 271 
MET HG2  H  N N 272 
MET HG3  H  N N 273 
MET HE1  H  N N 274 
MET HE2  H  N N 275 
MET HE3  H  N N 276 
MET HXT  H  N N 277 
NA  NA   NA N N 278 
PHE N    N  N N 279 
PHE CA   C  N S 280 
PHE C    C  N N 281 
PHE O    O  N N 282 
PHE CB   C  N N 283 
PHE CG   C  Y N 284 
PHE CD1  C  Y N 285 
PHE CD2  C  Y N 286 
PHE CE1  C  Y N 287 
PHE CE2  C  Y N 288 
PHE CZ   C  Y N 289 
PHE OXT  O  N N 290 
PHE H    H  N N 291 
PHE H2   H  N N 292 
PHE HA   H  N N 293 
PHE HB2  H  N N 294 
PHE HB3  H  N N 295 
PHE HD1  H  N N 296 
PHE HD2  H  N N 297 
PHE HE1  H  N N 298 
PHE HE2  H  N N 299 
PHE HZ   H  N N 300 
PHE HXT  H  N N 301 
PRO N    N  N N 302 
PRO CA   C  N S 303 
PRO C    C  N N 304 
PRO O    O  N N 305 
PRO CB   C  N N 306 
PRO CG   C  N N 307 
PRO CD   C  N N 308 
PRO OXT  O  N N 309 
PRO H    H  N N 310 
PRO HA   H  N N 311 
PRO HB2  H  N N 312 
PRO HB3  H  N N 313 
PRO HG2  H  N N 314 
PRO HG3  H  N N 315 
PRO HD2  H  N N 316 
PRO HD3  H  N N 317 
PRO HXT  H  N N 318 
SER N    N  N N 319 
SER CA   C  N S 320 
SER C    C  N N 321 
SER O    O  N N 322 
SER CB   C  N N 323 
SER OG   O  N N 324 
SER OXT  O  N N 325 
SER H    H  N N 326 
SER H2   H  N N 327 
SER HA   H  N N 328 
SER HB2  H  N N 329 
SER HB3  H  N N 330 
SER HG   H  N N 331 
SER HXT  H  N N 332 
THR N    N  N N 333 
THR CA   C  N S 334 
THR C    C  N N 335 
THR O    O  N N 336 
THR CB   C  N R 337 
THR OG1  O  N N 338 
THR CG2  C  N N 339 
THR OXT  O  N N 340 
THR H    H  N N 341 
THR H2   H  N N 342 
THR HA   H  N N 343 
THR HB   H  N N 344 
THR HG1  H  N N 345 
THR HG21 H  N N 346 
THR HG22 H  N N 347 
THR HG23 H  N N 348 
THR HXT  H  N N 349 
TYR N    N  N N 350 
TYR CA   C  N S 351 
TYR C    C  N N 352 
TYR O    O  N N 353 
TYR CB   C  N N 354 
TYR CG   C  Y N 355 
TYR CD1  C  Y N 356 
TYR CD2  C  Y N 357 
TYR CE1  C  Y N 358 
TYR CE2  C  Y N 359 
TYR CZ   C  Y N 360 
TYR OH   O  N N 361 
TYR OXT  O  N N 362 
TYR H    H  N N 363 
TYR H2   H  N N 364 
TYR HA   H  N N 365 
TYR HB2  H  N N 366 
TYR HB3  H  N N 367 
TYR HD1  H  N N 368 
TYR HD2  H  N N 369 
TYR HE1  H  N N 370 
TYR HE2  H  N N 371 
TYR HH   H  N N 372 
TYR HXT  H  N N 373 
VAL N    N  N N 374 
VAL CA   C  N S 375 
VAL C    C  N N 376 
VAL O    O  N N 377 
VAL CB   C  N N 378 
VAL CG1  C  N N 379 
VAL CG2  C  N N 380 
VAL OXT  O  N N 381 
VAL H    H  N N 382 
VAL H2   H  N N 383 
VAL HA   H  N N 384 
VAL HB   H  N N 385 
VAL HG11 H  N N 386 
VAL HG12 H  N N 387 
VAL HG13 H  N N 388 
VAL HG21 H  N N 389 
VAL HG22 H  N N 390 
VAL HG23 H  N N 391 
VAL HXT  H  N N 392 
# 
loop_
_chem_comp_bond.comp_id 
_chem_comp_bond.atom_id_1 
_chem_comp_bond.atom_id_2 
_chem_comp_bond.value_order 
_chem_comp_bond.pdbx_aromatic_flag 
_chem_comp_bond.pdbx_stereo_config 
_chem_comp_bond.pdbx_ordinal 
ALA N   CA   sing N N 1   
ALA N   H    sing N N 2   
ALA N   H2   sing N N 3   
ALA CA  C    sing N N 4   
ALA CA  CB   sing N N 5   
ALA CA  HA   sing N N 6   
ALA C   O    doub N N 7   
ALA C   OXT  sing N N 8   
ALA CB  HB1  sing N N 9   
ALA CB  HB2  sing N N 10  
ALA CB  HB3  sing N N 11  
ALA OXT HXT  sing N N 12  
ARG N   CA   sing N N 13  
ARG N   H    sing N N 14  
ARG N   H2   sing N N 15  
ARG CA  C    sing N N 16  
ARG CA  CB   sing N N 17  
ARG CA  HA   sing N N 18  
ARG C   O    doub N N 19  
ARG C   OXT  sing N N 20  
ARG CB  CG   sing N N 21  
ARG CB  HB2  sing N N 22  
ARG CB  HB3  sing N N 23  
ARG CG  CD   sing N N 24  
ARG CG  HG2  sing N N 25  
ARG CG  HG3  sing N N 26  
ARG CD  NE   sing N N 27  
ARG CD  HD2  sing N N 28  
ARG CD  HD3  sing N N 29  
ARG NE  CZ   sing N N 30  
ARG NE  HE   sing N N 31  
ARG CZ  NH1  sing N N 32  
ARG CZ  NH2  doub N N 33  
ARG NH1 HH11 sing N N 34  
ARG NH1 HH12 sing N N 35  
ARG NH2 HH21 sing N N 36  
ARG NH2 HH22 sing N N 37  
ARG OXT HXT  sing N N 38  
ASN N   CA   sing N N 39  
ASN N   H    sing N N 40  
ASN N   H2   sing N N 41  
ASN CA  C    sing N N 42  
ASN CA  CB   sing N N 43  
ASN CA  HA   sing N N 44  
ASN C   O    doub N N 45  
ASN C   OXT  sing N N 46  
ASN CB  CG   sing N N 47  
ASN CB  HB2  sing N N 48  
ASN CB  HB3  sing N N 49  
ASN CG  OD1  doub N N 50  
ASN CG  ND2  sing N N 51  
ASN ND2 HD21 sing N N 52  
ASN ND2 HD22 sing N N 53  
ASN OXT HXT  sing N N 54  
ASP N   CA   sing N N 55  
ASP N   H    sing N N 56  
ASP N   H2   sing N N 57  
ASP CA  C    sing N N 58  
ASP CA  CB   sing N N 59  
ASP CA  HA   sing N N 60  
ASP C   O    doub N N 61  
ASP C   OXT  sing N N 62  
ASP CB  CG   sing N N 63  
ASP CB  HB2  sing N N 64  
ASP CB  HB3  sing N N 65  
ASP CG  OD1  doub N N 66  
ASP CG  OD2  sing N N 67  
ASP OD2 HD2  sing N N 68  
ASP OXT HXT  sing N N 69  
CYS N   CA   sing N N 70  
CYS N   H    sing N N 71  
CYS N   H2   sing N N 72  
CYS CA  C    sing N N 73  
CYS CA  CB   sing N N 74  
CYS CA  HA   sing N N 75  
CYS C   O    doub N N 76  
CYS C   OXT  sing N N 77  
CYS CB  SG   sing N N 78  
CYS CB  HB2  sing N N 79  
CYS CB  HB3  sing N N 80  
CYS SG  HG   sing N N 81  
CYS OXT HXT  sing N N 82  
EMU N1  C2   sing Y N 83  
EMU N1  C6   doub Y N 84  
EMU C2  N3   doub Y N 85  
EMU C2  H2   sing N N 86  
EMU N3  C4   sing Y N 87  
EMU C4  C5   doub Y N 88  
EMU C4  N9   sing Y N 89  
EMU C5  C6   sing Y N 90  
EMU C5  N7   sing Y N 91  
EMU C6  N10  sing N N 92  
EMU C9  C10  sing N N 93  
EMU C9  N10  sing N N 94  
EMU C9  H9C1 sing N N 95  
EMU C9  H9C2 sing N N 96  
EMU N7  C8   doub Y N 97  
EMU C8  N9   sing Y N 98  
EMU C8  H8   sing N N 99  
EMU N9  H9   sing N N 100 
EMU C10 C11  sing Y N 101 
EMU C10 C15  doub Y N 102 
EMU C11 C12  doub Y N 103 
EMU C11 H11  sing N N 104 
EMU C12 C13  sing Y N 105 
EMU C12 H12  sing N N 106 
EMU C13 C14  doub Y N 107 
EMU C13 H13  sing N N 108 
EMU C14 C15  sing Y N 109 
EMU C14 H14  sing N N 110 
EMU C15 H15  sing N N 111 
EMU N10 H10  sing N N 112 
GLN N   CA   sing N N 113 
GLN N   H    sing N N 114 
GLN N   H2   sing N N 115 
GLN CA  C    sing N N 116 
GLN CA  CB   sing N N 117 
GLN CA  HA   sing N N 118 
GLN C   O    doub N N 119 
GLN C   OXT  sing N N 120 
GLN CB  CG   sing N N 121 
GLN CB  HB2  sing N N 122 
GLN CB  HB3  sing N N 123 
GLN CG  CD   sing N N 124 
GLN CG  HG2  sing N N 125 
GLN CG  HG3  sing N N 126 
GLN CD  OE1  doub N N 127 
GLN CD  NE2  sing N N 128 
GLN NE2 HE21 sing N N 129 
GLN NE2 HE22 sing N N 130 
GLN OXT HXT  sing N N 131 
GLU N   CA   sing N N 132 
GLU N   H    sing N N 133 
GLU N   H2   sing N N 134 
GLU CA  C    sing N N 135 
GLU CA  CB   sing N N 136 
GLU CA  HA   sing N N 137 
GLU C   O    doub N N 138 
GLU C   OXT  sing N N 139 
GLU CB  CG   sing N N 140 
GLU CB  HB2  sing N N 141 
GLU CB  HB3  sing N N 142 
GLU CG  CD   sing N N 143 
GLU CG  HG2  sing N N 144 
GLU CG  HG3  sing N N 145 
GLU CD  OE1  doub N N 146 
GLU CD  OE2  sing N N 147 
GLU OE2 HE2  sing N N 148 
GLU OXT HXT  sing N N 149 
GLY N   CA   sing N N 150 
GLY N   H    sing N N 151 
GLY N   H2   sing N N 152 
GLY CA  C    sing N N 153 
GLY CA  HA2  sing N N 154 
GLY CA  HA3  sing N N 155 
GLY C   O    doub N N 156 
GLY C   OXT  sing N N 157 
GLY OXT HXT  sing N N 158 
HIS N   CA   sing N N 159 
HIS N   H    sing N N 160 
HIS N   H2   sing N N 161 
HIS CA  C    sing N N 162 
HIS CA  CB   sing N N 163 
HIS CA  HA   sing N N 164 
HIS C   O    doub N N 165 
HIS C   OXT  sing N N 166 
HIS CB  CG   sing N N 167 
HIS CB  HB2  sing N N 168 
HIS CB  HB3  sing N N 169 
HIS CG  ND1  sing Y N 170 
HIS CG  CD2  doub Y N 171 
HIS ND1 CE1  doub Y N 172 
HIS ND1 HD1  sing N N 173 
HIS CD2 NE2  sing Y N 174 
HIS CD2 HD2  sing N N 175 
HIS CE1 NE2  sing Y N 176 
HIS CE1 HE1  sing N N 177 
HIS NE2 HE2  sing N N 178 
HIS OXT HXT  sing N N 179 
HOH O   H1   sing N N 180 
HOH O   H2   sing N N 181 
ILE N   CA   sing N N 182 
ILE N   H    sing N N 183 
ILE N   H2   sing N N 184 
ILE CA  C    sing N N 185 
ILE CA  CB   sing N N 186 
ILE CA  HA   sing N N 187 
ILE C   O    doub N N 188 
ILE C   OXT  sing N N 189 
ILE CB  CG1  sing N N 190 
ILE CB  CG2  sing N N 191 
ILE CB  HB   sing N N 192 
ILE CG1 CD1  sing N N 193 
ILE CG1 HG12 sing N N 194 
ILE CG1 HG13 sing N N 195 
ILE CG2 HG21 sing N N 196 
ILE CG2 HG22 sing N N 197 
ILE CG2 HG23 sing N N 198 
ILE CD1 HD11 sing N N 199 
ILE CD1 HD12 sing N N 200 
ILE CD1 HD13 sing N N 201 
ILE OXT HXT  sing N N 202 
LEU N   CA   sing N N 203 
LEU N   H    sing N N 204 
LEU N   H2   sing N N 205 
LEU CA  C    sing N N 206 
LEU CA  CB   sing N N 207 
LEU CA  HA   sing N N 208 
LEU C   O    doub N N 209 
LEU C   OXT  sing N N 210 
LEU CB  CG   sing N N 211 
LEU CB  HB2  sing N N 212 
LEU CB  HB3  sing N N 213 
LEU CG  CD1  sing N N 214 
LEU CG  CD2  sing N N 215 
LEU CG  HG   sing N N 216 
LEU CD1 HD11 sing N N 217 
LEU CD1 HD12 sing N N 218 
LEU CD1 HD13 sing N N 219 
LEU CD2 HD21 sing N N 220 
LEU CD2 HD22 sing N N 221 
LEU CD2 HD23 sing N N 222 
LEU OXT HXT  sing N N 223 
LYS N   CA   sing N N 224 
LYS N   H    sing N N 225 
LYS N   H2   sing N N 226 
LYS CA  C    sing N N 227 
LYS CA  CB   sing N N 228 
LYS CA  HA   sing N N 229 
LYS C   O    doub N N 230 
LYS C   OXT  sing N N 231 
LYS CB  CG   sing N N 232 
LYS CB  HB2  sing N N 233 
LYS CB  HB3  sing N N 234 
LYS CG  CD   sing N N 235 
LYS CG  HG2  sing N N 236 
LYS CG  HG3  sing N N 237 
LYS CD  CE   sing N N 238 
LYS CD  HD2  sing N N 239 
LYS CD  HD3  sing N N 240 
LYS CE  NZ   sing N N 241 
LYS CE  HE2  sing N N 242 
LYS CE  HE3  sing N N 243 
LYS NZ  HZ1  sing N N 244 
LYS NZ  HZ2  sing N N 245 
LYS NZ  HZ3  sing N N 246 
LYS OXT HXT  sing N N 247 
MET N   CA   sing N N 248 
MET N   H    sing N N 249 
MET N   H2   sing N N 250 
MET CA  C    sing N N 251 
MET CA  CB   sing N N 252 
MET CA  HA   sing N N 253 
MET C   O    doub N N 254 
MET C   OXT  sing N N 255 
MET CB  CG   sing N N 256 
MET CB  HB2  sing N N 257 
MET CB  HB3  sing N N 258 
MET CG  SD   sing N N 259 
MET CG  HG2  sing N N 260 
MET CG  HG3  sing N N 261 
MET SD  CE   sing N N 262 
MET CE  HE1  sing N N 263 
MET CE  HE2  sing N N 264 
MET CE  HE3  sing N N 265 
MET OXT HXT  sing N N 266 
PHE N   CA   sing N N 267 
PHE N   H    sing N N 268 
PHE N   H2   sing N N 269 
PHE CA  C    sing N N 270 
PHE CA  CB   sing N N 271 
PHE CA  HA   sing N N 272 
PHE C   O    doub N N 273 
PHE C   OXT  sing N N 274 
PHE CB  CG   sing N N 275 
PHE CB  HB2  sing N N 276 
PHE CB  HB3  sing N N 277 
PHE CG  CD1  doub Y N 278 
PHE CG  CD2  sing Y N 279 
PHE CD1 CE1  sing Y N 280 
PHE CD1 HD1  sing N N 281 
PHE CD2 CE2  doub Y N 282 
PHE CD2 HD2  sing N N 283 
PHE CE1 CZ   doub Y N 284 
PHE CE1 HE1  sing N N 285 
PHE CE2 CZ   sing Y N 286 
PHE CE2 HE2  sing N N 287 
PHE CZ  HZ   sing N N 288 
PHE OXT HXT  sing N N 289 
PRO N   CA   sing N N 290 
PRO N   CD   sing N N 291 
PRO N   H    sing N N 292 
PRO CA  C    sing N N 293 
PRO CA  CB   sing N N 294 
PRO CA  HA   sing N N 295 
PRO C   O    doub N N 296 
PRO C   OXT  sing N N 297 
PRO CB  CG   sing N N 298 
PRO CB  HB2  sing N N 299 
PRO CB  HB3  sing N N 300 
PRO CG  CD   sing N N 301 
PRO CG  HG2  sing N N 302 
PRO CG  HG3  sing N N 303 
PRO CD  HD2  sing N N 304 
PRO CD  HD3  sing N N 305 
PRO OXT HXT  sing N N 306 
SER N   CA   sing N N 307 
SER N   H    sing N N 308 
SER N   H2   sing N N 309 
SER CA  C    sing N N 310 
SER CA  CB   sing N N 311 
SER CA  HA   sing N N 312 
SER C   O    doub N N 313 
SER C   OXT  sing N N 314 
SER CB  OG   sing N N 315 
SER CB  HB2  sing N N 316 
SER CB  HB3  sing N N 317 
SER OG  HG   sing N N 318 
SER OXT HXT  sing N N 319 
THR N   CA   sing N N 320 
THR N   H    sing N N 321 
THR N   H2   sing N N 322 
THR CA  C    sing N N 323 
THR CA  CB   sing N N 324 
THR CA  HA   sing N N 325 
THR C   O    doub N N 326 
THR C   OXT  sing N N 327 
THR CB  OG1  sing N N 328 
THR CB  CG2  sing N N 329 
THR CB  HB   sing N N 330 
THR OG1 HG1  sing N N 331 
THR CG2 HG21 sing N N 332 
THR CG2 HG22 sing N N 333 
THR CG2 HG23 sing N N 334 
THR OXT HXT  sing N N 335 
TYR N   CA   sing N N 336 
TYR N   H    sing N N 337 
TYR N   H2   sing N N 338 
TYR CA  C    sing N N 339 
TYR CA  CB   sing N N 340 
TYR CA  HA   sing N N 341 
TYR C   O    doub N N 342 
TYR C   OXT  sing N N 343 
TYR CB  CG   sing N N 344 
TYR CB  HB2  sing N N 345 
TYR CB  HB3  sing N N 346 
TYR CG  CD1  doub Y N 347 
TYR CG  CD2  sing Y N 348 
TYR CD1 CE1  sing Y N 349 
TYR CD1 HD1  sing N N 350 
TYR CD2 CE2  doub Y N 351 
TYR CD2 HD2  sing N N 352 
TYR CE1 CZ   doub Y N 353 
TYR CE1 HE1  sing N N 354 
TYR CE2 CZ   sing Y N 355 
TYR CE2 HE2  sing N N 356 
TYR CZ  OH   sing N N 357 
TYR OH  HH   sing N N 358 
TYR OXT HXT  sing N N 359 
VAL N   CA   sing N N 360 
VAL N   H    sing N N 361 
VAL N   H2   sing N N 362 
VAL CA  C    sing N N 363 
VAL CA  CB   sing N N 364 
VAL CA  HA   sing N N 365 
VAL C   O    doub N N 366 
VAL C   OXT  sing N N 367 
VAL CB  CG1  sing N N 368 
VAL CB  CG2  sing N N 369 
VAL CB  HB   sing N N 370 
VAL CG1 HG11 sing N N 371 
VAL CG1 HG12 sing N N 372 
VAL CG1 HG13 sing N N 373 
VAL CG2 HG21 sing N N 374 
VAL CG2 HG22 sing N N 375 
VAL CG2 HG23 sing N N 376 
VAL OXT HXT  sing N N 377 
# 
loop_
_pdbx_entity_nonpoly.entity_id 
_pdbx_entity_nonpoly.name 
_pdbx_entity_nonpoly.comp_id 
2 'SODIUM ION'              NA  
3 N-BENZYL-9H-PURIN-6-AMINE EMU 
4 water                     HOH 
# 
_pdbx_initial_refinement_model.id               1 
_pdbx_initial_refinement_model.entity_id_list   ? 
_pdbx_initial_refinement_model.type             'experimental model' 
_pdbx_initial_refinement_model.source_name      PDB 
_pdbx_initial_refinement_model.accession_code   3RWS 
_pdbx_initial_refinement_model.details          'PDB entry 3rws' 
# 
